data_2K1J
#
_entry.id   2K1J
#
loop_
_entity.id
_entity.type
_entity.pdbx_description
1 polymer 'Inhibitor of growth protein 4'
2 non-polymer 'ZINC ION'
#
_entity_poly.entity_id   1
_entity_poly.type   'polypeptide(L)'
_entity_poly.pdbx_seq_one_letter_code
;MDMPVDPNEPTYCLCHQVSYGEMIGCDNPDCSIEWFHFACVGLTTKPRGKWFCPRCSQERKKK
;
_entity_poly.pdbx_strand_id   A
#
# COMPACT_ATOMS: atom_id res chain seq x y z
N MET A 1 19.63 3.70 13.33
CA MET A 1 18.36 2.94 13.36
C MET A 1 17.68 3.01 11.99
N ASP A 2 17.13 1.88 11.56
CA ASP A 2 16.40 1.70 10.29
C ASP A 2 17.25 2.11 9.06
N MET A 3 16.59 2.31 7.91
CA MET A 3 17.22 2.70 6.65
C MET A 3 16.42 3.88 6.04
N PRO A 4 16.43 5.06 6.69
CA PRO A 4 15.73 6.25 6.20
C PRO A 4 16.39 6.83 4.94
N VAL A 5 15.68 7.78 4.30
CA VAL A 5 16.06 8.46 3.08
C VAL A 5 15.64 9.94 3.21
N ASP A 6 15.99 10.73 2.21
CA ASP A 6 15.70 12.15 2.06
C ASP A 6 14.20 12.47 2.19
N PRO A 7 13.84 13.73 2.53
CA PRO A 7 12.46 14.23 2.47
C PRO A 7 11.95 14.43 1.03
N ASN A 8 12.71 13.95 0.03
CA ASN A 8 12.44 14.08 -1.40
C ASN A 8 12.26 12.68 -2.03
N GLU A 9 11.65 11.76 -1.26
CA GLU A 9 11.53 10.33 -1.57
C GLU A 9 10.07 9.90 -1.34
N PRO A 10 9.23 9.85 -2.39
CA PRO A 10 7.82 9.50 -2.30
C PRO A 10 7.62 7.99 -2.17
N THR A 11 6.55 7.59 -1.45
CA THR A 11 6.27 6.22 -1.05
C THR A 11 4.85 5.83 -1.43
N TYR A 12 4.53 4.54 -1.21
CA TYR A 12 3.32 3.90 -1.72
C TYR A 12 2.59 3.06 -0.66
N CYS A 13 3.01 1.80 -0.39
CA CYS A 13 2.39 0.90 0.58
C CYS A 13 2.30 1.49 1.98
N LEU A 14 1.50 0.85 2.84
CA LEU A 14 1.42 1.12 4.28
C LEU A 14 2.77 0.96 5.00
N CYS A 15 3.74 0.36 4.29
CA CYS A 15 5.12 0.17 4.72
C CYS A 15 5.95 1.46 4.62
N HIS A 16 5.49 2.44 3.83
CA HIS A 16 6.16 3.68 3.49
C HIS A 16 7.53 3.42 2.83
N GLN A 17 7.49 2.75 1.66
CA GLN A 17 8.65 2.47 0.82
C GLN A 17 8.45 2.94 -0.62
N VAL A 18 9.57 3.05 -1.35
CA VAL A 18 9.64 3.54 -2.74
C VAL A 18 8.95 2.59 -3.73
N SER A 19 8.97 2.98 -5.02
CA SER A 19 8.47 2.22 -6.17
C SER A 19 8.94 0.76 -6.23
N TYR A 20 8.13 -0.07 -6.89
CA TYR A 20 8.21 -1.53 -6.87
C TYR A 20 7.51 -2.13 -8.10
N GLY A 21 7.69 -3.45 -8.30
CA GLY A 21 7.27 -4.14 -9.52
C GLY A 21 5.77 -4.41 -9.59
N GLU A 22 5.22 -5.20 -8.65
CA GLU A 22 3.84 -5.67 -8.69
C GLU A 22 2.99 -4.93 -7.66
N MET A 23 1.93 -4.27 -8.15
CA MET A 23 1.17 -3.29 -7.37
C MET A 23 -0.32 -3.33 -7.66
N ILE A 24 -1.12 -3.07 -6.61
CA ILE A 24 -2.55 -2.82 -6.68
C ILE A 24 -2.93 -1.75 -5.66
N GLY A 25 -4.02 -1.02 -5.90
CA GLY A 25 -4.38 0.17 -5.14
C GLY A 25 -5.85 0.17 -4.74
N CYS A 26 -6.13 0.71 -3.54
CA CYS A 26 -7.47 0.66 -2.97
C CYS A 26 -8.44 1.53 -3.78
N ASP A 27 -9.67 1.04 -3.83
CA ASP A 27 -10.75 1.54 -4.67
C ASP A 27 -11.66 2.55 -3.93
N ASN A 28 -11.35 2.92 -2.67
CA ASN A 28 -12.13 3.91 -1.94
C ASN A 28 -11.76 5.33 -2.40
N PRO A 29 -12.72 6.28 -2.39
CA PRO A 29 -12.45 7.70 -2.55
C PRO A 29 -11.87 8.33 -1.26
N ASP A 30 -11.55 7.50 -0.25
CA ASP A 30 -11.17 7.89 1.10
C ASP A 30 -9.84 7.25 1.55
N CYS A 31 -9.27 6.34 0.75
CA CYS A 31 -7.98 5.73 1.02
C CYS A 31 -6.89 6.79 0.96
N SER A 32 -6.05 6.78 2.00
CA SER A 32 -5.00 7.77 2.25
C SER A 32 -3.59 7.19 2.03
N ILE A 33 -3.53 5.97 1.46
CA ILE A 33 -2.31 5.26 1.09
C ILE A 33 -2.32 4.95 -0.42
N GLU A 34 -3.52 4.71 -0.99
CA GLU A 34 -3.90 4.48 -2.39
C GLU A 34 -3.18 3.40 -3.20
N TRP A 35 -2.02 2.89 -2.76
CA TRP A 35 -1.25 1.84 -3.40
C TRP A 35 -0.70 0.87 -2.36
N PHE A 36 -0.52 -0.37 -2.79
CA PHE A 36 -0.16 -1.51 -1.94
C PHE A 36 0.58 -2.56 -2.76
N HIS A 37 1.42 -3.33 -2.06
CA HIS A 37 2.04 -4.51 -2.64
C HIS A 37 1.02 -5.64 -2.68
N PHE A 38 1.18 -6.50 -3.68
CA PHE A 38 0.46 -7.77 -3.73
C PHE A 38 0.66 -8.53 -2.43
N ALA A 39 1.92 -8.68 -2.01
CA ALA A 39 2.28 -9.43 -0.82
C ALA A 39 1.87 -8.71 0.49
N CYS A 40 1.52 -7.42 0.44
CA CYS A 40 0.97 -6.71 1.58
C CYS A 40 -0.52 -7.02 1.80
N VAL A 41 -1.15 -7.82 0.93
CA VAL A 41 -2.49 -8.39 1.12
C VAL A 41 -2.51 -9.92 0.95
N GLY A 42 -1.43 -10.49 0.40
CA GLY A 42 -1.25 -11.91 0.16
C GLY A 42 -1.60 -12.34 -1.28
N LEU A 43 -1.61 -11.40 -2.24
CA LEU A 43 -1.88 -11.69 -3.64
C LEU A 43 -0.68 -12.36 -4.33
N THR A 44 -0.98 -13.02 -5.46
CA THR A 44 -0.04 -13.72 -6.33
C THR A 44 -0.26 -13.33 -7.81
N THR A 45 -1.37 -12.64 -8.10
CA THR A 45 -1.79 -12.17 -9.43
C THR A 45 -2.42 -10.78 -9.30
N LYS A 46 -2.96 -10.24 -10.41
CA LYS A 46 -3.53 -8.89 -10.46
C LYS A 46 -5.00 -8.95 -10.89
N PRO A 47 -5.97 -8.89 -9.94
CA PRO A 47 -7.38 -8.72 -10.26
C PRO A 47 -7.66 -7.30 -10.77
N ARG A 48 -8.88 -7.09 -11.29
CA ARG A 48 -9.35 -5.81 -11.81
C ARG A 48 -10.82 -5.63 -11.41
N GLY A 49 -11.09 -4.43 -10.91
CA GLY A 49 -12.36 -4.00 -10.35
C GLY A 49 -12.16 -3.34 -8.99
N LYS A 50 -13.25 -3.23 -8.21
CA LYS A 50 -13.22 -2.83 -6.81
C LYS A 50 -12.42 -3.85 -6.01
N TRP A 51 -11.31 -3.38 -5.46
CA TRP A 51 -10.41 -4.10 -4.57
C TRP A 51 -10.10 -3.20 -3.38
N PHE A 52 -10.00 -3.81 -2.20
CA PHE A 52 -9.74 -3.12 -0.95
C PHE A 52 -8.52 -3.72 -0.24
N CYS A 53 -7.73 -2.81 0.34
CA CYS A 53 -6.49 -3.10 1.05
C CYS A 53 -6.76 -3.76 2.42
N PRO A 54 -5.75 -4.22 3.18
CA PRO A 54 -5.98 -5.07 4.35
C PRO A 54 -6.63 -4.32 5.52
N ARG A 55 -6.31 -3.03 5.71
CA ARG A 55 -6.98 -2.19 6.71
C ARG A 55 -8.39 -1.76 6.31
N CYS A 56 -8.84 -2.09 5.08
CA CYS A 56 -10.08 -1.61 4.50
C CYS A 56 -11.12 -2.72 4.30
N SER A 57 -10.73 -4.00 4.32
CA SER A 57 -11.67 -5.11 4.19
C SER A 57 -11.18 -6.41 4.87
N GLN A 58 -9.86 -6.67 4.85
CA GLN A 58 -9.29 -7.87 5.47
C GLN A 58 -9.29 -7.79 7.01
N GLU A 59 -9.52 -6.59 7.58
CA GLU A 59 -9.60 -6.37 9.03
C GLU A 59 -10.82 -7.09 9.65
N ARG A 60 -11.87 -7.36 8.84
CA ARG A 60 -13.09 -8.06 9.23
C ARG A 60 -12.88 -9.59 9.25
N LYS A 61 -11.85 -10.04 9.97
CA LYS A 61 -11.45 -11.45 10.09
C LYS A 61 -11.03 -11.74 11.54
N LYS A 62 -11.72 -11.13 12.52
CA LYS A 62 -11.49 -11.22 13.96
C LYS A 62 -10.02 -10.94 14.32
N LYS A 63 -9.59 -9.69 14.04
CA LYS A 63 -8.24 -9.16 14.29
C LYS A 63 -7.18 -9.97 13.53
N MET A 1 24.69 9.03 11.68
CA MET A 1 25.34 8.73 10.39
C MET A 1 24.32 8.30 9.32
N ASP A 2 23.31 7.51 9.71
CA ASP A 2 22.30 6.96 8.81
C ASP A 2 20.92 6.96 9.49
N MET A 3 19.85 6.86 8.67
CA MET A 3 18.46 6.88 9.09
C MET A 3 17.62 5.94 8.20
N PRO A 4 16.48 5.41 8.70
CA PRO A 4 15.52 4.64 7.91
C PRO A 4 14.72 5.58 7.00
N VAL A 5 15.31 5.88 5.83
CA VAL A 5 14.97 6.87 4.82
C VAL A 5 14.82 8.31 5.34
N ASP A 6 15.16 9.27 4.46
CA ASP A 6 15.06 10.70 4.73
C ASP A 6 13.60 11.17 4.77
N PRO A 7 13.30 12.27 5.49
CA PRO A 7 12.01 12.95 5.42
C PRO A 7 11.84 13.76 4.11
N ASN A 8 12.78 13.61 3.16
CA ASN A 8 12.86 14.33 1.89
C ASN A 8 12.80 13.35 0.71
N GLU A 9 12.05 12.25 0.88
CA GLU A 9 12.00 11.10 -0.02
C GLU A 9 10.55 10.60 -0.09
N PRO A 10 9.94 10.48 -1.28
CA PRO A 10 8.55 10.06 -1.44
C PRO A 10 8.34 8.57 -1.12
N THR A 11 7.07 8.22 -0.85
CA THR A 11 6.61 6.89 -0.48
C THR A 11 5.25 6.62 -1.14
N TYR A 12 4.74 5.40 -0.97
CA TYR A 12 3.44 4.97 -1.48
C TYR A 12 2.66 4.16 -0.43
N CYS A 13 3.15 2.96 -0.11
CA CYS A 13 2.65 2.03 0.90
C CYS A 13 2.57 2.63 2.30
N LEU A 14 1.81 1.92 3.16
CA LEU A 14 1.81 2.20 4.60
C LEU A 14 3.07 1.62 5.28
N CYS A 15 3.95 0.94 4.51
CA CYS A 15 5.28 0.55 4.95
C CYS A 15 6.21 1.78 4.96
N HIS A 16 5.94 2.74 4.07
CA HIS A 16 6.51 4.07 4.01
C HIS A 16 7.97 4.10 3.55
N GLN A 17 8.19 3.48 2.38
CA GLN A 17 9.40 3.60 1.59
C GLN A 17 9.04 3.76 0.10
N VAL A 18 10.07 4.03 -0.73
CA VAL A 18 9.93 4.30 -2.17
C VAL A 18 9.36 3.09 -2.94
N SER A 19 9.08 3.29 -4.24
CA SER A 19 8.44 2.34 -5.15
C SER A 19 9.00 0.91 -5.11
N TYR A 20 8.15 -0.04 -5.53
CA TYR A 20 8.35 -1.48 -5.37
C TYR A 20 7.80 -2.24 -6.59
N GLY A 21 8.23 -3.50 -6.71
CA GLY A 21 8.02 -4.34 -7.89
C GLY A 21 6.56 -4.62 -8.23
N GLU A 22 5.70 -4.86 -7.23
CA GLU A 22 4.32 -5.26 -7.41
C GLU A 22 3.40 -4.39 -6.54
N MET A 23 2.43 -3.73 -7.20
CA MET A 23 1.65 -2.67 -6.57
C MET A 23 0.17 -2.73 -6.95
N ILE A 24 -0.68 -2.38 -5.98
CA ILE A 24 -2.12 -2.19 -6.13
C ILE A 24 -2.57 -0.93 -5.37
N GLY A 25 -3.58 -0.25 -5.92
CA GLY A 25 -4.03 1.06 -5.48
C GLY A 25 -5.51 1.08 -5.13
N CYS A 26 -5.81 1.79 -4.03
CA CYS A 26 -7.10 1.80 -3.34
C CYS A 26 -8.14 2.61 -4.10
N ASP A 27 -9.28 1.96 -4.39
CA ASP A 27 -10.40 2.49 -5.16
C ASP A 27 -11.25 3.52 -4.36
N ASN A 28 -10.84 3.87 -3.13
CA ASN A 28 -11.57 4.81 -2.29
C ASN A 28 -11.49 6.24 -2.85
N PRO A 29 -12.53 7.07 -2.66
CA PRO A 29 -12.45 8.51 -2.90
C PRO A 29 -11.79 9.25 -1.71
N ASP A 30 -11.31 8.54 -0.67
CA ASP A 30 -10.86 9.10 0.61
C ASP A 30 -9.53 8.54 1.13
N CYS A 31 -8.98 7.47 0.53
CA CYS A 31 -7.75 6.84 0.97
C CYS A 31 -6.56 7.79 0.85
N SER A 32 -5.76 7.81 1.91
CA SER A 32 -4.64 8.72 2.12
C SER A 32 -3.29 7.98 2.05
N ILE A 33 -3.32 6.72 1.60
CA ILE A 33 -2.15 5.91 1.30
C ILE A 33 -2.16 5.56 -0.20
N GLU A 34 -3.35 5.20 -0.73
CA GLU A 34 -3.76 4.96 -2.12
C GLU A 34 -2.91 4.02 -3.01
N TRP A 35 -1.71 3.60 -2.58
CA TRP A 35 -0.88 2.55 -3.18
C TRP A 35 -0.26 1.70 -2.09
N PHE A 36 -0.20 0.40 -2.36
CA PHE A 36 0.15 -0.65 -1.41
C PHE A 36 0.87 -1.77 -2.16
N HIS A 37 1.76 -2.49 -1.47
CA HIS A 37 2.29 -3.75 -1.99
C HIS A 37 1.14 -4.76 -2.06
N PHE A 38 1.26 -5.72 -2.98
CA PHE A 38 0.40 -6.91 -2.97
C PHE A 38 0.46 -7.57 -1.60
N ALA A 39 1.66 -7.79 -1.08
CA ALA A 39 1.88 -8.42 0.21
C ALA A 39 1.43 -7.56 1.41
N CYS A 40 1.17 -6.26 1.19
CA CYS A 40 0.57 -5.39 2.20
C CYS A 40 -0.90 -5.76 2.52
N VAL A 41 -1.54 -6.59 1.66
CA VAL A 41 -2.87 -7.15 1.84
C VAL A 41 -2.90 -8.68 1.71
N GLY A 42 -1.78 -9.25 1.25
CA GLY A 42 -1.57 -10.68 1.05
C GLY A 42 -1.92 -11.15 -0.36
N LEU A 43 -1.96 -10.25 -1.35
CA LEU A 43 -2.29 -10.58 -2.74
C LEU A 43 -1.18 -11.42 -3.41
N THR A 44 -1.56 -12.09 -4.50
CA THR A 44 -0.71 -13.03 -5.25
C THR A 44 -0.90 -12.87 -6.76
N THR A 45 -2.09 -12.44 -7.22
CA THR A 45 -2.42 -12.22 -8.62
C THR A 45 -3.29 -10.96 -8.70
N LYS A 46 -2.86 -9.97 -9.48
CA LYS A 46 -3.43 -8.63 -9.51
C LYS A 46 -4.89 -8.64 -10.05
N PRO A 47 -5.87 -8.16 -9.27
CA PRO A 47 -7.25 -7.94 -9.73
C PRO A 47 -7.36 -6.63 -10.54
N ARG A 48 -8.58 -6.26 -10.94
CA ARG A 48 -8.92 -4.98 -11.53
C ARG A 48 -10.32 -4.57 -11.07
N GLY A 49 -10.51 -3.25 -11.01
CA GLY A 49 -11.74 -2.61 -10.56
C GLY A 49 -11.66 -2.24 -9.08
N LYS A 50 -12.84 -2.13 -8.44
CA LYS A 50 -13.01 -1.81 -7.02
C LYS A 50 -12.26 -2.81 -6.14
N TRP A 51 -11.17 -2.33 -5.53
CA TRP A 51 -10.42 -3.00 -4.49
C TRP A 51 -10.21 -2.00 -3.35
N PHE A 52 -10.54 -2.44 -2.13
CA PHE A 52 -10.42 -1.65 -0.92
C PHE A 52 -9.43 -2.36 0.00
N CYS A 53 -8.42 -1.58 0.41
CA CYS A 53 -7.26 -1.96 1.18
C CYS A 53 -7.59 -2.61 2.55
N PRO A 54 -6.60 -3.16 3.28
CA PRO A 54 -6.90 -3.96 4.47
C PRO A 54 -7.53 -3.12 5.59
N ARG A 55 -7.13 -1.85 5.73
CA ARG A 55 -7.67 -0.91 6.71
C ARG A 55 -9.03 -0.33 6.29
N CYS A 56 -9.63 -0.86 5.21
CA CYS A 56 -10.85 -0.38 4.61
C CYS A 56 -11.89 -1.49 4.34
N SER A 57 -11.51 -2.76 4.46
CA SER A 57 -12.41 -3.90 4.26
C SER A 57 -11.97 -5.14 5.06
N GLN A 58 -10.66 -5.40 5.12
CA GLN A 58 -10.12 -6.60 5.78
C GLN A 58 -10.10 -6.48 7.31
N GLU A 59 -10.28 -5.28 7.88
CA GLU A 59 -10.43 -5.06 9.32
C GLU A 59 -11.71 -5.72 9.88
N ARG A 60 -12.66 -6.09 9.01
CA ARG A 60 -13.83 -6.90 9.34
C ARG A 60 -13.46 -8.31 9.83
N LYS A 61 -12.19 -8.73 9.67
CA LYS A 61 -11.66 -10.03 10.06
C LYS A 61 -10.39 -9.92 10.93
N LYS A 62 -9.92 -8.69 11.24
CA LYS A 62 -8.83 -8.35 12.16
C LYS A 62 -7.64 -9.33 12.10
N LYS A 63 -6.78 -9.13 11.10
CA LYS A 63 -5.61 -9.96 10.84
C LYS A 63 -4.47 -9.10 10.27
N MET A 1 21.38 -2.82 7.60
CA MET A 1 20.24 -1.88 7.55
C MET A 1 20.75 -0.46 7.85
N ASP A 2 21.06 0.29 6.78
CA ASP A 2 21.69 1.60 6.87
C ASP A 2 21.39 2.43 5.59
N MET A 3 20.11 2.44 5.17
CA MET A 3 19.67 3.08 3.93
C MET A 3 18.34 3.82 4.16
N PRO A 4 18.36 4.99 4.83
CA PRO A 4 17.20 5.86 4.99
C PRO A 4 16.86 6.60 3.67
N VAL A 5 15.78 7.41 3.71
CA VAL A 5 15.33 8.28 2.64
C VAL A 5 15.01 9.65 3.24
N ASP A 6 15.38 10.68 2.49
CA ASP A 6 15.21 12.09 2.85
C ASP A 6 13.72 12.50 2.91
N PRO A 7 13.39 13.59 3.63
CA PRO A 7 12.07 14.22 3.56
C PRO A 7 11.85 15.01 2.25
N ASN A 8 12.80 14.92 1.31
CA ASN A 8 12.83 15.60 0.01
C ASN A 8 12.76 14.58 -1.13
N GLU A 9 12.02 13.48 -0.92
CA GLU A 9 11.96 12.31 -1.77
C GLU A 9 10.51 11.79 -1.75
N PRO A 10 9.87 11.53 -2.91
CA PRO A 10 8.50 11.04 -2.98
C PRO A 10 8.39 9.58 -2.52
N THR A 11 7.20 9.20 -2.03
CA THR A 11 6.93 7.89 -1.45
C THR A 11 5.50 7.45 -1.78
N TYR A 12 5.18 6.20 -1.40
CA TYR A 12 3.96 5.51 -1.79
C TYR A 12 3.30 4.74 -0.63
N CYS A 13 3.78 3.53 -0.28
CA CYS A 13 3.22 2.68 0.78
C CYS A 13 3.17 3.39 2.13
N LEU A 14 2.43 2.78 3.07
CA LEU A 14 2.38 3.16 4.49
C LEU A 14 3.76 3.11 5.16
N CYS A 15 4.74 2.51 4.47
CA CYS A 15 6.14 2.42 4.87
C CYS A 15 6.92 3.72 4.65
N HIS A 16 6.40 4.60 3.79
CA HIS A 16 7.04 5.81 3.28
C HIS A 16 8.37 5.48 2.59
N GLN A 17 8.28 4.77 1.46
CA GLN A 17 9.40 4.44 0.58
C GLN A 17 9.10 4.78 -0.89
N VAL A 18 10.16 4.96 -1.67
CA VAL A 18 10.14 5.34 -3.09
C VAL A 18 9.57 4.20 -3.96
N SER A 19 9.53 4.42 -5.29
CA SER A 19 9.07 3.51 -6.33
C SER A 19 9.60 2.07 -6.18
N TYR A 20 8.78 1.12 -6.64
CA TYR A 20 8.93 -0.31 -6.39
C TYR A 20 8.28 -1.14 -7.52
N GLY A 21 8.61 -2.44 -7.55
CA GLY A 21 8.29 -3.33 -8.65
C GLY A 21 6.83 -3.77 -8.75
N GLU A 22 6.18 -4.09 -7.61
CA GLU A 22 4.88 -4.73 -7.58
C GLU A 22 3.91 -3.93 -6.72
N MET A 23 2.81 -3.46 -7.34
CA MET A 23 1.95 -2.43 -6.74
C MET A 23 0.46 -2.67 -6.94
N ILE A 24 -0.30 -2.20 -5.94
CA ILE A 24 -1.75 -2.07 -5.98
C ILE A 24 -2.15 -0.73 -5.34
N GLY A 25 -3.33 -0.22 -5.72
CA GLY A 25 -3.82 1.11 -5.37
C GLY A 25 -5.26 1.10 -4.87
N CYS A 26 -5.51 1.89 -3.82
CA CYS A 26 -6.72 1.87 -3.00
C CYS A 26 -7.88 2.61 -3.68
N ASP A 27 -9.01 1.90 -3.79
CA ASP A 27 -10.25 2.34 -4.46
C ASP A 27 -11.00 3.45 -3.70
N ASN A 28 -10.50 3.89 -2.55
CA ASN A 28 -11.17 4.87 -1.69
C ASN A 28 -11.26 6.25 -2.36
N PRO A 29 -12.31 7.03 -2.07
CA PRO A 29 -12.37 8.46 -2.41
C PRO A 29 -11.66 9.32 -1.34
N ASP A 30 -10.95 8.70 -0.37
CA ASP A 30 -10.45 9.34 0.84
C ASP A 30 -9.08 8.82 1.33
N CYS A 31 -8.57 7.71 0.78
CA CYS A 31 -7.27 7.14 1.17
C CYS A 31 -6.14 8.15 0.89
N SER A 32 -5.28 8.28 1.90
CA SER A 32 -4.21 9.27 1.97
C SER A 32 -2.82 8.62 1.77
N ILE A 33 -2.82 7.32 1.40
CA ILE A 33 -1.63 6.55 1.06
C ILE A 33 -1.75 6.09 -0.41
N GLU A 34 -2.96 5.64 -0.81
CA GLU A 34 -3.47 5.26 -2.14
C GLU A 34 -2.64 4.34 -3.06
N TRP A 35 -1.37 4.05 -2.74
CA TRP A 35 -0.53 3.06 -3.39
C TRP A 35 0.23 2.28 -2.32
N PHE A 36 0.26 0.96 -2.51
CA PHE A 36 0.72 -0.02 -1.53
C PHE A 36 1.49 -1.12 -2.25
N HIS A 37 2.38 -1.78 -1.50
CA HIS A 37 3.02 -2.99 -1.96
C HIS A 37 2.03 -4.14 -1.86
N PHE A 38 2.17 -5.11 -2.77
CA PHE A 38 1.48 -6.38 -2.65
C PHE A 38 1.74 -6.99 -1.27
N ALA A 39 3.01 -7.07 -0.87
CA ALA A 39 3.40 -7.68 0.39
C ALA A 39 2.99 -6.84 1.61
N CYS A 40 2.61 -5.56 1.46
CA CYS A 40 2.08 -4.75 2.52
C CYS A 40 0.59 -5.04 2.81
N VAL A 41 -0.04 -5.92 2.02
CA VAL A 41 -1.38 -6.49 2.25
C VAL A 41 -1.36 -8.03 2.27
N GLY A 42 -0.27 -8.61 1.79
CA GLY A 42 -0.03 -10.05 1.72
C GLY A 42 -0.36 -10.65 0.35
N LEU A 43 -0.46 -9.82 -0.71
CA LEU A 43 -0.74 -10.25 -2.06
C LEU A 43 0.49 -10.93 -2.70
N THR A 44 0.22 -11.67 -3.79
CA THR A 44 1.19 -12.42 -4.58
C THR A 44 0.92 -12.31 -6.09
N THR A 45 -0.17 -11.62 -6.47
CA THR A 45 -0.60 -11.33 -7.83
C THR A 45 -1.22 -9.93 -7.89
N LYS A 46 -1.66 -9.52 -9.09
CA LYS A 46 -2.31 -8.23 -9.35
C LYS A 46 -3.79 -8.47 -9.68
N PRO A 47 -4.72 -8.42 -8.70
CA PRO A 47 -6.15 -8.40 -8.96
C PRO A 47 -6.56 -7.07 -9.61
N ARG A 48 -7.76 -7.04 -10.20
CA ARG A 48 -8.30 -5.87 -10.88
C ARG A 48 -9.80 -5.79 -10.60
N GLY A 49 -10.18 -4.57 -10.21
CA GLY A 49 -11.48 -4.20 -9.67
C GLY A 49 -11.28 -3.28 -8.46
N LYS A 50 -12.38 -3.01 -7.73
CA LYS A 50 -12.35 -2.31 -6.45
C LYS A 50 -11.65 -3.19 -5.40
N TRP A 51 -10.57 -2.64 -4.85
CA TRP A 51 -9.76 -3.20 -3.79
C TRP A 51 -9.55 -2.13 -2.73
N PHE A 52 -9.57 -2.57 -1.47
CA PHE A 52 -9.41 -1.73 -0.30
C PHE A 52 -8.26 -2.28 0.55
N CYS A 53 -7.36 -1.36 0.91
CA CYS A 53 -6.13 -1.60 1.64
C CYS A 53 -6.38 -2.21 3.04
N PRO A 54 -5.34 -2.72 3.73
CA PRO A 54 -5.55 -3.49 4.94
C PRO A 54 -6.14 -2.65 6.08
N ARG A 55 -5.79 -1.37 6.18
CA ARG A 55 -6.31 -0.45 7.18
C ARG A 55 -7.72 0.09 6.83
N CYS A 56 -8.35 -0.43 5.76
CA CYS A 56 -9.62 0.00 5.22
C CYS A 56 -10.64 -1.12 5.08
N SER A 57 -10.23 -2.40 5.12
CA SER A 57 -11.12 -3.55 4.98
C SER A 57 -10.64 -4.78 5.74
N GLN A 58 -9.32 -4.98 5.87
CA GLN A 58 -8.76 -6.17 6.52
C GLN A 58 -8.63 -6.00 8.04
N GLU A 59 -8.62 -4.76 8.55
CA GLU A 59 -8.42 -4.44 9.96
C GLU A 59 -9.67 -4.73 10.80
N ARG A 60 -10.85 -4.80 10.16
CA ARG A 60 -12.11 -5.25 10.73
C ARG A 60 -12.12 -6.79 10.79
N LYS A 61 -11.50 -7.35 11.84
CA LYS A 61 -11.23 -8.78 11.96
C LYS A 61 -11.32 -9.22 13.43
N LYS A 62 -12.48 -8.95 14.05
CA LYS A 62 -12.86 -9.45 15.38
C LYS A 62 -13.32 -10.92 15.21
N LYS A 63 -12.34 -11.81 15.04
CA LYS A 63 -12.48 -13.21 14.64
C LYS A 63 -13.30 -13.30 13.34
N MET A 1 31.55 8.47 2.18
CA MET A 1 30.75 9.41 1.36
C MET A 1 29.33 9.54 1.91
N ASP A 2 28.60 8.43 2.00
CA ASP A 2 27.20 8.35 2.40
C ASP A 2 26.99 8.85 3.84
N MET A 3 26.51 10.09 3.95
CA MET A 3 26.24 10.80 5.20
C MET A 3 25.21 11.92 5.00
N PRO A 4 25.33 12.84 4.01
CA PRO A 4 24.36 13.89 3.78
C PRO A 4 23.14 13.34 3.01
N VAL A 5 22.06 13.05 3.74
CA VAL A 5 20.79 12.58 3.23
C VAL A 5 19.67 13.26 4.01
N ASP A 6 18.75 13.91 3.28
CA ASP A 6 17.59 14.60 3.83
C ASP A 6 16.50 13.60 4.26
N PRO A 7 15.60 14.00 5.20
CA PRO A 7 14.40 13.23 5.54
C PRO A 7 13.33 13.28 4.44
N ASN A 8 13.56 14.05 3.37
CA ASN A 8 12.71 14.21 2.19
C ASN A 8 12.75 12.94 1.33
N GLU A 9 11.90 11.97 1.69
CA GLU A 9 11.80 10.67 1.05
C GLU A 9 10.32 10.25 0.99
N PRO A 10 9.77 9.92 -0.20
CA PRO A 10 8.37 9.54 -0.35
C PRO A 10 8.11 8.08 0.06
N THR A 11 6.83 7.76 0.21
CA THR A 11 6.31 6.43 0.50
C THR A 11 5.00 6.24 -0.29
N TYR A 12 4.49 5.00 -0.32
CA TYR A 12 3.29 4.64 -1.06
C TYR A 12 2.36 3.70 -0.28
N CYS A 13 2.89 2.56 0.18
CA CYS A 13 2.24 1.53 0.97
C CYS A 13 1.87 1.98 2.39
N LEU A 14 1.01 1.18 3.06
CA LEU A 14 0.78 1.30 4.50
C LEU A 14 1.99 0.78 5.31
N CYS A 15 3.01 0.23 4.63
CA CYS A 15 4.27 -0.19 5.23
C CYS A 15 5.22 1.00 5.44
N HIS A 16 5.05 2.05 4.64
CA HIS A 16 5.67 3.37 4.78
C HIS A 16 7.17 3.36 4.46
N GLN A 17 7.49 2.82 3.28
CA GLN A 17 8.79 2.93 2.66
C GLN A 17 8.63 3.21 1.15
N VAL A 18 9.76 3.52 0.49
CA VAL A 18 9.83 3.95 -0.92
C VAL A 18 9.35 2.84 -1.88
N SER A 19 9.26 3.18 -3.18
CA SER A 19 8.72 2.36 -4.27
C SER A 19 9.23 0.91 -4.32
N TYR A 20 8.41 0.05 -4.93
CA TYR A 20 8.53 -1.40 -4.95
C TYR A 20 8.05 -1.96 -6.30
N GLY A 21 8.48 -3.19 -6.60
CA GLY A 21 8.34 -3.83 -7.90
C GLY A 21 6.89 -4.01 -8.38
N GLU A 22 5.98 -4.35 -7.46
CA GLU A 22 4.60 -4.72 -7.79
C GLU A 22 3.62 -3.96 -6.90
N MET A 23 2.72 -3.20 -7.52
CA MET A 23 1.88 -2.23 -6.80
C MET A 23 0.44 -2.23 -7.30
N ILE A 24 -0.47 -2.01 -6.33
CA ILE A 24 -1.91 -1.82 -6.53
C ILE A 24 -2.41 -0.78 -5.54
N GLY A 25 -3.43 -0.02 -5.94
CA GLY A 25 -3.89 1.17 -5.21
C GLY A 25 -5.40 1.26 -5.13
N CYS A 26 -5.88 1.81 -3.99
CA CYS A 26 -7.31 1.83 -3.69
C CYS A 26 -8.05 2.82 -4.57
N ASP A 27 -9.28 2.42 -4.89
CA ASP A 27 -10.22 3.10 -5.78
C ASP A 27 -10.93 4.30 -5.13
N ASN A 28 -10.79 4.50 -3.80
CA ASN A 28 -11.61 5.46 -3.08
C ASN A 28 -11.14 6.90 -3.31
N PRO A 29 -12.06 7.89 -3.33
CA PRO A 29 -11.73 9.31 -3.32
C PRO A 29 -11.33 9.80 -1.90
N ASP A 30 -11.14 8.88 -0.95
CA ASP A 30 -10.95 9.12 0.47
C ASP A 30 -9.78 8.30 1.07
N CYS A 31 -9.21 7.36 0.29
CA CYS A 31 -8.01 6.64 0.69
C CYS A 31 -6.84 7.61 0.83
N SER A 32 -6.22 7.57 2.01
CA SER A 32 -5.18 8.48 2.47
C SER A 32 -3.78 7.89 2.28
N ILE A 33 -3.69 6.68 1.71
CA ILE A 33 -2.46 5.95 1.42
C ILE A 33 -2.32 5.74 -0.09
N GLU A 34 -3.46 5.59 -0.80
CA GLU A 34 -3.66 5.36 -2.24
C GLU A 34 -2.89 4.22 -2.93
N TRP A 35 -1.87 3.63 -2.32
CA TRP A 35 -1.05 2.56 -2.87
C TRP A 35 -0.67 1.51 -1.82
N PHE A 36 -0.35 0.30 -2.31
CA PHE A 36 -0.07 -0.89 -1.51
C PHE A 36 0.74 -1.88 -2.35
N HIS A 37 1.54 -2.74 -1.70
CA HIS A 37 2.12 -3.90 -2.38
C HIS A 37 1.00 -4.89 -2.70
N PHE A 38 1.21 -5.73 -3.71
CA PHE A 38 0.37 -6.91 -3.95
C PHE A 38 0.31 -7.72 -2.67
N ALA A 39 1.46 -8.02 -2.08
CA ALA A 39 1.59 -8.84 -0.88
C ALA A 39 1.04 -8.14 0.38
N CYS A 40 0.76 -6.82 0.31
CA CYS A 40 0.09 -6.09 1.38
C CYS A 40 -1.37 -6.53 1.57
N VAL A 41 -1.98 -7.15 0.56
CA VAL A 41 -3.31 -7.76 0.60
C VAL A 41 -3.27 -9.28 0.33
N GLY A 42 -2.15 -9.75 -0.20
CA GLY A 42 -1.88 -11.15 -0.53
C GLY A 42 -2.02 -11.47 -2.02
N LEU A 43 -2.02 -10.46 -2.90
CA LEU A 43 -2.10 -10.65 -4.35
C LEU A 43 -0.79 -11.24 -4.91
N THR A 44 -0.89 -11.71 -6.16
CA THR A 44 0.20 -12.29 -6.95
C THR A 44 0.23 -11.68 -8.37
N THR A 45 -0.83 -10.99 -8.78
CA THR A 45 -1.01 -10.39 -10.11
C THR A 45 -1.73 -9.03 -9.98
N LYS A 46 -1.76 -8.26 -11.08
CA LYS A 46 -2.48 -6.99 -11.16
C LYS A 46 -3.84 -7.22 -11.86
N PRO A 47 -4.98 -7.05 -11.15
CA PRO A 47 -6.32 -7.07 -11.73
C PRO A 47 -6.60 -5.77 -12.52
N ARG A 48 -7.81 -5.67 -13.10
CA ARG A 48 -8.28 -4.46 -13.76
C ARG A 48 -9.74 -4.22 -13.38
N GLY A 49 -9.99 -2.98 -12.95
CA GLY A 49 -11.23 -2.53 -12.34
C GLY A 49 -10.96 -1.91 -10.97
N LYS A 50 -12.03 -1.49 -10.29
CA LYS A 50 -12.01 -1.01 -8.92
C LYS A 50 -11.67 -2.15 -7.96
N TRP A 51 -10.80 -1.81 -7.01
CA TRP A 51 -10.23 -2.66 -5.99
C TRP A 51 -10.12 -1.87 -4.68
N PHE A 52 -10.12 -2.62 -3.58
CA PHE A 52 -10.14 -2.09 -2.22
C PHE A 52 -9.02 -2.71 -1.39
N CYS A 53 -8.29 -1.84 -0.69
CA CYS A 53 -7.15 -2.18 0.15
C CYS A 53 -7.56 -2.92 1.43
N PRO A 54 -6.62 -3.49 2.21
CA PRO A 54 -6.97 -4.39 3.31
C PRO A 54 -7.59 -3.68 4.52
N ARG A 55 -7.46 -2.35 4.60
CA ARG A 55 -8.08 -1.49 5.60
C ARG A 55 -9.38 -0.85 5.08
N CYS A 56 -9.88 -1.28 3.91
CA CYS A 56 -10.99 -0.70 3.19
C CYS A 56 -12.05 -1.73 2.76
N SER A 57 -11.72 -3.03 2.70
CA SER A 57 -12.70 -4.09 2.40
C SER A 57 -12.33 -5.42 3.06
N GLN A 58 -11.05 -5.78 3.09
CA GLN A 58 -10.59 -7.04 3.71
C GLN A 58 -10.76 -7.03 5.23
N GLU A 59 -10.89 -5.83 5.83
CA GLU A 59 -11.10 -5.58 7.24
C GLU A 59 -12.43 -6.17 7.77
N ARG A 60 -13.37 -6.48 6.87
CA ARG A 60 -14.70 -7.01 7.19
C ARG A 60 -14.70 -8.55 7.31
N LYS A 61 -13.56 -9.16 7.63
CA LYS A 61 -13.42 -10.58 7.96
C LYS A 61 -12.61 -10.71 9.25
N LYS A 62 -13.26 -11.24 10.30
CA LYS A 62 -12.69 -11.43 11.62
C LYS A 62 -11.70 -12.60 11.60
N LYS A 63 -10.40 -12.28 11.49
CA LYS A 63 -9.29 -13.21 11.42
C LYS A 63 -8.06 -12.58 12.11
N MET A 1 21.98 2.88 12.60
CA MET A 1 21.40 4.13 12.07
C MET A 1 22.43 4.83 11.19
N ASP A 2 22.13 4.89 9.88
CA ASP A 2 23.08 5.30 8.86
C ASP A 2 22.34 6.17 7.83
N MET A 3 22.09 5.66 6.61
CA MET A 3 21.38 6.34 5.54
C MET A 3 20.45 5.35 4.81
N PRO A 4 19.47 4.71 5.49
CA PRO A 4 18.61 3.68 4.89
C PRO A 4 17.66 4.27 3.84
N VAL A 5 17.08 5.43 4.15
CA VAL A 5 16.21 6.25 3.34
C VAL A 5 16.32 7.69 3.86
N ASP A 6 16.23 8.66 2.94
CA ASP A 6 16.10 10.07 3.27
C ASP A 6 14.62 10.44 3.51
N PRO A 7 14.33 11.50 4.29
CA PRO A 7 13.00 12.08 4.41
C PRO A 7 12.61 12.91 3.17
N ASN A 8 13.45 12.91 2.12
CA ASN A 8 13.34 13.69 0.89
C ASN A 8 13.10 12.77 -0.31
N GLU A 9 12.29 11.72 -0.11
CA GLU A 9 12.09 10.61 -1.03
C GLU A 9 10.59 10.23 -1.03
N PRO A 10 9.92 10.15 -2.19
CA PRO A 10 8.50 9.80 -2.26
C PRO A 10 8.25 8.33 -1.91
N THR A 11 7.00 8.04 -1.50
CA THR A 11 6.58 6.74 -0.99
C THR A 11 5.14 6.44 -1.45
N TYR A 12 4.68 5.22 -1.11
CA TYR A 12 3.44 4.65 -1.64
C TYR A 12 2.59 3.98 -0.54
N CYS A 13 2.90 2.72 -0.15
CA CYS A 13 2.13 1.95 0.84
C CYS A 13 1.98 2.66 2.19
N LEU A 14 1.11 2.12 3.03
CA LEU A 14 0.95 2.49 4.44
C LEU A 14 2.25 2.33 5.25
N CYS A 15 3.24 1.67 4.66
CA CYS A 15 4.58 1.45 5.18
C CYS A 15 5.48 2.68 5.06
N HIS A 16 5.16 3.57 4.12
CA HIS A 16 5.96 4.70 3.68
C HIS A 16 7.31 4.23 3.14
N GLN A 17 7.29 3.50 2.01
CA GLN A 17 8.46 3.05 1.27
C GLN A 17 8.37 3.40 -0.23
N VAL A 18 9.53 3.42 -0.89
CA VAL A 18 9.72 3.81 -2.29
C VAL A 18 9.15 2.75 -3.25
N SER A 19 9.31 2.98 -4.56
CA SER A 19 8.85 2.17 -5.69
C SER A 19 9.15 0.67 -5.55
N TYR A 20 8.29 -0.13 -6.19
CA TYR A 20 8.22 -1.59 -6.03
C TYR A 20 7.59 -2.23 -7.29
N GLY A 21 7.79 -3.56 -7.42
CA GLY A 21 7.47 -4.30 -8.64
C GLY A 21 5.98 -4.47 -8.91
N GLU A 22 5.18 -4.85 -7.90
CA GLU A 22 3.80 -5.26 -8.08
C GLU A 22 2.89 -4.47 -7.12
N MET A 23 1.91 -3.77 -7.70
CA MET A 23 1.12 -2.74 -7.02
C MET A 23 -0.38 -2.83 -7.28
N ILE A 24 -1.12 -2.31 -6.30
CA ILE A 24 -2.56 -2.04 -6.33
C ILE A 24 -2.84 -0.74 -5.58
N GLY A 25 -3.98 -0.10 -5.84
CA GLY A 25 -4.30 1.22 -5.29
C GLY A 25 -5.78 1.32 -4.92
N CYS A 26 -6.07 2.03 -3.82
CA CYS A 26 -7.44 2.09 -3.30
C CYS A 26 -8.33 2.93 -4.20
N ASP A 27 -9.57 2.46 -4.33
CA ASP A 27 -10.60 2.99 -5.21
C ASP A 27 -11.25 4.29 -4.70
N ASN A 28 -11.00 4.69 -3.46
CA ASN A 28 -11.76 5.76 -2.81
C ASN A 28 -11.31 7.16 -3.26
N PRO A 29 -12.24 8.12 -3.37
CA PRO A 29 -11.92 9.53 -3.56
C PRO A 29 -11.42 10.19 -2.25
N ASP A 30 -11.32 9.42 -1.16
CA ASP A 30 -10.96 9.86 0.19
C ASP A 30 -9.67 9.20 0.70
N CYS A 31 -9.10 8.24 -0.05
CA CYS A 31 -7.83 7.63 0.24
C CYS A 31 -6.71 8.67 0.12
N SER A 32 -5.79 8.63 1.08
CA SER A 32 -4.69 9.57 1.26
C SER A 32 -3.32 8.84 1.22
N ILE A 33 -3.34 7.57 0.79
CA ILE A 33 -2.18 6.71 0.60
C ILE A 33 -2.11 6.27 -0.88
N GLU A 34 -3.29 6.10 -1.52
CA GLU A 34 -3.60 5.77 -2.93
C GLU A 34 -2.91 4.57 -3.60
N TRP A 35 -1.82 4.04 -3.05
CA TRP A 35 -1.09 2.91 -3.56
C TRP A 35 -0.62 2.01 -2.42
N PHE A 36 -0.50 0.72 -2.73
CA PHE A 36 -0.25 -0.35 -1.78
C PHE A 36 0.44 -1.52 -2.47
N HIS A 37 1.18 -2.30 -1.67
CA HIS A 37 1.71 -3.58 -2.12
C HIS A 37 0.58 -4.61 -2.06
N PHE A 38 0.59 -5.52 -3.03
CA PHE A 38 -0.24 -6.72 -2.99
C PHE A 38 -0.05 -7.46 -1.67
N ALA A 39 1.20 -7.71 -1.29
CA ALA A 39 1.53 -8.41 -0.06
C ALA A 39 1.21 -7.62 1.22
N CYS A 40 0.93 -6.30 1.14
CA CYS A 40 0.49 -5.53 2.30
C CYS A 40 -0.96 -5.82 2.69
N VAL A 41 -1.77 -6.34 1.75
CA VAL A 41 -3.12 -6.86 1.98
C VAL A 41 -3.15 -8.40 1.93
N GLY A 42 -2.06 -8.99 1.43
CA GLY A 42 -1.85 -10.43 1.31
C GLY A 42 -2.33 -10.98 -0.04
N LEU A 43 -2.46 -10.14 -1.08
CA LEU A 43 -2.89 -10.56 -2.41
C LEU A 43 -1.77 -11.32 -3.13
N THR A 44 -2.19 -12.12 -4.11
CA THR A 44 -1.35 -12.90 -5.02
C THR A 44 -1.77 -12.72 -6.48
N THR A 45 -2.83 -11.93 -6.72
CA THR A 45 -3.43 -11.59 -8.00
C THR A 45 -3.93 -10.14 -7.95
N LYS A 46 -4.44 -9.64 -9.10
CA LYS A 46 -4.98 -8.29 -9.21
C LYS A 46 -6.47 -8.36 -9.62
N PRO A 47 -7.39 -7.73 -8.87
CA PRO A 47 -8.81 -7.62 -9.22
C PRO A 47 -9.03 -6.56 -10.32
N ARG A 48 -10.30 -6.24 -10.60
CA ARG A 48 -10.69 -5.24 -11.57
C ARG A 48 -11.99 -4.57 -11.12
N GLY A 49 -12.02 -3.25 -11.31
CA GLY A 49 -13.18 -2.39 -11.08
C GLY A 49 -13.08 -1.60 -9.77
N LYS A 50 -13.03 -2.32 -8.63
CA LYS A 50 -12.96 -1.76 -7.28
C LYS A 50 -12.18 -2.71 -6.36
N TRP A 51 -11.38 -2.11 -5.47
CA TRP A 51 -10.68 -2.75 -4.38
C TRP A 51 -10.51 -1.77 -3.21
N PHE A 52 -10.38 -2.33 -2.01
CA PHE A 52 -10.27 -1.60 -0.75
C PHE A 52 -9.06 -2.10 0.03
N CYS A 53 -8.21 -1.14 0.43
CA CYS A 53 -6.96 -1.38 1.13
C CYS A 53 -7.16 -1.97 2.55
N PRO A 54 -6.10 -2.47 3.20
CA PRO A 54 -6.22 -3.16 4.48
C PRO A 54 -6.49 -2.24 5.68
N ARG A 55 -6.58 -0.91 5.44
CA ARG A 55 -7.06 0.07 6.40
C ARG A 55 -8.23 0.89 5.82
N CYS A 56 -8.97 0.26 4.89
CA CYS A 56 -10.18 0.76 4.30
C CYS A 56 -11.30 -0.30 4.30
N SER A 57 -10.98 -1.59 4.54
CA SER A 57 -11.98 -2.65 4.66
C SER A 57 -11.53 -3.77 5.61
N GLN A 58 -10.22 -4.10 5.64
CA GLN A 58 -9.72 -5.21 6.47
C GLN A 58 -9.67 -4.87 7.97
N GLU A 59 -9.81 -3.59 8.36
CA GLU A 59 -9.97 -3.18 9.76
C GLU A 59 -11.32 -3.67 10.35
N ARG A 60 -12.24 -4.20 9.53
CA ARG A 60 -13.48 -4.83 9.97
C ARG A 60 -13.26 -6.23 10.58
N LYS A 61 -12.12 -6.88 10.27
CA LYS A 61 -11.75 -8.21 10.76
C LYS A 61 -10.23 -8.26 11.02
N LYS A 62 -9.77 -7.43 11.96
CA LYS A 62 -8.37 -7.41 12.43
C LYS A 62 -8.03 -8.76 13.07
N LYS A 63 -6.81 -9.24 12.80
CA LYS A 63 -6.33 -10.57 13.21
C LYS A 63 -4.80 -10.58 13.32
N MET A 1 27.99 14.97 9.31
CA MET A 1 29.31 14.33 9.12
C MET A 1 29.41 13.70 7.72
N ASP A 2 28.53 12.72 7.44
CA ASP A 2 28.54 11.92 6.22
C ASP A 2 27.10 11.51 5.85
N MET A 3 26.95 10.70 4.79
CA MET A 3 25.68 10.26 4.21
C MET A 3 24.73 11.44 3.94
N PRO A 4 25.04 12.33 2.97
CA PRO A 4 24.34 13.59 2.71
C PRO A 4 23.05 13.39 1.87
N VAL A 5 22.23 12.38 2.23
CA VAL A 5 21.01 12.00 1.54
C VAL A 5 19.86 11.99 2.55
N ASP A 6 18.95 12.96 2.39
CA ASP A 6 17.81 13.19 3.26
C ASP A 6 16.72 12.09 3.12
N PRO A 7 15.87 11.89 4.13
CA PRO A 7 14.70 11.03 4.06
C PRO A 7 13.55 11.64 3.23
N ASN A 8 13.77 12.84 2.64
CA ASN A 8 12.84 13.57 1.78
C ASN A 8 12.70 12.86 0.42
N GLU A 9 11.86 11.82 0.39
CA GLU A 9 11.71 10.88 -0.72
C GLU A 9 10.28 10.33 -0.69
N PRO A 10 9.58 10.18 -1.86
CA PRO A 10 8.22 9.69 -1.90
C PRO A 10 8.14 8.19 -1.58
N THR A 11 6.99 7.76 -1.05
CA THR A 11 6.74 6.39 -0.60
C THR A 11 5.29 5.99 -0.88
N TYR A 12 4.99 4.71 -0.65
CA TYR A 12 3.73 4.08 -1.06
C TYR A 12 3.12 3.19 0.03
N CYS A 13 3.58 1.93 0.20
CA CYS A 13 3.07 0.97 1.19
C CYS A 13 3.09 1.51 2.62
N LEU A 14 2.39 0.81 3.52
CA LEU A 14 2.43 1.03 4.97
C LEU A 14 3.85 0.84 5.55
N CYS A 15 4.77 0.33 4.73
CA CYS A 15 6.19 0.16 5.01
C CYS A 15 6.98 1.46 4.90
N HIS A 16 6.42 2.44 4.18
CA HIS A 16 7.04 3.72 3.83
C HIS A 16 8.33 3.53 3.03
N GLN A 17 8.20 2.92 1.84
CA GLN A 17 9.28 2.70 0.88
C GLN A 17 8.91 3.20 -0.53
N VAL A 18 9.94 3.42 -1.35
CA VAL A 18 9.87 3.96 -2.71
C VAL A 18 9.20 2.97 -3.69
N SER A 19 9.10 3.38 -4.97
CA SER A 19 8.55 2.63 -6.11
C SER A 19 9.04 1.18 -6.20
N TYR A 20 8.18 0.33 -6.77
CA TYR A 20 8.28 -1.13 -6.77
C TYR A 20 7.51 -1.74 -7.95
N GLY A 21 7.73 -3.04 -8.19
CA GLY A 21 7.29 -3.74 -9.39
C GLY A 21 5.79 -4.05 -9.45
N GLU A 22 5.21 -4.55 -8.34
CA GLU A 22 3.85 -5.10 -8.32
C GLU A 22 3.01 -4.44 -7.24
N MET A 23 1.89 -3.83 -7.63
CA MET A 23 1.16 -2.91 -6.75
C MET A 23 -0.36 -2.98 -6.90
N ILE A 24 -1.04 -2.76 -5.78
CA ILE A 24 -2.49 -2.53 -5.68
C ILE A 24 -2.76 -1.49 -4.58
N GLY A 25 -3.89 -0.78 -4.67
CA GLY A 25 -4.19 0.37 -3.85
C GLY A 25 -5.62 0.36 -3.33
N CYS A 26 -5.81 0.90 -2.12
CA CYS A 26 -7.12 0.83 -1.45
C CYS A 26 -8.14 1.73 -2.15
N ASP A 27 -9.37 1.21 -2.14
CA ASP A 27 -10.53 1.76 -2.83
C ASP A 27 -11.20 2.93 -2.09
N ASN A 28 -10.74 3.28 -0.87
CA ASN A 28 -11.43 4.23 -0.01
C ASN A 28 -11.09 5.68 -0.39
N PRO A 29 -12.05 6.62 -0.26
CA PRO A 29 -11.78 8.05 -0.34
C PRO A 29 -11.15 8.59 0.97
N ASP A 30 -10.81 7.69 1.91
CA ASP A 30 -10.34 7.99 3.26
C ASP A 30 -8.98 7.35 3.57
N CYS A 31 -8.47 6.46 2.70
CA CYS A 31 -7.17 5.85 2.82
C CYS A 31 -6.07 6.92 2.68
N SER A 32 -5.11 6.85 3.61
CA SER A 32 -4.01 7.81 3.78
C SER A 32 -2.66 7.20 3.38
N ILE A 33 -2.69 6.00 2.79
CA ILE A 33 -1.52 5.26 2.29
C ILE A 33 -1.68 5.02 0.77
N GLU A 34 -2.94 4.84 0.32
CA GLU A 34 -3.46 4.64 -1.05
C GLU A 34 -2.83 3.58 -1.96
N TRP A 35 -1.64 3.06 -1.64
CA TRP A 35 -0.93 2.04 -2.39
C TRP A 35 -0.26 1.06 -1.44
N PHE A 36 -0.10 -0.17 -1.92
CA PHE A 36 0.39 -1.32 -1.16
C PHE A 36 1.06 -2.32 -2.09
N HIS A 37 1.98 -3.12 -1.53
CA HIS A 37 2.56 -4.25 -2.23
C HIS A 37 1.56 -5.41 -2.22
N PHE A 38 1.63 -6.22 -3.28
CA PHE A 38 0.93 -7.51 -3.29
C PHE A 38 1.32 -8.32 -2.07
N ALA A 39 2.63 -8.45 -1.82
CA ALA A 39 3.15 -9.25 -0.72
C ALA A 39 2.88 -8.63 0.66
N CYS A 40 2.48 -7.34 0.74
CA CYS A 40 2.07 -6.72 1.97
C CYS A 40 0.62 -7.07 2.37
N VAL A 41 -0.13 -7.78 1.50
CA VAL A 41 -1.42 -8.39 1.79
C VAL A 41 -1.40 -9.92 1.56
N GLY A 42 -0.34 -10.42 0.91
CA GLY A 42 -0.13 -11.82 0.60
C GLY A 42 -0.64 -12.20 -0.80
N LEU A 43 -0.83 -11.23 -1.70
CA LEU A 43 -1.28 -11.47 -3.07
C LEU A 43 -0.17 -12.10 -3.92
N THR A 44 -0.60 -12.75 -5.00
CA THR A 44 0.24 -13.38 -6.02
C THR A 44 -0.24 -13.04 -7.43
N THR A 45 -1.30 -12.21 -7.54
CA THR A 45 -1.98 -11.81 -8.76
C THR A 45 -2.42 -10.34 -8.65
N LYS A 46 -3.06 -9.82 -9.71
CA LYS A 46 -3.58 -8.46 -9.78
C LYS A 46 -5.10 -8.52 -10.03
N PRO A 47 -5.94 -8.56 -8.98
CA PRO A 47 -7.39 -8.50 -9.12
C PRO A 47 -7.85 -7.11 -9.60
N ARG A 48 -9.13 -7.01 -9.98
CA ARG A 48 -9.75 -5.81 -10.50
C ARG A 48 -11.15 -5.68 -9.92
N GLY A 49 -11.43 -4.46 -9.47
CA GLY A 49 -12.60 -4.09 -8.68
C GLY A 49 -12.15 -3.36 -7.40
N LYS A 50 -13.11 -3.15 -6.49
CA LYS A 50 -12.83 -2.68 -5.14
C LYS A 50 -12.00 -3.72 -4.40
N TRP A 51 -10.92 -3.23 -3.80
CA TRP A 51 -9.96 -3.96 -2.99
C TRP A 51 -9.64 -3.12 -1.77
N PHE A 52 -9.38 -3.82 -0.66
CA PHE A 52 -9.18 -3.24 0.67
C PHE A 52 -7.90 -3.80 1.28
N CYS A 53 -7.07 -2.89 1.80
CA CYS A 53 -5.79 -3.21 2.43
C CYS A 53 -5.99 -3.95 3.77
N PRO A 54 -4.92 -4.54 4.35
CA PRO A 54 -5.04 -5.36 5.55
C PRO A 54 -5.19 -4.55 6.86
N ARG A 55 -5.41 -3.23 6.74
CA ARG A 55 -5.77 -2.32 7.81
C ARG A 55 -7.09 -1.59 7.49
N CYS A 56 -7.86 -2.10 6.52
CA CYS A 56 -9.12 -1.55 6.05
C CYS A 56 -10.23 -2.60 5.91
N SER A 57 -9.90 -3.90 5.77
CA SER A 57 -10.90 -4.96 5.77
C SER A 57 -10.35 -6.32 6.23
N GLN A 58 -9.09 -6.64 5.92
CA GLN A 58 -8.46 -7.89 6.39
C GLN A 58 -8.06 -7.82 7.87
N GLU A 59 -8.18 -6.63 8.49
CA GLU A 59 -8.06 -6.41 9.93
C GLU A 59 -9.23 -7.05 10.70
N ARG A 60 -10.39 -7.19 10.04
CA ARG A 60 -11.55 -7.94 10.53
C ARG A 60 -11.31 -9.46 10.40
N LYS A 61 -12.12 -10.25 11.11
CA LYS A 61 -12.03 -11.71 11.10
C LYS A 61 -13.28 -12.26 10.38
N LYS A 62 -13.09 -12.72 9.14
CA LYS A 62 -14.12 -13.11 8.16
C LYS A 62 -15.27 -12.09 8.12
N LYS A 63 -15.00 -10.92 7.54
CA LYS A 63 -15.96 -9.84 7.31
C LYS A 63 -17.16 -10.35 6.50
N MET A 1 18.76 8.23 10.63
CA MET A 1 20.13 8.63 10.27
C MET A 1 20.24 8.82 8.76
N ASP A 2 19.95 10.05 8.31
CA ASP A 2 20.01 10.49 6.93
C ASP A 2 21.47 10.64 6.47
N MET A 3 21.91 9.74 5.59
CA MET A 3 23.25 9.74 4.98
C MET A 3 23.21 9.22 3.53
N PRO A 4 22.58 8.07 3.18
CA PRO A 4 22.46 7.63 1.78
C PRO A 4 21.37 8.38 1.01
N VAL A 5 20.52 9.13 1.73
CA VAL A 5 19.44 9.97 1.22
C VAL A 5 19.11 11.02 2.29
N ASP A 6 18.50 12.12 1.84
CA ASP A 6 17.97 13.21 2.64
C ASP A 6 16.96 12.72 3.70
N PRO A 7 16.72 13.49 4.77
CA PRO A 7 15.64 13.25 5.73
C PRO A 7 14.24 13.59 5.15
N ASN A 8 14.14 13.81 3.83
CA ASN A 8 12.94 14.10 3.08
C ASN A 8 12.90 13.15 1.88
N GLU A 9 11.94 12.21 1.90
CA GLU A 9 11.77 11.18 0.87
C GLU A 9 10.27 10.82 0.79
N PRO A 10 9.67 10.78 -0.42
CA PRO A 10 8.28 10.37 -0.61
C PRO A 10 8.11 8.86 -0.48
N THR A 11 6.92 8.42 -0.04
CA THR A 11 6.56 7.04 0.20
C THR A 11 5.09 6.83 -0.20
N TYR A 12 4.65 5.57 -0.17
CA TYR A 12 3.34 5.15 -0.65
C TYR A 12 2.69 4.11 0.28
N CYS A 13 3.28 2.90 0.34
CA CYS A 13 2.92 1.77 1.18
C CYS A 13 2.99 2.08 2.67
N LEU A 14 2.38 1.19 3.47
CA LEU A 14 2.58 1.17 4.92
C LEU A 14 3.92 0.53 5.30
N CYS A 15 4.72 0.08 4.31
CA CYS A 15 6.11 -0.32 4.49
C CYS A 15 7.01 0.93 4.61
N HIS A 16 6.57 2.03 3.99
CA HIS A 16 7.08 3.39 4.11
C HIS A 16 8.45 3.59 3.44
N GLN A 17 8.52 3.20 2.17
CA GLN A 17 9.60 3.54 1.25
C GLN A 17 9.01 3.92 -0.13
N VAL A 18 9.89 4.38 -1.04
CA VAL A 18 9.54 4.88 -2.38
C VAL A 18 8.89 3.77 -3.24
N SER A 19 8.42 4.15 -4.45
CA SER A 19 7.69 3.34 -5.42
C SER A 19 8.32 1.97 -5.71
N TYR A 20 7.48 1.05 -6.19
CA TYR A 20 7.74 -0.38 -6.32
C TYR A 20 7.11 -0.93 -7.61
N GLY A 21 7.58 -2.13 -8.01
CA GLY A 21 7.29 -2.74 -9.31
C GLY A 21 5.80 -3.02 -9.55
N GLU A 22 5.09 -3.52 -8.54
CA GLU A 22 3.68 -3.89 -8.63
C GLU A 22 2.90 -3.24 -7.49
N MET A 23 1.86 -2.47 -7.86
CA MET A 23 1.17 -1.58 -6.93
C MET A 23 -0.35 -1.63 -7.12
N ILE A 24 -1.07 -1.48 -6.01
CA ILE A 24 -2.52 -1.34 -5.96
C ILE A 24 -2.93 -0.25 -4.96
N GLY A 25 -3.99 0.47 -5.30
CA GLY A 25 -4.46 1.66 -4.61
C GLY A 25 -5.88 1.50 -4.07
N CYS A 26 -6.07 2.03 -2.85
CA CYS A 26 -7.24 1.80 -2.00
C CYS A 26 -8.42 2.67 -2.43
N ASP A 27 -9.55 2.00 -2.71
CA ASP A 27 -10.77 2.61 -3.23
C ASP A 27 -11.60 3.32 -2.13
N ASN A 28 -10.99 3.56 -0.96
CA ASN A 28 -11.63 4.23 0.17
C ASN A 28 -11.77 5.74 -0.08
N PRO A 29 -12.82 6.38 0.47
CA PRO A 29 -12.91 7.83 0.58
C PRO A 29 -12.19 8.34 1.86
N ASP A 30 -11.44 7.46 2.57
CA ASP A 30 -10.89 7.70 3.91
C ASP A 30 -9.43 7.28 4.10
N CYS A 31 -8.88 6.45 3.20
CA CYS A 31 -7.56 5.86 3.35
C CYS A 31 -6.47 6.93 3.30
N SER A 32 -5.53 6.80 4.23
CA SER A 32 -4.44 7.75 4.49
C SER A 32 -3.07 7.16 4.08
N ILE A 33 -3.09 6.02 3.36
CA ILE A 33 -1.92 5.36 2.78
C ILE A 33 -2.10 5.25 1.26
N GLU A 34 -3.33 4.92 0.82
CA GLU A 34 -3.90 4.87 -0.54
C GLU A 34 -3.12 4.16 -1.67
N TRP A 35 -1.88 3.72 -1.45
CA TRP A 35 -1.10 2.85 -2.32
C TRP A 35 -0.32 1.85 -1.49
N PHE A 36 -0.25 0.61 -1.99
CA PHE A 36 0.26 -0.56 -1.29
C PHE A 36 0.88 -1.52 -2.31
N HIS A 37 1.85 -2.33 -1.87
CA HIS A 37 2.30 -3.47 -2.66
C HIS A 37 1.16 -4.49 -2.77
N PHE A 38 1.15 -5.25 -3.87
CA PHE A 38 0.31 -6.45 -3.99
C PHE A 38 0.52 -7.36 -2.78
N ALA A 39 1.79 -7.65 -2.47
CA ALA A 39 2.15 -8.52 -1.36
C ALA A 39 1.88 -7.91 0.01
N CYS A 40 1.59 -6.60 0.10
CA CYS A 40 1.16 -5.94 1.32
C CYS A 40 -0.24 -6.40 1.78
N VAL A 41 -1.04 -7.01 0.88
CA VAL A 41 -2.34 -7.61 1.14
C VAL A 41 -2.38 -9.10 0.78
N GLY A 42 -1.39 -9.56 0.01
CA GLY A 42 -1.20 -10.93 -0.41
C GLY A 42 -1.63 -11.19 -1.86
N LEU A 43 -1.78 -10.14 -2.70
CA LEU A 43 -2.13 -10.30 -4.11
C LEU A 43 -0.95 -10.88 -4.91
N THR A 44 -1.30 -11.47 -6.07
CA THR A 44 -0.37 -12.13 -6.99
C THR A 44 -0.67 -11.75 -8.45
N THR A 45 -1.91 -11.31 -8.75
CA THR A 45 -2.36 -10.84 -10.05
C THR A 45 -3.26 -9.64 -9.81
N LYS A 46 -3.11 -8.58 -10.63
CA LYS A 46 -3.80 -7.31 -10.42
C LYS A 46 -5.32 -7.47 -10.66
N PRO A 47 -6.18 -7.09 -9.70
CA PRO A 47 -7.63 -7.06 -9.86
C PRO A 47 -8.08 -5.82 -10.66
N ARG A 48 -9.39 -5.58 -10.70
CA ARG A 48 -10.02 -4.44 -11.38
C ARG A 48 -11.20 -3.97 -10.53
N GLY A 49 -11.33 -2.65 -10.44
CA GLY A 49 -12.37 -1.97 -9.67
C GLY A 49 -12.04 -1.88 -8.18
N LYS A 50 -13.10 -1.68 -7.39
CA LYS A 50 -13.08 -1.50 -5.94
C LYS A 50 -12.29 -2.59 -5.21
N TRP A 51 -11.27 -2.13 -4.50
CA TRP A 51 -10.43 -2.91 -3.61
C TRP A 51 -10.16 -2.10 -2.34
N PHE A 52 -10.21 -2.80 -1.20
CA PHE A 52 -9.97 -2.24 0.12
C PHE A 52 -8.80 -2.97 0.76
N CYS A 53 -7.83 -2.16 1.21
CA CYS A 53 -6.53 -2.53 1.75
C CYS A 53 -6.59 -3.44 2.99
N PRO A 54 -5.46 -3.97 3.51
CA PRO A 54 -5.49 -5.03 4.50
C PRO A 54 -6.12 -4.58 5.82
N ARG A 55 -5.86 -3.35 6.29
CA ARG A 55 -6.45 -2.82 7.51
C ARG A 55 -7.81 -2.15 7.28
N CYS A 56 -8.44 -2.50 6.15
CA CYS A 56 -9.73 -2.03 5.72
C CYS A 56 -10.67 -3.15 5.27
N SER A 57 -10.19 -4.40 5.13
CA SER A 57 -11.03 -5.55 4.82
C SER A 57 -10.40 -6.88 5.24
N GLN A 58 -9.08 -7.05 5.06
CA GLN A 58 -8.35 -8.28 5.40
C GLN A 58 -8.12 -8.42 6.93
N GLU A 59 -8.32 -7.32 7.67
CA GLU A 59 -8.08 -7.14 9.10
C GLU A 59 -9.05 -6.04 9.55
N ARG A 60 -9.60 -6.21 10.74
CA ARG A 60 -10.71 -5.41 11.26
C ARG A 60 -10.24 -4.35 12.26
N LYS A 61 -9.04 -3.80 12.00
CA LYS A 61 -8.37 -2.78 12.82
C LYS A 61 -9.19 -1.48 12.93
N LYS A 62 -9.98 -1.14 11.90
CA LYS A 62 -10.82 0.06 11.84
C LYS A 62 -12.06 -0.21 10.95
N LYS A 63 -12.75 -1.33 11.24
CA LYS A 63 -13.92 -1.81 10.49
C LYS A 63 -14.91 -2.50 11.43
N MET A 1 27.79 7.81 10.07
CA MET A 1 27.14 8.88 10.86
C MET A 1 27.34 10.24 10.20
N ASP A 2 26.42 11.18 10.47
CA ASP A 2 26.41 12.55 9.95
C ASP A 2 26.48 12.62 8.40
N MET A 3 25.96 11.58 7.73
CA MET A 3 26.06 11.37 6.29
C MET A 3 25.21 12.40 5.51
N PRO A 4 25.57 12.71 4.24
CA PRO A 4 24.92 13.75 3.43
C PRO A 4 23.61 13.30 2.76
N VAL A 5 22.86 12.38 3.39
CA VAL A 5 21.64 11.78 2.88
C VAL A 5 20.48 12.04 3.85
N ASP A 6 19.70 13.08 3.52
CA ASP A 6 18.52 13.51 4.27
C ASP A 6 17.36 12.51 4.14
N PRO A 7 16.41 12.50 5.10
CA PRO A 7 15.17 11.74 5.00
C PRO A 7 14.17 12.34 3.99
N ASN A 8 14.53 13.45 3.33
CA ASN A 8 13.75 14.15 2.31
C ASN A 8 13.74 13.33 1.00
N GLU A 9 12.86 12.32 0.96
CA GLU A 9 12.81 11.29 -0.08
C GLU A 9 11.36 10.80 -0.22
N PRO A 10 10.83 10.60 -1.45
CA PRO A 10 9.44 10.21 -1.67
C PRO A 10 9.18 8.74 -1.31
N THR A 11 7.90 8.43 -1.08
CA THR A 11 7.39 7.12 -0.67
C THR A 11 6.02 6.89 -1.33
N TYR A 12 5.50 5.66 -1.17
CA TYR A 12 4.20 5.26 -1.72
C TYR A 12 3.37 4.41 -0.77
N CYS A 13 3.93 3.31 -0.25
CA CYS A 13 3.35 2.36 0.69
C CYS A 13 3.16 2.95 2.10
N LEU A 14 2.37 2.24 2.93
CA LEU A 14 2.32 2.49 4.37
C LEU A 14 3.60 2.03 5.08
N CYS A 15 4.52 1.37 4.35
CA CYS A 15 5.84 0.98 4.84
C CYS A 15 6.80 2.19 4.83
N HIS A 16 6.56 3.13 3.90
CA HIS A 16 7.16 4.45 3.80
C HIS A 16 8.62 4.41 3.36
N GLN A 17 8.84 3.76 2.22
CA GLN A 17 10.09 3.82 1.46
C GLN A 17 9.76 3.96 -0.03
N VAL A 18 10.80 4.21 -0.85
CA VAL A 18 10.70 4.51 -2.28
C VAL A 18 10.15 3.33 -3.09
N SER A 19 9.96 3.55 -4.40
CA SER A 19 9.32 2.66 -5.39
C SER A 19 9.75 1.18 -5.32
N TYR A 20 8.83 0.32 -5.77
CA TYR A 20 8.92 -1.14 -5.66
C TYR A 20 8.24 -1.81 -6.87
N GLY A 21 8.64 -3.06 -7.14
CA GLY A 21 8.30 -3.78 -8.36
C GLY A 21 6.81 -4.11 -8.54
N GLU A 22 6.12 -4.47 -7.45
CA GLU A 22 4.73 -4.92 -7.47
C GLU A 22 3.86 -3.98 -6.64
N MET A 23 2.83 -3.40 -7.27
CA MET A 23 2.09 -2.29 -6.67
C MET A 23 0.59 -2.33 -6.96
N ILE A 24 -0.18 -1.97 -5.93
CA ILE A 24 -1.62 -1.72 -5.99
C ILE A 24 -1.98 -0.56 -5.04
N GLY A 25 -3.04 0.17 -5.36
CA GLY A 25 -3.39 1.42 -4.71
C GLY A 25 -4.88 1.54 -4.45
N CYS A 26 -5.23 2.19 -3.32
CA CYS A 26 -6.62 2.25 -2.85
C CYS A 26 -7.47 3.12 -3.78
N ASP A 27 -8.73 2.69 -3.89
CA ASP A 27 -9.77 3.24 -4.75
C ASP A 27 -10.46 4.48 -4.17
N ASN A 28 -10.16 4.85 -2.91
CA ASN A 28 -10.92 5.88 -2.19
C ASN A 28 -10.52 7.29 -2.63
N PRO A 29 -11.46 8.25 -2.66
CA PRO A 29 -11.16 9.67 -2.81
C PRO A 29 -10.63 10.29 -1.49
N ASP A 30 -10.39 9.46 -0.46
CA ASP A 30 -10.06 9.85 0.91
C ASP A 30 -8.77 9.17 1.42
N CYS A 31 -8.20 8.22 0.66
CA CYS A 31 -6.93 7.59 0.97
C CYS A 31 -5.81 8.61 0.86
N SER A 32 -4.94 8.59 1.88
CA SER A 32 -3.84 9.53 2.09
C SER A 32 -2.47 8.85 1.93
N ILE A 33 -2.47 7.60 1.43
CA ILE A 33 -1.29 6.80 1.13
C ILE A 33 -1.29 6.43 -0.36
N GLU A 34 -2.49 6.23 -0.94
CA GLU A 34 -2.84 5.88 -2.33
C GLU A 34 -2.12 4.69 -3.00
N TRP A 35 -1.07 4.12 -2.41
CA TRP A 35 -0.32 2.98 -2.93
C TRP A 35 0.18 2.06 -1.82
N PHE A 36 0.44 0.80 -2.20
CA PHE A 36 0.84 -0.29 -1.31
C PHE A 36 1.54 -1.38 -2.14
N HIS A 37 2.41 -2.17 -1.50
CA HIS A 37 2.90 -3.41 -2.12
C HIS A 37 1.76 -4.42 -2.18
N PHE A 38 1.84 -5.36 -3.13
CA PHE A 38 0.99 -6.55 -3.14
C PHE A 38 1.09 -7.25 -1.78
N ALA A 39 2.32 -7.49 -1.32
CA ALA A 39 2.59 -8.18 -0.07
C ALA A 39 2.22 -7.34 1.17
N CYS A 40 1.95 -6.04 1.01
CA CYS A 40 1.43 -5.18 2.07
C CYS A 40 -0.02 -5.53 2.46
N VAL A 41 -0.75 -6.24 1.59
CA VAL A 41 -2.08 -6.80 1.84
C VAL A 41 -2.09 -8.34 1.82
N GLY A 42 -1.07 -8.91 1.16
CA GLY A 42 -0.88 -10.35 0.99
C GLY A 42 -1.20 -10.85 -0.43
N LEU A 43 -1.27 -9.96 -1.44
CA LEU A 43 -1.56 -10.34 -2.83
C LEU A 43 -0.38 -11.08 -3.48
N THR A 44 -0.69 -11.77 -4.58
CA THR A 44 0.25 -12.62 -5.34
C THR A 44 0.06 -12.43 -6.86
N THR A 45 -1.12 -12.01 -7.31
CA THR A 45 -1.46 -11.72 -8.71
C THR A 45 -2.32 -10.44 -8.74
N LYS A 46 -2.07 -9.58 -9.74
CA LYS A 46 -2.64 -8.24 -9.80
C LYS A 46 -4.11 -8.25 -10.26
N PRO A 47 -5.07 -7.77 -9.43
CA PRO A 47 -6.45 -7.52 -9.86
C PRO A 47 -6.57 -6.17 -10.59
N ARG A 48 -7.76 -5.86 -11.10
CA ARG A 48 -8.11 -4.57 -11.67
C ARG A 48 -9.56 -4.25 -11.36
N GLY A 49 -9.78 -3.00 -10.93
CA GLY A 49 -11.06 -2.48 -10.47
C GLY A 49 -10.93 -1.83 -9.10
N LYS A 50 -12.07 -1.58 -8.44
CA LYS A 50 -12.15 -1.15 -7.06
C LYS A 50 -11.52 -2.21 -6.15
N TRP A 51 -10.50 -1.76 -5.42
CA TRP A 51 -9.76 -2.48 -4.41
C TRP A 51 -9.50 -1.55 -3.23
N PHE A 52 -9.53 -2.12 -2.03
CA PHE A 52 -9.35 -1.40 -0.77
C PHE A 52 -8.15 -1.98 -0.03
N CYS A 53 -7.31 -1.08 0.51
CA CYS A 53 -6.12 -1.40 1.27
C CYS A 53 -6.45 -2.09 2.60
N PRO A 54 -5.47 -2.67 3.34
CA PRO A 54 -5.79 -3.46 4.52
C PRO A 54 -6.38 -2.62 5.65
N ARG A 55 -5.92 -1.37 5.82
CA ARG A 55 -6.46 -0.43 6.79
C ARG A 55 -7.80 0.19 6.37
N CYS A 56 -8.34 -0.19 5.20
CA CYS A 56 -9.56 0.34 4.63
C CYS A 56 -10.69 -0.69 4.51
N SER A 57 -10.39 -2.00 4.50
CA SER A 57 -11.43 -3.04 4.43
C SER A 57 -11.02 -4.35 5.10
N GLN A 58 -9.73 -4.67 5.17
CA GLN A 58 -9.25 -5.91 5.81
C GLN A 58 -9.28 -5.80 7.35
N GLU A 59 -9.44 -4.59 7.91
CA GLU A 59 -9.69 -4.39 9.34
C GLU A 59 -11.12 -4.82 9.76
N ARG A 60 -12.00 -5.11 8.79
CA ARG A 60 -13.35 -5.65 9.02
C ARG A 60 -13.31 -7.19 9.22
N LYS A 61 -12.19 -7.71 9.75
CA LYS A 61 -11.96 -9.13 10.05
C LYS A 61 -12.99 -9.74 11.02
N LYS A 62 -13.71 -8.90 11.79
CA LYS A 62 -14.87 -9.29 12.59
C LYS A 62 -16.09 -9.47 11.68
N LYS A 63 -16.13 -10.61 10.96
CA LYS A 63 -17.11 -10.96 9.92
C LYS A 63 -17.15 -9.93 8.79
N MET A 1 29.39 6.38 12.85
CA MET A 1 28.10 5.86 12.38
C MET A 1 27.27 6.98 11.75
N ASP A 2 27.76 7.46 10.61
CA ASP A 2 27.23 8.62 9.90
C ASP A 2 25.97 8.30 9.11
N MET A 3 25.15 9.33 8.86
CA MET A 3 23.91 9.25 8.09
C MET A 3 23.67 10.60 7.37
N PRO A 4 24.40 10.89 6.26
CA PRO A 4 24.31 12.13 5.49
C PRO A 4 23.06 12.17 4.58
N VAL A 5 21.97 11.49 4.97
CA VAL A 5 20.77 11.26 4.20
C VAL A 5 19.55 11.52 5.08
N ASP A 6 18.69 12.44 4.62
CA ASP A 6 17.45 12.84 5.27
C ASP A 6 16.33 11.80 5.05
N PRO A 7 15.30 11.76 5.93
CA PRO A 7 14.09 10.97 5.72
C PRO A 7 13.15 11.58 4.64
N ASN A 8 13.54 12.71 4.03
CA ASN A 8 12.83 13.42 2.98
C ASN A 8 12.89 12.63 1.67
N GLU A 9 11.96 11.67 1.52
CA GLU A 9 11.95 10.68 0.46
C GLU A 9 10.48 10.26 0.22
N PRO A 10 10.03 10.10 -1.05
CA PRO A 10 8.65 9.74 -1.36
C PRO A 10 8.37 8.26 -1.04
N THR A 11 7.09 7.95 -0.77
CA THR A 11 6.64 6.64 -0.34
C THR A 11 5.23 6.35 -0.87
N TYR A 12 4.76 5.11 -0.62
CA TYR A 12 3.53 4.56 -1.20
C TYR A 12 2.68 3.79 -0.18
N CYS A 13 2.98 2.51 0.10
CA CYS A 13 2.20 1.66 1.01
C CYS A 13 2.06 2.26 2.42
N LEU A 14 1.16 1.65 3.21
CA LEU A 14 0.98 1.91 4.63
C LEU A 14 2.27 1.69 5.45
N CYS A 15 3.26 1.04 4.81
CA CYS A 15 4.60 0.78 5.33
C CYS A 15 5.51 2.00 5.30
N HIS A 16 5.17 3.00 4.47
CA HIS A 16 5.94 4.19 4.16
C HIS A 16 7.32 3.83 3.59
N GLN A 17 7.31 3.19 2.41
CA GLN A 17 8.50 2.84 1.63
C GLN A 17 8.41 3.30 0.17
N VAL A 18 9.58 3.44 -0.47
CA VAL A 18 9.77 3.91 -1.84
C VAL A 18 9.23 2.88 -2.87
N SER A 19 9.39 3.20 -4.16
CA SER A 19 9.03 2.40 -5.34
C SER A 19 9.40 0.91 -5.20
N TYR A 20 8.54 0.06 -5.79
CA TYR A 20 8.54 -1.39 -5.57
C TYR A 20 8.00 -2.14 -6.80
N GLY A 21 8.23 -3.46 -6.82
CA GLY A 21 8.03 -4.33 -7.96
C GLY A 21 6.57 -4.54 -8.37
N GLU A 22 5.68 -4.85 -7.40
CA GLU A 22 4.30 -5.26 -7.68
C GLU A 22 3.33 -4.40 -6.87
N MET A 23 2.37 -3.77 -7.56
CA MET A 23 1.57 -2.70 -6.98
C MET A 23 0.09 -2.75 -7.37
N ILE A 24 -0.75 -2.30 -6.44
CA ILE A 24 -2.17 -2.02 -6.63
C ILE A 24 -2.52 -0.68 -5.97
N GLY A 25 -3.60 -0.04 -6.45
CA GLY A 25 -3.99 1.31 -6.06
C GLY A 25 -5.48 1.40 -5.73
N CYS A 26 -5.79 2.17 -4.67
CA CYS A 26 -7.08 2.21 -3.99
C CYS A 26 -8.09 3.09 -4.74
N ASP A 27 -9.26 2.51 -5.02
CA ASP A 27 -10.35 3.09 -5.80
C ASP A 27 -11.08 4.24 -5.09
N ASN A 28 -10.71 4.55 -3.84
CA ASN A 28 -11.39 5.55 -3.02
C ASN A 28 -11.20 6.97 -3.58
N PRO A 29 -12.19 7.87 -3.44
CA PRO A 29 -12.01 9.30 -3.65
C PRO A 29 -11.39 9.99 -2.42
N ASP A 30 -11.00 9.22 -1.37
CA ASP A 30 -10.60 9.72 -0.05
C ASP A 30 -9.31 9.08 0.51
N CYS A 31 -8.83 7.98 -0.08
CA CYS A 31 -7.66 7.26 0.41
C CYS A 31 -6.42 8.14 0.33
N SER A 32 -5.69 8.15 1.44
CA SER A 32 -4.52 9.01 1.70
C SER A 32 -3.21 8.20 1.68
N ILE A 33 -3.28 6.95 1.22
CA ILE A 33 -2.14 6.06 1.00
C ILE A 33 -2.10 5.69 -0.50
N GLU A 34 -3.29 5.41 -1.08
CA GLU A 34 -3.65 5.18 -2.50
C GLU A 34 -2.81 4.21 -3.36
N TRP A 35 -1.65 3.73 -2.90
CA TRP A 35 -0.83 2.71 -3.52
C TRP A 35 -0.28 1.78 -2.44
N PHE A 36 -0.34 0.48 -2.73
CA PHE A 36 -0.09 -0.59 -1.77
C PHE A 36 0.63 -1.74 -2.49
N HIS A 37 1.36 -2.55 -1.72
CA HIS A 37 1.88 -3.83 -2.21
C HIS A 37 0.73 -4.83 -2.33
N PHE A 38 0.86 -5.73 -3.30
CA PHE A 38 0.01 -6.91 -3.37
C PHE A 38 0.05 -7.66 -2.04
N ALA A 39 1.23 -7.94 -1.53
CA ALA A 39 1.42 -8.68 -0.30
C ALA A 39 1.00 -7.90 0.96
N CYS A 40 0.79 -6.57 0.88
CA CYS A 40 0.25 -5.79 1.98
C CYS A 40 -1.27 -5.94 2.12
N VAL A 41 -1.94 -6.59 1.16
CA VAL A 41 -3.35 -7.00 1.22
C VAL A 41 -3.51 -8.53 1.12
N GLY A 42 -2.44 -9.21 0.71
CA GLY A 42 -2.35 -10.65 0.55
C GLY A 42 -2.60 -11.13 -0.89
N LEU A 43 -2.51 -10.24 -1.88
CA LEU A 43 -2.66 -10.58 -3.29
C LEU A 43 -1.44 -11.37 -3.80
N THR A 44 -1.67 -12.07 -4.92
CA THR A 44 -0.68 -12.91 -5.62
C THR A 44 -0.72 -12.63 -7.13
N THR A 45 -1.62 -11.73 -7.58
CA THR A 45 -1.84 -11.34 -8.97
C THR A 45 -2.34 -9.89 -9.02
N LYS A 46 -2.52 -9.35 -10.24
CA LYS A 46 -3.02 -8.00 -10.48
C LYS A 46 -4.46 -8.09 -11.04
N PRO A 47 -5.51 -7.77 -10.24
CA PRO A 47 -6.88 -7.70 -10.72
C PRO A 47 -7.11 -6.43 -11.57
N ARG A 48 -8.33 -6.31 -12.13
CA ARG A 48 -8.79 -5.14 -12.85
C ARG A 48 -10.25 -4.90 -12.48
N GLY A 49 -10.52 -3.63 -12.19
CA GLY A 49 -11.77 -3.13 -11.61
C GLY A 49 -11.50 -2.35 -10.32
N LYS A 50 -12.58 -1.92 -9.66
CA LYS A 50 -12.53 -1.29 -8.36
C LYS A 50 -12.06 -2.28 -7.30
N TRP A 51 -11.10 -1.82 -6.52
CA TRP A 51 -10.48 -2.50 -5.39
C TRP A 51 -10.33 -1.51 -4.23
N PHE A 52 -10.56 -2.02 -3.03
CA PHE A 52 -10.47 -1.26 -1.79
C PHE A 52 -9.51 -1.96 -0.85
N CYS A 53 -8.54 -1.16 -0.38
CA CYS A 53 -7.40 -1.57 0.43
C CYS A 53 -7.79 -2.22 1.77
N PRO A 54 -6.86 -2.86 2.50
CA PRO A 54 -7.21 -3.65 3.66
C PRO A 54 -7.78 -2.80 4.80
N ARG A 55 -7.36 -1.53 4.92
CA ARG A 55 -7.83 -0.59 5.93
C ARG A 55 -9.10 0.17 5.49
N CYS A 56 -9.76 -0.31 4.42
CA CYS A 56 -10.96 0.26 3.84
C CYS A 56 -12.06 -0.79 3.58
N SER A 57 -11.73 -2.08 3.62
CA SER A 57 -12.69 -3.16 3.35
C SER A 57 -12.36 -4.44 4.15
N GLN A 58 -11.07 -4.78 4.28
CA GLN A 58 -10.63 -6.02 4.93
C GLN A 58 -10.59 -5.92 6.47
N GLU A 59 -10.72 -4.72 7.04
CA GLU A 59 -10.87 -4.51 8.49
C GLU A 59 -12.22 -5.01 9.03
N ARG A 60 -13.16 -5.40 8.15
CA ARG A 60 -14.49 -5.90 8.48
C ARG A 60 -14.39 -7.21 9.26
N LYS A 61 -14.63 -7.12 10.58
CA LYS A 61 -14.57 -8.21 11.56
C LYS A 61 -13.26 -9.04 11.50
N LYS A 62 -12.15 -8.42 11.09
CA LYS A 62 -10.84 -9.05 10.95
C LYS A 62 -9.75 -8.00 11.08
N LYS A 63 -8.62 -8.38 11.72
CA LYS A 63 -7.38 -7.62 11.75
C LYS A 63 -6.23 -8.58 12.03
N MET A 1 18.86 9.70 11.25
CA MET A 1 19.44 9.03 10.06
C MET A 1 19.63 7.55 10.34
N ASP A 2 18.80 6.74 9.66
CA ASP A 2 18.63 5.31 9.92
C ASP A 2 18.48 4.51 8.61
N MET A 3 18.64 5.18 7.46
CA MET A 3 18.45 4.65 6.11
C MET A 3 19.45 5.33 5.15
N PRO A 4 19.76 4.72 3.98
CA PRO A 4 20.62 5.31 2.95
C PRO A 4 19.93 6.44 2.14
N VAL A 5 18.80 6.98 2.64
CA VAL A 5 18.01 8.03 2.04
C VAL A 5 17.65 9.06 3.13
N ASP A 6 17.76 10.33 2.74
CA ASP A 6 17.40 11.50 3.53
C ASP A 6 15.87 11.58 3.77
N PRO A 7 15.42 12.37 4.78
CA PRO A 7 14.00 12.71 4.95
C PRO A 7 13.51 13.67 3.85
N ASN A 8 14.43 14.18 3.00
CA ASN A 8 14.19 15.07 1.87
C ASN A 8 13.89 14.28 0.59
N GLU A 9 13.14 13.18 0.72
CA GLU A 9 12.89 12.19 -0.32
C GLU A 9 11.43 11.70 -0.18
N PRO A 10 10.63 11.69 -1.26
CA PRO A 10 9.23 11.26 -1.21
C PRO A 10 9.11 9.74 -1.01
N THR A 11 7.94 9.31 -0.51
CA THR A 11 7.65 7.93 -0.14
C THR A 11 6.19 7.59 -0.48
N TYR A 12 5.84 6.32 -0.25
CA TYR A 12 4.56 5.73 -0.65
C TYR A 12 3.93 4.85 0.43
N CYS A 13 4.35 3.58 0.61
CA CYS A 13 3.76 2.63 1.56
C CYS A 13 3.75 3.15 3.00
N LEU A 14 3.00 2.45 3.86
CA LEU A 14 3.01 2.64 5.31
C LEU A 14 4.40 2.42 5.93
N CYS A 15 5.33 1.89 5.14
CA CYS A 15 6.74 1.70 5.45
C CYS A 15 7.56 3.01 5.38
N HIS A 16 7.05 4.00 4.63
CA HIS A 16 7.74 5.23 4.25
C HIS A 16 9.08 4.95 3.57
N GLN A 17 8.99 4.38 2.35
CA GLN A 17 10.10 4.15 1.44
C GLN A 17 9.79 4.68 0.02
N VAL A 18 10.84 4.89 -0.77
CA VAL A 18 10.78 5.43 -2.14
C VAL A 18 10.15 4.41 -3.12
N SER A 19 10.06 4.78 -4.41
CA SER A 19 9.52 4.02 -5.54
C SER A 19 9.99 2.57 -5.61
N TYR A 20 9.12 1.72 -6.18
CA TYR A 20 9.23 0.26 -6.17
C TYR A 20 8.52 -0.37 -7.38
N GLY A 21 8.76 -1.67 -7.59
CA GLY A 21 8.37 -2.39 -8.80
C GLY A 21 6.86 -2.63 -8.94
N GLU A 22 6.22 -3.17 -7.90
CA GLU A 22 4.84 -3.64 -7.97
C GLU A 22 4.00 -2.98 -6.87
N MET A 23 2.93 -2.29 -7.30
CA MET A 23 2.20 -1.37 -6.42
C MET A 23 0.69 -1.36 -6.67
N ILE A 24 -0.06 -1.16 -5.59
CA ILE A 24 -1.50 -0.88 -5.60
C ILE A 24 -1.84 0.15 -4.52
N GLY A 25 -2.91 0.91 -4.73
CA GLY A 25 -3.26 2.09 -3.93
C GLY A 25 -4.71 2.08 -3.50
N CYS A 26 -4.95 2.64 -2.29
CA CYS A 26 -6.28 2.58 -1.68
C CYS A 26 -7.29 3.48 -2.41
N ASP A 27 -8.51 2.97 -2.47
CA ASP A 27 -9.66 3.54 -3.15
C ASP A 27 -10.36 4.68 -2.37
N ASN A 28 -10.00 4.93 -1.11
CA ASN A 28 -10.71 5.91 -0.27
C ASN A 28 -10.35 7.35 -0.70
N PRO A 29 -11.31 8.29 -0.66
CA PRO A 29 -11.04 9.72 -0.79
C PRO A 29 -10.43 10.31 0.50
N ASP A 30 -10.11 9.45 1.49
CA ASP A 30 -9.64 9.80 2.83
C ASP A 30 -8.30 9.11 3.18
N CYS A 31 -7.80 8.21 2.32
CA CYS A 31 -6.50 7.60 2.47
C CYS A 31 -5.41 8.66 2.39
N SER A 32 -4.48 8.58 3.33
CA SER A 32 -3.38 9.51 3.55
C SER A 32 -2.01 8.87 3.29
N ILE A 33 -2.01 7.66 2.71
CA ILE A 33 -0.84 6.89 2.30
C ILE A 33 -0.88 6.63 0.78
N GLU A 34 -2.11 6.50 0.23
CA GLU A 34 -2.53 6.31 -1.17
C GLU A 34 -1.86 5.21 -2.01
N TRP A 35 -0.74 4.62 -1.58
CA TRP A 35 -0.02 3.56 -2.27
C TRP A 35 0.56 2.56 -1.27
N PHE A 36 0.72 1.33 -1.72
CA PHE A 36 1.14 0.18 -0.93
C PHE A 36 1.82 -0.86 -1.81
N HIS A 37 2.75 -1.63 -1.22
CA HIS A 37 3.29 -2.81 -1.88
C HIS A 37 2.23 -3.91 -1.91
N PHE A 38 2.31 -4.75 -2.95
CA PHE A 38 1.57 -6.01 -3.00
C PHE A 38 1.86 -6.82 -1.75
N ALA A 39 3.14 -7.01 -1.43
CA ALA A 39 3.57 -7.80 -0.30
C ALA A 39 3.30 -7.13 1.06
N CYS A 40 2.95 -5.83 1.10
CA CYS A 40 2.53 -5.17 2.32
C CYS A 40 1.09 -5.52 2.70
N VAL A 41 0.31 -6.15 1.79
CA VAL A 41 -1.02 -6.72 2.03
C VAL A 41 -1.05 -8.24 1.84
N GLY A 42 0.00 -8.77 1.20
CA GLY A 42 0.19 -10.18 0.92
C GLY A 42 -0.29 -10.61 -0.48
N LEU A 43 -0.44 -9.66 -1.43
CA LEU A 43 -0.82 -9.96 -2.80
C LEU A 43 0.30 -10.66 -3.57
N THR A 44 -0.09 -11.38 -4.63
CA THR A 44 0.78 -12.18 -5.50
C THR A 44 0.50 -11.86 -6.99
N THR A 45 -0.71 -11.39 -7.31
CA THR A 45 -1.12 -10.88 -8.62
C THR A 45 -1.98 -9.64 -8.40
N LYS A 46 -1.96 -8.71 -9.36
CA LYS A 46 -2.62 -7.42 -9.24
C LYS A 46 -4.14 -7.56 -9.53
N PRO A 47 -5.03 -7.23 -8.57
CA PRO A 47 -6.46 -7.13 -8.83
C PRO A 47 -6.78 -5.80 -9.55
N ARG A 48 -8.00 -5.69 -10.11
CA ARG A 48 -8.46 -4.50 -10.80
C ARG A 48 -9.91 -4.23 -10.41
N GLY A 49 -10.11 -2.96 -10.04
CA GLY A 49 -11.31 -2.43 -9.40
C GLY A 49 -10.90 -1.66 -8.14
N LYS A 50 -11.88 -1.35 -7.29
CA LYS A 50 -11.63 -0.82 -5.96
C LYS A 50 -11.00 -1.90 -5.08
N TRP A 51 -10.08 -1.43 -4.25
CA TRP A 51 -9.27 -2.19 -3.33
C TRP A 51 -9.01 -1.32 -2.10
N PHE A 52 -8.91 -1.97 -0.94
CA PHE A 52 -8.65 -1.34 0.34
C PHE A 52 -7.43 -1.98 1.00
N CYS A 53 -6.57 -1.11 1.57
CA CYS A 53 -5.30 -1.47 2.20
C CYS A 53 -5.51 -2.24 3.51
N PRO A 54 -4.45 -2.82 4.12
CA PRO A 54 -4.57 -3.65 5.31
C PRO A 54 -4.84 -2.87 6.61
N ARG A 55 -4.96 -1.54 6.51
CA ARG A 55 -5.35 -0.62 7.57
C ARG A 55 -6.66 0.11 7.20
N CYS A 56 -7.39 -0.42 6.22
CA CYS A 56 -8.63 0.13 5.68
C CYS A 56 -9.72 -0.93 5.49
N SER A 57 -9.37 -2.23 5.50
CA SER A 57 -10.35 -3.32 5.42
C SER A 57 -9.83 -4.62 6.05
N GLN A 58 -8.56 -4.96 5.83
CA GLN A 58 -7.95 -6.18 6.39
C GLN A 58 -7.65 -6.03 7.90
N GLU A 59 -7.85 -4.83 8.46
CA GLU A 59 -7.75 -4.52 9.89
C GLU A 59 -8.93 -5.11 10.71
N ARG A 60 -9.81 -5.88 10.06
CA ARG A 60 -10.98 -6.54 10.63
C ARG A 60 -11.17 -7.92 9.99
N LYS A 61 -11.83 -8.82 10.71
CA LYS A 61 -12.07 -10.22 10.34
C LYS A 61 -13.55 -10.60 10.57
N LYS A 62 -14.46 -9.67 10.23
CA LYS A 62 -15.90 -9.84 10.31
C LYS A 62 -16.55 -8.97 9.22
N LYS A 63 -17.45 -9.60 8.44
CA LYS A 63 -18.05 -9.07 7.21
C LYS A 63 -17.00 -8.46 6.27
N MET A 1 19.68 12.39 14.23
CA MET A 1 21.09 12.38 13.74
C MET A 1 21.24 11.39 12.59
N ASP A 2 20.96 10.11 12.84
CA ASP A 2 20.99 9.05 11.85
C ASP A 2 19.99 9.28 10.70
N MET A 3 20.35 8.78 9.52
CA MET A 3 19.55 8.83 8.30
C MET A 3 19.84 7.55 7.49
N PRO A 4 19.12 6.43 7.74
CA PRO A 4 19.24 5.20 6.96
C PRO A 4 18.72 5.35 5.52
N VAL A 5 18.01 6.45 5.24
CA VAL A 5 17.59 6.91 3.93
C VAL A 5 17.41 8.44 4.01
N ASP A 6 17.62 9.10 2.87
CA ASP A 6 17.48 10.54 2.72
C ASP A 6 16.03 10.99 2.94
N PRO A 7 15.80 12.25 3.40
CA PRO A 7 14.49 12.88 3.44
C PRO A 7 14.00 13.33 2.04
N ASN A 8 14.72 12.93 0.98
CA ASN A 8 14.50 13.34 -0.42
C ASN A 8 14.14 12.12 -1.28
N GLU A 9 13.34 11.20 -0.71
CA GLU A 9 13.04 9.89 -1.28
C GLU A 9 11.54 9.58 -1.05
N PRO A 10 10.71 9.54 -2.11
CA PRO A 10 9.29 9.21 -1.98
C PRO A 10 9.09 7.71 -1.69
N THR A 11 7.90 7.38 -1.16
CA THR A 11 7.53 6.03 -0.74
C THR A 11 6.05 5.79 -1.03
N TYR A 12 5.61 4.55 -0.78
CA TYR A 12 4.30 4.04 -1.21
C TYR A 12 3.56 3.29 -0.09
N CYS A 13 3.82 1.98 0.14
CA CYS A 13 3.13 1.13 1.10
C CYS A 13 3.12 1.68 2.54
N LEU A 14 2.33 1.04 3.39
CA LEU A 14 2.33 1.25 4.84
C LEU A 14 3.71 0.97 5.48
N CYS A 15 4.59 0.31 4.71
CA CYS A 15 5.98 0.03 5.02
C CYS A 15 6.88 1.26 4.86
N HIS A 16 6.46 2.22 4.04
CA HIS A 16 7.19 3.39 3.59
C HIS A 16 8.54 3.02 2.96
N GLN A 17 8.46 2.38 1.79
CA GLN A 17 9.56 2.04 0.92
C GLN A 17 9.34 2.59 -0.50
N VAL A 18 10.43 2.70 -1.27
CA VAL A 18 10.47 3.21 -2.65
C VAL A 18 9.77 2.23 -3.62
N SER A 19 9.76 2.59 -4.91
CA SER A 19 9.19 1.83 -6.04
C SER A 19 9.53 0.32 -6.01
N TYR A 20 8.60 -0.48 -6.53
CA TYR A 20 8.57 -1.93 -6.37
C TYR A 20 7.86 -2.63 -7.54
N GLY A 21 8.00 -3.96 -7.59
CA GLY A 21 7.62 -4.80 -8.72
C GLY A 21 6.11 -4.90 -8.97
N GLU A 22 5.32 -5.27 -7.95
CA GLU A 22 3.90 -5.56 -8.08
C GLU A 22 3.10 -4.70 -7.11
N MET A 23 2.12 -3.95 -7.64
CA MET A 23 1.47 -2.88 -6.89
C MET A 23 -0.04 -2.78 -7.16
N ILE A 24 -0.76 -2.41 -6.10
CA ILE A 24 -2.19 -2.10 -6.11
C ILE A 24 -2.44 -0.81 -5.30
N GLY A 25 -3.49 -0.08 -5.69
CA GLY A 25 -3.79 1.26 -5.19
C GLY A 25 -5.23 1.38 -4.69
N CYS A 26 -5.38 2.08 -3.56
CA CYS A 26 -6.59 2.14 -2.75
C CYS A 26 -7.64 3.03 -3.41
N ASP A 27 -8.85 2.47 -3.61
CA ASP A 27 -9.99 3.10 -4.26
C ASP A 27 -10.62 4.23 -3.43
N ASN A 28 -10.14 4.47 -2.20
CA ASN A 28 -10.74 5.44 -1.29
C ASN A 28 -10.53 6.87 -1.81
N PRO A 29 -11.49 7.80 -1.59
CA PRO A 29 -11.28 9.22 -1.78
C PRO A 29 -10.56 9.85 -0.56
N ASP A 30 -10.07 9.03 0.40
CA ASP A 30 -9.57 9.46 1.71
C ASP A 30 -8.23 8.83 2.10
N CYS A 31 -7.79 7.76 1.42
CA CYS A 31 -6.58 7.03 1.76
C CYS A 31 -5.34 7.91 1.58
N SER A 32 -4.48 7.84 2.59
CA SER A 32 -3.27 8.66 2.75
C SER A 32 -1.98 7.87 2.50
N ILE A 33 -2.13 6.63 2.02
CA ILE A 33 -1.05 5.71 1.65
C ILE A 33 -1.17 5.37 0.16
N GLU A 34 -2.42 5.15 -0.31
CA GLU A 34 -2.93 4.98 -1.68
C GLU A 34 -2.22 4.01 -2.65
N TRP A 35 -1.04 3.47 -2.32
CA TRP A 35 -0.33 2.42 -3.04
C TRP A 35 0.31 1.46 -2.05
N PHE A 36 0.19 0.17 -2.36
CA PHE A 36 0.51 -0.95 -1.48
C PHE A 36 1.08 -2.11 -2.31
N HIS A 37 1.84 -2.99 -1.66
CA HIS A 37 2.23 -4.26 -2.26
C HIS A 37 1.02 -5.20 -2.25
N PHE A 38 0.99 -6.08 -3.26
CA PHE A 38 0.07 -7.22 -3.27
C PHE A 38 0.20 -8.00 -1.96
N ALA A 39 1.44 -8.37 -1.60
CA ALA A 39 1.71 -9.16 -0.42
C ALA A 39 1.50 -8.41 0.89
N CYS A 40 1.37 -7.06 0.88
CA CYS A 40 1.04 -6.28 2.05
C CYS A 40 -0.47 -6.37 2.40
N VAL A 41 -1.30 -6.92 1.51
CA VAL A 41 -2.71 -7.25 1.74
C VAL A 41 -2.98 -8.75 1.65
N GLY A 42 -2.03 -9.48 1.05
CA GLY A 42 -2.04 -10.93 0.88
C GLY A 42 -2.43 -11.38 -0.54
N LEU A 43 -2.43 -10.46 -1.53
CA LEU A 43 -2.70 -10.80 -2.91
C LEU A 43 -1.52 -11.55 -3.55
N THR A 44 -1.82 -12.25 -4.64
CA THR A 44 -0.87 -13.01 -5.46
C THR A 44 -1.04 -12.70 -6.96
N THR A 45 -2.08 -11.94 -7.32
CA THR A 45 -2.39 -11.47 -8.67
C THR A 45 -3.00 -10.07 -8.57
N LYS A 46 -3.09 -9.36 -9.71
CA LYS A 46 -3.74 -8.06 -9.78
C LYS A 46 -5.23 -8.24 -10.11
N PRO A 47 -6.17 -7.76 -9.26
CA PRO A 47 -7.59 -7.70 -9.58
C PRO A 47 -7.88 -6.52 -10.53
N ARG A 48 -9.15 -6.36 -10.92
CA ARG A 48 -9.64 -5.20 -11.65
C ARG A 48 -11.03 -4.85 -11.12
N GLY A 49 -11.19 -3.55 -10.84
CA GLY A 49 -12.32 -2.97 -10.12
C GLY A 49 -11.81 -2.24 -8.87
N LYS A 50 -12.75 -1.82 -8.01
CA LYS A 50 -12.44 -1.22 -6.72
C LYS A 50 -11.87 -2.26 -5.77
N TRP A 51 -10.95 -1.77 -4.95
CA TRP A 51 -10.24 -2.49 -3.90
C TRP A 51 -9.96 -1.54 -2.73
N PHE A 52 -10.15 -2.05 -1.50
CA PHE A 52 -9.84 -1.36 -0.26
C PHE A 52 -8.78 -2.15 0.50
N CYS A 53 -7.77 -1.39 0.94
CA CYS A 53 -6.55 -1.84 1.59
C CYS A 53 -6.76 -2.53 2.95
N PRO A 54 -5.70 -3.11 3.58
CA PRO A 54 -5.85 -3.95 4.77
C PRO A 54 -6.20 -3.18 6.05
N ARG A 55 -6.26 -1.85 6.00
CA ARG A 55 -6.69 -0.98 7.09
C ARG A 55 -8.04 -0.31 6.75
N CYS A 56 -8.74 -0.80 5.72
CA CYS A 56 -9.96 -0.27 5.17
C CYS A 56 -11.02 -1.34 4.87
N SER A 57 -10.64 -2.63 4.82
CA SER A 57 -11.56 -3.74 4.60
C SER A 57 -11.08 -5.03 5.26
N GLN A 58 -9.78 -5.34 5.18
CA GLN A 58 -9.22 -6.55 5.81
C GLN A 58 -9.18 -6.42 7.35
N GLU A 59 -9.17 -5.18 7.86
CA GLU A 59 -9.23 -4.81 9.27
C GLU A 59 -10.57 -5.20 9.95
N ARG A 60 -11.56 -5.66 9.17
CA ARG A 60 -12.87 -6.09 9.65
C ARG A 60 -13.20 -7.51 9.12
N LYS A 61 -12.16 -8.28 8.79
CA LYS A 61 -12.23 -9.68 8.34
C LYS A 61 -11.25 -10.57 9.12
N LYS A 62 -10.20 -9.98 9.73
CA LYS A 62 -9.21 -10.67 10.54
C LYS A 62 -8.60 -9.69 11.55
N LYS A 63 -8.24 -10.21 12.73
CA LYS A 63 -7.44 -9.50 13.74
C LYS A 63 -5.96 -9.63 13.38
N MET A 1 15.60 5.54 12.58
CA MET A 1 16.93 5.48 11.95
C MET A 1 16.87 4.53 10.75
N ASP A 2 16.58 5.12 9.58
CA ASP A 2 16.25 4.43 8.34
C ASP A 2 16.39 5.39 7.16
N MET A 3 16.29 4.83 5.93
CA MET A 3 16.39 5.53 4.65
C MET A 3 17.53 6.59 4.63
N PRO A 4 18.81 6.18 4.73
CA PRO A 4 19.97 7.06 4.87
C PRO A 4 20.32 7.76 3.54
N VAL A 5 19.54 8.79 3.21
CA VAL A 5 19.63 9.63 2.02
C VAL A 5 19.05 11.01 2.37
N ASP A 6 18.95 11.88 1.37
CA ASP A 6 18.37 13.22 1.44
C ASP A 6 16.94 13.22 2.04
N PRO A 7 16.50 14.33 2.66
CA PRO A 7 15.12 14.52 3.12
C PRO A 7 14.12 14.73 1.96
N ASN A 8 14.59 14.59 0.70
CA ASN A 8 13.85 14.81 -0.53
C ASN A 8 13.52 13.46 -1.18
N GLU A 9 12.73 12.64 -0.45
CA GLU A 9 12.44 11.25 -0.80
C GLU A 9 10.92 11.05 -0.66
N PRO A 10 10.17 10.93 -1.78
CA PRO A 10 8.75 10.61 -1.74
C PRO A 10 8.53 9.13 -1.42
N THR A 11 7.34 8.80 -0.90
CA THR A 11 6.97 7.44 -0.48
C THR A 11 5.51 7.17 -0.84
N TYR A 12 5.09 5.91 -0.65
CA TYR A 12 3.82 5.40 -1.14
C TYR A 12 3.06 4.57 -0.09
N CYS A 13 3.36 3.26 0.08
CA CYS A 13 2.67 2.35 0.99
C CYS A 13 2.64 2.85 2.44
N LEU A 14 1.82 2.19 3.26
CA LEU A 14 1.76 2.34 4.71
C LEU A 14 3.12 2.08 5.40
N CYS A 15 4.07 1.51 4.64
CA CYS A 15 5.43 1.22 5.03
C CYS A 15 6.35 2.45 5.00
N HIS A 16 5.92 3.50 4.26
CA HIS A 16 6.67 4.71 3.96
C HIS A 16 8.00 4.39 3.25
N GLN A 17 7.90 3.78 2.05
CA GLN A 17 9.02 3.46 1.19
C GLN A 17 8.85 4.03 -0.23
N VAL A 18 9.97 4.16 -0.94
CA VAL A 18 10.10 4.74 -2.28
C VAL A 18 9.45 3.83 -3.34
N SER A 19 9.52 4.26 -4.62
CA SER A 19 9.03 3.57 -5.81
C SER A 19 9.38 2.08 -5.87
N TYR A 20 8.47 1.30 -6.48
CA TYR A 20 8.44 -0.16 -6.44
C TYR A 20 7.74 -0.73 -7.68
N GLY A 21 7.77 -2.06 -7.83
CA GLY A 21 7.33 -2.76 -9.02
C GLY A 21 5.80 -2.94 -9.08
N GLU A 22 5.25 -3.82 -8.22
CA GLU A 22 3.85 -4.19 -8.25
C GLU A 22 3.03 -3.30 -7.31
N MET A 23 2.05 -2.58 -7.87
CA MET A 23 1.35 -1.51 -7.16
C MET A 23 -0.15 -1.46 -7.46
N ILE A 24 -0.92 -1.13 -6.43
CA ILE A 24 -2.35 -0.86 -6.48
C ILE A 24 -2.68 0.41 -5.69
N GLY A 25 -3.73 1.12 -6.11
CA GLY A 25 -4.10 2.43 -5.61
C GLY A 25 -5.57 2.49 -5.17
N CYS A 26 -5.78 3.19 -4.04
CA CYS A 26 -7.03 3.20 -3.28
C CYS A 26 -8.08 4.12 -3.91
N ASP A 27 -9.27 3.54 -4.15
CA ASP A 27 -10.41 4.16 -4.84
C ASP A 27 -11.09 5.28 -4.02
N ASN A 28 -10.62 5.55 -2.80
CA ASN A 28 -11.25 6.50 -1.89
C ASN A 28 -11.16 7.95 -2.39
N PRO A 29 -12.13 8.81 -2.05
CA PRO A 29 -12.04 10.25 -2.23
C PRO A 29 -11.29 10.91 -1.04
N ASP A 30 -10.71 10.12 -0.12
CA ASP A 30 -10.21 10.58 1.18
C ASP A 30 -8.93 9.87 1.66
N CYS A 31 -8.50 8.77 1.02
CA CYS A 31 -7.28 8.03 1.39
C CYS A 31 -6.06 8.93 1.28
N SER A 32 -5.23 8.85 2.33
CA SER A 32 -4.06 9.69 2.57
C SER A 32 -2.76 8.88 2.43
N ILE A 33 -2.87 7.68 1.83
CA ILE A 33 -1.74 6.82 1.46
C ILE A 33 -1.81 6.53 -0.04
N GLU A 34 -3.03 6.26 -0.55
CA GLU A 34 -3.49 6.09 -1.94
C GLU A 34 -2.70 5.18 -2.90
N TRP A 35 -1.51 4.69 -2.55
CA TRP A 35 -0.74 3.68 -3.26
C TRP A 35 -0.12 2.71 -2.27
N PHE A 36 -0.21 1.43 -2.60
CA PHE A 36 0.09 0.30 -1.73
C PHE A 36 0.76 -0.79 -2.56
N HIS A 37 1.48 -1.68 -1.87
CA HIS A 37 1.99 -2.91 -2.48
C HIS A 37 0.87 -3.92 -2.55
N PHE A 38 0.92 -4.76 -3.59
CA PHE A 38 0.08 -5.95 -3.67
C PHE A 38 0.20 -6.76 -2.39
N ALA A 39 1.43 -7.07 -1.98
CA ALA A 39 1.70 -7.88 -0.82
C ALA A 39 1.40 -7.18 0.51
N CYS A 40 1.19 -5.85 0.53
CA CYS A 40 0.74 -5.13 1.71
C CYS A 40 -0.77 -5.30 1.96
N VAL A 41 -1.51 -5.91 1.02
CA VAL A 41 -2.91 -6.32 1.16
C VAL A 41 -3.10 -7.83 0.94
N GLY A 42 -2.05 -8.49 0.42
CA GLY A 42 -1.98 -9.91 0.17
C GLY A 42 -2.37 -10.30 -1.26
N LEU A 43 -2.36 -9.36 -2.21
CA LEU A 43 -2.65 -9.63 -3.61
C LEU A 43 -1.49 -10.39 -4.28
N THR A 44 -1.83 -11.07 -5.38
CA THR A 44 -0.93 -11.91 -6.17
C THR A 44 -1.09 -11.64 -7.69
N THR A 45 -2.20 -11.02 -8.10
CA THR A 45 -2.49 -10.64 -9.48
C THR A 45 -3.24 -9.30 -9.44
N LYS A 46 -2.91 -8.41 -10.39
CA LYS A 46 -3.48 -7.05 -10.44
C LYS A 46 -4.96 -7.10 -10.86
N PRO A 47 -5.89 -6.56 -10.05
CA PRO A 47 -7.30 -6.41 -10.42
C PRO A 47 -7.53 -5.17 -11.30
N ARG A 48 -8.80 -4.94 -11.68
CA ARG A 48 -9.28 -3.74 -12.32
C ARG A 48 -10.65 -3.41 -11.72
N GLY A 49 -10.83 -2.12 -11.41
CA GLY A 49 -12.03 -1.56 -10.80
C GLY A 49 -11.73 -0.97 -9.42
N LYS A 50 -12.80 -0.54 -8.73
CA LYS A 50 -12.76 0.00 -7.38
C LYS A 50 -12.26 -1.05 -6.38
N TRP A 51 -11.19 -0.68 -5.69
CA TRP A 51 -10.51 -1.44 -4.65
C TRP A 51 -10.26 -0.51 -3.47
N PHE A 52 -10.39 -1.08 -2.27
CA PHE A 52 -10.23 -0.38 -1.01
C PHE A 52 -9.22 -1.12 -0.14
N CYS A 53 -8.23 -0.35 0.31
CA CYS A 53 -7.03 -0.79 1.01
C CYS A 53 -7.32 -1.51 2.35
N PRO A 54 -6.31 -2.15 2.99
CA PRO A 54 -6.53 -3.00 4.16
C PRO A 54 -6.87 -2.25 5.45
N ARG A 55 -6.97 -0.91 5.41
CA ARG A 55 -7.46 -0.07 6.51
C ARG A 55 -8.73 0.70 6.10
N CYS A 56 -9.39 0.26 5.03
CA CYS A 56 -10.60 0.83 4.47
C CYS A 56 -11.67 -0.22 4.15
N SER A 57 -11.30 -1.52 4.15
CA SER A 57 -12.22 -2.62 3.91
C SER A 57 -11.82 -3.89 4.68
N GLN A 58 -10.51 -4.12 4.88
CA GLN A 58 -10.01 -5.37 5.48
C GLN A 58 -9.97 -5.32 7.02
N GLU A 59 -10.10 -4.13 7.65
CA GLU A 59 -10.28 -4.03 9.10
C GLU A 59 -11.69 -4.48 9.55
N ARG A 60 -12.58 -4.88 8.62
CA ARG A 60 -13.84 -5.55 8.93
C ARG A 60 -13.51 -6.89 9.61
N LYS A 61 -14.04 -7.08 10.82
CA LYS A 61 -13.69 -8.18 11.73
C LYS A 61 -12.18 -8.34 11.89
N LYS A 62 -11.50 -7.26 12.31
CA LYS A 62 -10.08 -7.25 12.67
C LYS A 62 -9.83 -8.29 13.77
N LYS A 63 -8.71 -9.04 13.65
CA LYS A 63 -8.39 -10.24 14.43
C LYS A 63 -9.49 -11.30 14.23
N MET A 1 22.08 2.31 13.88
CA MET A 1 22.00 3.62 13.19
C MET A 1 22.56 3.50 11.77
N ASP A 2 21.67 3.55 10.78
CA ASP A 2 22.01 3.60 9.36
C ASP A 2 20.85 4.26 8.58
N MET A 3 21.21 5.24 7.74
CA MET A 3 20.31 5.88 6.79
C MET A 3 21.15 6.56 5.70
N PRO A 4 21.46 5.87 4.57
CA PRO A 4 22.22 6.44 3.45
C PRO A 4 21.40 7.42 2.59
N VAL A 5 20.21 7.82 3.07
CA VAL A 5 19.26 8.71 2.44
C VAL A 5 18.70 9.64 3.51
N ASP A 6 18.26 10.82 3.06
CA ASP A 6 17.60 11.84 3.88
C ASP A 6 16.25 11.35 4.42
N PRO A 7 15.75 11.94 5.52
CA PRO A 7 14.37 11.73 5.99
C PRO A 7 13.34 12.42 5.08
N ASN A 8 13.80 13.22 4.12
CA ASN A 8 13.01 13.96 3.14
C ASN A 8 12.89 13.10 1.86
N GLU A 9 12.07 12.03 1.94
CA GLU A 9 11.98 10.99 0.94
C GLU A 9 10.50 10.55 0.84
N PRO A 10 9.89 10.51 -0.37
CA PRO A 10 8.49 10.11 -0.54
C PRO A 10 8.29 8.60 -0.30
N THR A 11 7.06 8.22 0.07
CA THR A 11 6.69 6.88 0.46
C THR A 11 5.26 6.56 0.02
N TYR A 12 4.83 5.31 0.26
CA TYR A 12 3.59 4.74 -0.26
C TYR A 12 2.81 3.96 0.81
N CYS A 13 3.13 2.68 1.08
CA CYS A 13 2.42 1.83 2.05
C CYS A 13 2.37 2.44 3.45
N LEU A 14 1.51 1.83 4.29
CA LEU A 14 1.42 2.10 5.73
C LEU A 14 2.75 1.89 6.46
N CYS A 15 3.71 1.26 5.78
CA CYS A 15 5.07 1.00 6.23
C CYS A 15 5.98 2.23 6.15
N HIS A 16 5.58 3.22 5.34
CA HIS A 16 6.34 4.42 4.98
C HIS A 16 7.68 4.04 4.35
N GLN A 17 7.62 3.39 3.18
CA GLN A 17 8.77 3.05 2.35
C GLN A 17 8.62 3.55 0.91
N VAL A 18 9.75 3.71 0.21
CA VAL A 18 9.86 4.22 -1.16
C VAL A 18 9.30 3.19 -2.17
N SER A 19 9.39 3.52 -3.47
CA SER A 19 8.94 2.73 -4.62
C SER A 19 9.35 1.25 -4.56
N TYR A 20 8.49 0.41 -5.16
CA TYR A 20 8.51 -1.04 -5.02
C TYR A 20 7.85 -1.72 -6.23
N GLY A 21 7.92 -3.06 -6.28
CA GLY A 21 7.54 -3.86 -7.43
C GLY A 21 6.03 -4.09 -7.51
N GLU A 22 5.48 -4.95 -6.64
CA GLU A 22 4.08 -5.32 -6.64
C GLU A 22 3.25 -4.36 -5.81
N MET A 23 2.27 -3.69 -6.44
CA MET A 23 1.54 -2.58 -5.83
C MET A 23 0.06 -2.56 -6.21
N ILE A 24 -0.76 -2.17 -5.24
CA ILE A 24 -2.19 -1.95 -5.37
C ILE A 24 -2.59 -0.65 -4.64
N GLY A 25 -3.66 0.00 -5.11
CA GLY A 25 -4.07 1.32 -4.66
C GLY A 25 -5.56 1.37 -4.29
N CYS A 26 -5.83 2.08 -3.18
CA CYS A 26 -7.12 2.11 -2.47
C CYS A 26 -8.16 2.93 -3.22
N ASP A 27 -9.33 2.33 -3.45
CA ASP A 27 -10.46 2.89 -4.19
C ASP A 27 -11.19 4.03 -3.44
N ASN A 28 -10.77 4.36 -2.21
CA ASN A 28 -11.43 5.34 -1.37
C ASN A 28 -11.32 6.76 -1.95
N PRO A 29 -12.32 7.63 -1.73
CA PRO A 29 -12.23 9.06 -1.99
C PRO A 29 -11.54 9.81 -0.83
N ASP A 30 -11.00 9.08 0.16
CA ASP A 30 -10.54 9.61 1.45
C ASP A 30 -9.28 8.95 2.02
N CYS A 31 -8.79 7.84 1.45
CA CYS A 31 -7.59 7.16 1.91
C CYS A 31 -6.37 8.07 1.75
N SER A 32 -5.59 8.11 2.83
CA SER A 32 -4.44 8.99 3.01
C SER A 32 -3.10 8.24 2.87
N ILE A 33 -3.18 6.94 2.52
CA ILE A 33 -2.03 6.07 2.23
C ILE A 33 -2.05 5.72 0.74
N GLU A 34 -3.24 5.42 0.19
CA GLU A 34 -3.65 5.20 -1.22
C GLU A 34 -2.84 4.25 -2.10
N TRP A 35 -1.64 3.80 -1.70
CA TRP A 35 -0.84 2.77 -2.34
C TRP A 35 -0.23 1.88 -1.27
N PHE A 36 -0.26 0.57 -1.55
CA PHE A 36 0.05 -0.50 -0.60
C PHE A 36 0.75 -1.63 -1.34
N HIS A 37 1.51 -2.44 -0.59
CA HIS A 37 2.01 -3.71 -1.11
C HIS A 37 0.89 -4.73 -1.16
N PHE A 38 0.98 -5.64 -2.13
CA PHE A 38 0.16 -6.84 -2.16
C PHE A 38 0.22 -7.55 -0.82
N ALA A 39 1.44 -7.84 -0.35
CA ALA A 39 1.67 -8.57 0.88
C ALA A 39 1.32 -7.77 2.14
N CYS A 40 1.09 -6.45 2.06
CA CYS A 40 0.59 -5.66 3.16
C CYS A 40 -0.92 -5.85 3.40
N VAL A 41 -1.62 -6.54 2.48
CA VAL A 41 -3.02 -6.98 2.61
C VAL A 41 -3.17 -8.51 2.49
N GLY A 42 -2.12 -9.17 1.99
CA GLY A 42 -2.02 -10.61 1.83
C GLY A 42 -2.30 -11.07 0.39
N LEU A 43 -2.28 -10.17 -0.60
CA LEU A 43 -2.48 -10.53 -2.00
C LEU A 43 -1.27 -11.29 -2.57
N THR A 44 -1.52 -11.96 -3.71
CA THR A 44 -0.55 -12.79 -4.44
C THR A 44 -0.64 -12.60 -5.96
N THR A 45 -1.73 -11.99 -6.45
CA THR A 45 -1.98 -11.68 -7.86
C THR A 45 -2.78 -10.37 -7.91
N LYS A 46 -2.45 -9.48 -8.85
CA LYS A 46 -3.09 -8.17 -8.97
C LYS A 46 -4.55 -8.32 -9.43
N PRO A 47 -5.55 -7.87 -8.64
CA PRO A 47 -6.94 -7.78 -9.07
C PRO A 47 -7.16 -6.54 -9.96
N ARG A 48 -8.37 -6.41 -10.52
CA ARG A 48 -8.80 -5.21 -11.22
C ARG A 48 -10.27 -4.96 -10.92
N GLY A 49 -10.54 -3.71 -10.56
CA GLY A 49 -11.78 -3.22 -9.99
C GLY A 49 -11.53 -2.49 -8.67
N LYS A 50 -12.61 -2.08 -7.99
CA LYS A 50 -12.57 -1.47 -6.68
C LYS A 50 -12.09 -2.47 -5.63
N TRP A 51 -11.09 -2.01 -4.87
CA TRP A 51 -10.44 -2.70 -3.77
C TRP A 51 -10.27 -1.73 -2.60
N PHE A 52 -10.39 -2.27 -1.39
CA PHE A 52 -10.34 -1.54 -0.14
C PHE A 52 -9.38 -2.23 0.82
N CYS A 53 -8.41 -1.41 1.28
CA CYS A 53 -7.24 -1.77 2.06
C CYS A 53 -7.55 -2.39 3.44
N PRO A 54 -6.52 -2.89 4.18
CA PRO A 54 -6.71 -3.65 5.42
C PRO A 54 -7.10 -2.82 6.65
N ARG A 55 -7.49 -1.56 6.45
CA ARG A 55 -8.10 -0.69 7.45
C ARG A 55 -9.43 -0.12 6.93
N CYS A 56 -9.97 -0.68 5.84
CA CYS A 56 -11.15 -0.22 5.13
C CYS A 56 -12.10 -1.34 4.75
N SER A 57 -11.64 -2.60 4.65
CA SER A 57 -12.52 -3.75 4.38
C SER A 57 -11.97 -5.05 4.97
N GLN A 58 -10.66 -5.29 4.86
CA GLN A 58 -10.03 -6.52 5.35
C GLN A 58 -9.87 -6.50 6.88
N GLU A 59 -10.00 -5.32 7.51
CA GLU A 59 -9.89 -5.13 8.96
C GLU A 59 -10.89 -5.98 9.77
N ARG A 60 -12.05 -6.30 9.16
CA ARG A 60 -13.12 -7.09 9.75
C ARG A 60 -12.83 -8.61 9.75
N LYS A 61 -11.64 -9.04 9.31
CA LYS A 61 -11.28 -10.45 9.12
C LYS A 61 -9.85 -10.76 9.60
N LYS A 62 -8.89 -9.84 9.41
CA LYS A 62 -7.53 -9.98 9.89
C LYS A 62 -6.83 -8.61 9.97
N LYS A 63 -5.59 -8.62 10.49
CA LYS A 63 -4.71 -7.46 10.63
C LYS A 63 -3.27 -7.95 10.42
N MET A 1 19.68 13.93 13.88
CA MET A 1 20.56 14.61 12.91
C MET A 1 20.81 13.79 11.65
N ASP A 2 20.87 12.46 11.77
CA ASP A 2 21.11 11.53 10.66
C ASP A 2 20.20 10.30 10.79
N MET A 3 19.92 9.66 9.64
CA MET A 3 19.00 8.53 9.52
C MET A 3 19.34 7.70 8.26
N PRO A 4 18.93 6.42 8.18
CA PRO A 4 19.00 5.64 6.95
C PRO A 4 18.03 6.19 5.89
N VAL A 5 18.42 6.04 4.61
CA VAL A 5 17.85 6.61 3.39
C VAL A 5 17.67 8.14 3.39
N ASP A 6 17.69 8.69 2.18
CA ASP A 6 17.52 10.12 1.92
C ASP A 6 16.10 10.60 2.29
N PRO A 7 15.94 11.90 2.60
CA PRO A 7 14.63 12.54 2.75
C PRO A 7 13.95 12.79 1.39
N ASN A 8 14.52 12.27 0.29
CA ASN A 8 14.09 12.44 -1.09
C ASN A 8 13.74 11.08 -1.71
N GLU A 9 13.10 10.20 -0.90
CA GLU A 9 12.87 8.79 -1.21
C GLU A 9 11.37 8.50 -1.08
N PRO A 10 10.60 8.47 -2.18
CA PRO A 10 9.16 8.23 -2.15
C PRO A 10 8.83 6.77 -1.83
N THR A 11 7.59 6.52 -1.37
CA THR A 11 7.13 5.22 -0.91
C THR A 11 5.64 5.02 -1.26
N TYR A 12 5.15 3.81 -1.00
CA TYR A 12 3.84 3.34 -1.44
C TYR A 12 3.09 2.57 -0.33
N CYS A 13 3.35 1.26 -0.13
CA CYS A 13 2.65 0.41 0.84
C CYS A 13 2.71 0.95 2.27
N LEU A 14 1.89 0.34 3.14
CA LEU A 14 1.91 0.54 4.60
C LEU A 14 3.28 0.23 5.22
N CYS A 15 4.15 -0.42 4.46
CA CYS A 15 5.53 -0.76 4.79
C CYS A 15 6.48 0.43 4.69
N HIS A 16 6.09 1.47 3.95
CA HIS A 16 6.88 2.63 3.58
C HIS A 16 8.15 2.23 2.82
N GLN A 17 7.97 1.63 1.64
CA GLN A 17 9.03 1.25 0.71
C GLN A 17 8.79 1.77 -0.71
N VAL A 18 9.88 1.87 -1.49
CA VAL A 18 9.92 2.39 -2.86
C VAL A 18 9.18 1.44 -3.84
N SER A 19 9.17 1.80 -5.12
CA SER A 19 8.56 1.09 -6.25
C SER A 19 8.87 -0.42 -6.27
N TYR A 20 7.92 -1.18 -6.83
CA TYR A 20 7.85 -2.63 -6.74
C TYR A 20 7.06 -3.22 -7.91
N GLY A 21 7.20 -4.55 -8.10
CA GLY A 21 6.72 -5.26 -9.29
C GLY A 21 5.20 -5.45 -9.35
N GLU A 22 4.57 -5.94 -8.28
CA GLU A 22 3.17 -6.34 -8.28
C GLU A 22 2.37 -5.47 -7.31
N MET A 23 1.35 -4.79 -7.85
CA MET A 23 0.68 -3.70 -7.14
C MET A 23 -0.84 -3.68 -7.34
N ILE A 24 -1.53 -3.22 -6.29
CA ILE A 24 -2.94 -2.86 -6.28
C ILE A 24 -3.14 -1.53 -5.53
N GLY A 25 -4.23 -0.83 -5.83
CA GLY A 25 -4.49 0.52 -5.35
C GLY A 25 -5.92 0.69 -4.82
N CYS A 26 -6.02 1.42 -3.70
CA CYS A 26 -7.23 1.51 -2.86
C CYS A 26 -8.27 2.47 -3.44
N ASP A 27 -9.50 1.95 -3.61
CA ASP A 27 -10.64 2.62 -4.23
C ASP A 27 -11.22 3.77 -3.39
N ASN A 28 -10.71 3.99 -2.17
CA ASN A 28 -11.25 4.97 -1.23
C ASN A 28 -11.09 6.40 -1.75
N PRO A 29 -12.04 7.30 -1.46
CA PRO A 29 -11.86 8.73 -1.63
C PRO A 29 -11.11 9.35 -0.41
N ASP A 30 -10.57 8.51 0.50
CA ASP A 30 -10.04 8.90 1.80
C ASP A 30 -8.68 8.27 2.15
N CYS A 31 -8.26 7.21 1.43
CA CYS A 31 -7.04 6.46 1.71
C CYS A 31 -5.81 7.35 1.51
N SER A 32 -4.89 7.24 2.46
CA SER A 32 -3.68 8.05 2.57
C SER A 32 -2.42 7.19 2.35
N ILE A 33 -2.60 5.98 1.81
CA ILE A 33 -1.54 5.07 1.40
C ILE A 33 -1.71 4.73 -0.08
N GLU A 34 -2.97 4.48 -0.50
CA GLU A 34 -3.53 4.28 -1.85
C GLU A 34 -2.82 3.33 -2.84
N TRP A 35 -1.63 2.80 -2.54
CA TRP A 35 -0.93 1.76 -3.28
C TRP A 35 -0.30 0.78 -2.29
N PHE A 36 -0.49 -0.51 -2.59
CA PHE A 36 -0.17 -1.62 -1.70
C PHE A 36 0.40 -2.76 -2.53
N HIS A 37 1.15 -3.64 -1.86
CA HIS A 37 1.59 -4.90 -2.45
C HIS A 37 0.42 -5.87 -2.44
N PHE A 38 0.41 -6.75 -3.45
CA PHE A 38 -0.47 -7.93 -3.45
C PHE A 38 -0.29 -8.70 -2.15
N ALA A 39 0.94 -9.02 -1.79
CA ALA A 39 1.25 -9.81 -0.61
C ALA A 39 1.01 -9.06 0.70
N CYS A 40 0.84 -7.72 0.68
CA CYS A 40 0.47 -6.95 1.85
C CYS A 40 -1.04 -7.03 2.17
N VAL A 41 -1.84 -7.66 1.29
CA VAL A 41 -3.24 -8.02 1.51
C VAL A 41 -3.48 -9.53 1.38
N GLY A 42 -2.49 -10.24 0.85
CA GLY A 42 -2.47 -11.69 0.66
C GLY A 42 -2.90 -12.12 -0.75
N LEU A 43 -2.89 -11.21 -1.73
CA LEU A 43 -3.19 -11.52 -3.12
C LEU A 43 -2.05 -12.32 -3.76
N THR A 44 -2.39 -13.00 -4.86
CA THR A 44 -1.50 -13.81 -5.69
C THR A 44 -1.72 -13.49 -7.19
N THR A 45 -2.73 -12.66 -7.50
CA THR A 45 -3.14 -12.26 -8.84
C THR A 45 -3.56 -10.78 -8.82
N LYS A 46 -3.96 -10.25 -9.99
CA LYS A 46 -4.43 -8.88 -10.15
C LYS A 46 -5.92 -8.87 -10.49
N PRO A 47 -6.82 -8.68 -9.51
CA PRO A 47 -8.24 -8.45 -9.78
C PRO A 47 -8.43 -7.05 -10.40
N ARG A 48 -9.64 -6.80 -10.94
CA ARG A 48 -10.03 -5.52 -11.50
C ARG A 48 -11.47 -5.22 -11.10
N GLY A 49 -11.64 -4.00 -10.61
CA GLY A 49 -12.84 -3.48 -9.97
C GLY A 49 -12.45 -2.63 -8.75
N LYS A 50 -13.46 -2.21 -7.98
CA LYS A 50 -13.25 -1.55 -6.70
C LYS A 50 -12.75 -2.59 -5.68
N TRP A 51 -11.63 -2.23 -5.05
CA TRP A 51 -10.92 -2.99 -4.04
C TRP A 51 -10.57 -2.05 -2.89
N PHE A 52 -10.62 -2.60 -1.68
CA PHE A 52 -10.32 -1.91 -0.44
C PHE A 52 -9.27 -2.68 0.34
N CYS A 53 -8.25 -1.92 0.76
CA CYS A 53 -7.05 -2.40 1.44
C CYS A 53 -7.36 -3.08 2.78
N PRO A 54 -6.40 -3.81 3.40
CA PRO A 54 -6.72 -4.63 4.55
C PRO A 54 -7.15 -3.80 5.75
N ARG A 55 -6.55 -2.62 5.94
CA ARG A 55 -6.87 -1.69 7.03
C ARG A 55 -8.14 -0.88 6.77
N CYS A 56 -8.91 -1.26 5.73
CA CYS A 56 -10.15 -0.64 5.30
C CYS A 56 -11.31 -1.63 5.13
N SER A 57 -11.04 -2.94 5.10
CA SER A 57 -12.07 -3.97 4.87
C SER A 57 -11.75 -5.29 5.58
N GLN A 58 -10.48 -5.72 5.54
CA GLN A 58 -10.05 -7.00 6.12
C GLN A 58 -9.95 -6.95 7.66
N GLU A 59 -9.88 -5.75 8.27
CA GLU A 59 -9.94 -5.60 9.73
C GLU A 59 -11.29 -6.07 10.29
N ARG A 60 -12.34 -6.11 9.46
CA ARG A 60 -13.67 -6.61 9.82
C ARG A 60 -13.79 -8.14 9.62
N LYS A 61 -12.66 -8.86 9.47
CA LYS A 61 -12.58 -10.32 9.36
C LYS A 61 -11.41 -10.81 10.20
N LYS A 62 -10.17 -10.50 9.78
CA LYS A 62 -8.92 -10.82 10.49
C LYS A 62 -7.77 -9.98 9.90
N LYS A 63 -7.53 -8.81 10.51
CA LYS A 63 -6.45 -7.85 10.22
C LYS A 63 -6.23 -7.55 8.73
N MET A 1 28.22 4.72 10.19
CA MET A 1 28.87 5.77 9.38
C MET A 1 28.40 5.65 7.94
N ASP A 2 27.61 6.64 7.50
CA ASP A 2 26.87 6.65 6.25
C ASP A 2 26.50 8.08 5.85
N MET A 3 25.99 8.25 4.62
CA MET A 3 25.60 9.54 4.07
C MET A 3 24.45 10.20 4.87
N PRO A 4 24.44 11.54 5.00
CA PRO A 4 23.34 12.25 5.64
C PRO A 4 22.14 12.33 4.70
N VAL A 5 21.02 11.72 5.11
CA VAL A 5 19.75 11.70 4.40
C VAL A 5 18.62 11.80 5.42
N ASP A 6 17.69 12.73 5.17
CA ASP A 6 16.50 12.96 5.99
C ASP A 6 15.43 11.89 5.71
N PRO A 7 14.50 11.65 6.66
CA PRO A 7 13.30 10.83 6.44
C PRO A 7 12.24 11.53 5.57
N ASN A 8 12.51 12.76 5.12
CA ASN A 8 11.66 13.58 4.26
C ASN A 8 11.64 13.02 2.82
N GLU A 9 10.82 11.99 2.61
CA GLU A 9 10.76 11.20 1.38
C GLU A 9 9.32 10.65 1.24
N PRO A 10 8.71 10.65 0.04
CA PRO A 10 7.35 10.17 -0.16
C PRO A 10 7.24 8.64 -0.02
N THR A 11 6.04 8.17 0.33
CA THR A 11 5.75 6.78 0.63
C THR A 11 4.34 6.42 0.15
N TYR A 12 4.00 5.13 0.28
CA TYR A 12 2.79 4.54 -0.30
C TYR A 12 2.02 3.64 0.68
N CYS A 13 2.42 2.37 0.87
CA CYS A 13 1.74 1.39 1.74
C CYS A 13 1.54 1.89 3.18
N LEU A 14 0.70 1.17 3.93
CA LEU A 14 0.53 1.34 5.38
C LEU A 14 1.84 1.09 6.15
N CYS A 15 2.85 0.56 5.47
CA CYS A 15 4.21 0.37 5.94
C CYS A 15 5.01 1.67 5.98
N HIS A 16 4.60 2.66 5.17
CA HIS A 16 5.28 3.92 4.87
C HIS A 16 6.71 3.68 4.36
N GLN A 17 6.79 3.13 3.14
CA GLN A 17 8.00 2.93 2.36
C GLN A 17 7.88 3.50 0.94
N VAL A 18 9.03 3.70 0.30
CA VAL A 18 9.17 4.30 -1.04
C VAL A 18 8.65 3.37 -2.15
N SER A 19 8.78 3.81 -3.41
CA SER A 19 8.41 3.13 -4.65
C SER A 19 8.83 1.66 -4.72
N TYR A 20 8.04 0.87 -5.46
CA TYR A 20 8.06 -0.59 -5.52
C TYR A 20 7.44 -1.09 -6.83
N GLY A 21 7.59 -2.40 -7.11
CA GLY A 21 7.23 -3.00 -8.39
C GLY A 21 5.73 -3.24 -8.55
N GLU A 22 5.15 -4.14 -7.76
CA GLU A 22 3.77 -4.57 -7.89
C GLU A 22 2.87 -3.86 -6.86
N MET A 23 1.85 -3.16 -7.37
CA MET A 23 1.07 -2.22 -6.56
C MET A 23 -0.41 -2.21 -6.93
N ILE A 24 -1.26 -1.99 -5.91
CA ILE A 24 -2.68 -1.71 -6.05
C ILE A 24 -3.12 -0.69 -4.97
N GLY A 25 -4.18 0.06 -5.25
CA GLY A 25 -4.59 1.20 -4.45
C GLY A 25 -6.09 1.17 -4.16
N CYS A 26 -6.47 1.65 -2.96
CA CYS A 26 -7.85 1.54 -2.51
C CYS A 26 -8.76 2.48 -3.31
N ASP A 27 -9.96 1.97 -3.56
CA ASP A 27 -10.99 2.57 -4.40
C ASP A 27 -11.77 3.71 -3.72
N ASN A 28 -11.52 3.96 -2.41
CA ASN A 28 -12.36 4.86 -1.63
C ASN A 28 -11.99 6.33 -1.88
N PRO A 29 -12.97 7.26 -1.88
CA PRO A 29 -12.73 8.70 -1.86
C PRO A 29 -12.28 9.20 -0.47
N ASP A 30 -12.09 8.28 0.49
CA ASP A 30 -11.79 8.55 1.90
C ASP A 30 -10.47 7.90 2.36
N CYS A 31 -9.84 7.07 1.51
CA CYS A 31 -8.54 6.47 1.77
C CYS A 31 -7.48 7.57 1.83
N SER A 32 -6.60 7.44 2.83
CA SER A 32 -5.54 8.39 3.17
C SER A 32 -4.14 7.75 3.04
N ILE A 33 -4.09 6.55 2.46
CA ILE A 33 -2.87 5.78 2.16
C ILE A 33 -2.77 5.56 0.64
N GLU A 34 -3.94 5.43 -0.04
CA GLU A 34 -4.22 5.31 -1.48
C GLU A 34 -3.45 4.26 -2.31
N TRP A 35 -2.36 3.68 -1.81
CA TRP A 35 -1.58 2.65 -2.45
C TRP A 35 -1.08 1.64 -1.42
N PHE A 36 -0.87 0.40 -1.90
CA PHE A 36 -0.55 -0.77 -1.09
C PHE A 36 0.21 -1.78 -1.93
N HIS A 37 1.01 -2.61 -1.25
CA HIS A 37 1.65 -3.76 -1.88
C HIS A 37 0.62 -4.87 -2.05
N PHE A 38 0.82 -5.66 -3.10
CA PHE A 38 0.09 -6.93 -3.28
C PHE A 38 0.24 -7.78 -2.03
N ALA A 39 1.48 -7.98 -1.59
CA ALA A 39 1.79 -8.83 -0.46
C ALA A 39 1.36 -8.22 0.89
N CYS A 40 1.02 -6.91 0.96
CA CYS A 40 0.46 -6.30 2.14
C CYS A 40 -1.03 -6.61 2.31
N VAL A 41 -1.67 -7.29 1.34
CA VAL A 41 -3.02 -7.85 1.43
C VAL A 41 -3.03 -9.37 1.17
N GLY A 42 -1.94 -9.89 0.59
CA GLY A 42 -1.74 -11.29 0.26
C GLY A 42 -2.02 -11.62 -1.21
N LEU A 43 -2.05 -10.63 -2.11
CA LEU A 43 -2.25 -10.84 -3.54
C LEU A 43 -1.02 -11.49 -4.18
N THR A 44 -1.24 -12.14 -5.33
CA THR A 44 -0.24 -12.86 -6.12
C THR A 44 -0.37 -12.51 -7.62
N THR A 45 -1.55 -12.06 -8.06
CA THR A 45 -1.84 -11.58 -9.41
C THR A 45 -2.76 -10.37 -9.31
N LYS A 46 -2.57 -9.38 -10.19
CA LYS A 46 -3.32 -8.13 -10.17
C LYS A 46 -4.80 -8.38 -10.58
N PRO A 47 -5.79 -7.96 -9.76
CA PRO A 47 -7.20 -7.97 -10.14
C PRO A 47 -7.54 -6.80 -11.09
N ARG A 48 -8.84 -6.61 -11.38
CA ARG A 48 -9.35 -5.52 -12.20
C ARG A 48 -10.71 -5.09 -11.62
N GLY A 49 -10.90 -3.77 -11.60
CA GLY A 49 -12.03 -3.09 -10.98
C GLY A 49 -11.68 -2.59 -9.57
N LYS A 50 -12.72 -2.13 -8.84
CA LYS A 50 -12.62 -1.70 -7.46
C LYS A 50 -12.08 -2.81 -6.57
N TRP A 51 -11.20 -2.38 -5.67
CA TRP A 51 -10.46 -3.18 -4.72
C TRP A 51 -10.35 -2.41 -3.39
N PHE A 52 -10.22 -3.17 -2.30
CA PHE A 52 -10.20 -2.67 -0.95
C PHE A 52 -9.00 -3.24 -0.18
N CYS A 53 -8.29 -2.34 0.52
CA CYS A 53 -7.15 -2.68 1.36
C CYS A 53 -7.58 -3.50 2.59
N PRO A 54 -6.64 -4.12 3.35
CA PRO A 54 -7.02 -5.04 4.41
C PRO A 54 -7.67 -4.34 5.61
N ARG A 55 -7.35 -3.06 5.84
CA ARG A 55 -7.96 -2.23 6.87
C ARG A 55 -9.25 -1.53 6.38
N CYS A 56 -9.76 -1.91 5.20
CA CYS A 56 -10.92 -1.31 4.55
C CYS A 56 -12.01 -2.32 4.15
N SER A 57 -11.70 -3.63 4.09
CA SER A 57 -12.71 -4.66 3.83
C SER A 57 -12.32 -6.02 4.43
N GLN A 58 -11.03 -6.38 4.41
CA GLN A 58 -10.57 -7.67 4.96
C GLN A 58 -10.72 -7.74 6.49
N GLU A 59 -10.83 -6.58 7.17
CA GLU A 59 -11.02 -6.47 8.61
C GLU A 59 -12.32 -7.16 9.09
N ARG A 60 -13.30 -7.35 8.18
CA ARG A 60 -14.56 -8.03 8.41
C ARG A 60 -14.41 -9.50 8.82
N LYS A 61 -13.27 -10.14 8.49
CA LYS A 61 -13.01 -11.56 8.77
C LYS A 61 -11.58 -11.84 9.26
N LYS A 62 -10.66 -10.86 9.21
CA LYS A 62 -9.27 -11.04 9.61
C LYS A 62 -8.70 -9.71 10.12
N LYS A 63 -8.45 -9.66 11.43
CA LYS A 63 -7.72 -8.61 12.11
C LYS A 63 -6.24 -8.70 11.72
N MET A 1 15.30 8.28 11.45
CA MET A 1 15.30 7.15 10.51
C MET A 1 16.48 6.22 10.73
N ASP A 2 16.43 5.06 10.10
CA ASP A 2 17.35 3.92 10.27
C ASP A 2 17.69 3.28 8.91
N MET A 3 17.51 4.03 7.82
CA MET A 3 17.54 3.55 6.44
C MET A 3 18.41 4.48 5.56
N PRO A 4 18.93 3.98 4.41
CA PRO A 4 19.79 4.75 3.49
C PRO A 4 19.01 5.74 2.60
N VAL A 5 17.81 6.16 3.03
CA VAL A 5 16.93 7.08 2.35
C VAL A 5 16.46 8.14 3.34
N ASP A 6 16.48 9.40 2.87
CA ASP A 6 16.03 10.59 3.59
C ASP A 6 14.51 10.61 3.76
N PRO A 7 13.97 11.41 4.70
CA PRO A 7 12.54 11.71 4.79
C PRO A 7 12.08 12.64 3.64
N ASN A 8 13.03 13.16 2.87
CA ASN A 8 12.85 14.06 1.72
C ASN A 8 12.67 13.25 0.42
N GLU A 9 11.92 12.16 0.49
CA GLU A 9 11.79 11.15 -0.56
C GLU A 9 10.31 10.71 -0.61
N PRO A 10 9.65 10.73 -1.79
CA PRO A 10 8.26 10.34 -1.92
C PRO A 10 8.06 8.83 -1.73
N THR A 11 6.83 8.44 -1.35
CA THR A 11 6.47 7.08 -0.96
C THR A 11 5.04 6.75 -1.42
N TYR A 12 4.64 5.50 -1.19
CA TYR A 12 3.41 4.92 -1.72
C TYR A 12 2.64 4.08 -0.68
N CYS A 13 3.04 2.82 -0.41
CA CYS A 13 2.33 1.91 0.49
C CYS A 13 2.14 2.47 1.90
N LEU A 14 1.30 1.77 2.69
CA LEU A 14 1.13 1.98 4.13
C LEU A 14 2.44 1.83 4.92
N CYS A 15 3.48 1.32 4.26
CA CYS A 15 4.84 1.14 4.75
C CYS A 15 5.66 2.44 4.74
N HIS A 16 5.26 3.38 3.89
CA HIS A 16 6.00 4.60 3.54
C HIS A 16 7.38 4.25 2.95
N GLN A 17 7.36 3.62 1.76
CA GLN A 17 8.55 3.32 0.97
C GLN A 17 8.41 3.78 -0.49
N VAL A 18 9.55 3.90 -1.17
CA VAL A 18 9.69 4.40 -2.55
C VAL A 18 9.09 3.40 -3.57
N SER A 19 9.17 3.75 -4.86
CA SER A 19 8.70 3.00 -6.04
C SER A 19 9.12 1.52 -6.05
N TYR A 20 8.30 0.72 -6.75
CA TYR A 20 8.31 -0.74 -6.75
C TYR A 20 7.71 -1.29 -8.05
N GLY A 21 7.87 -2.60 -8.29
CA GLY A 21 7.58 -3.23 -9.56
C GLY A 21 6.10 -3.52 -9.83
N GLU A 22 5.34 -3.97 -8.83
CA GLU A 22 4.00 -4.50 -8.99
C GLU A 22 3.05 -3.86 -7.99
N MET A 23 2.03 -3.17 -8.51
CA MET A 23 1.23 -2.22 -7.74
C MET A 23 -0.26 -2.21 -8.08
N ILE A 24 -1.05 -1.83 -7.06
CA ILE A 24 -2.46 -1.49 -7.16
C ILE A 24 -2.80 -0.42 -6.10
N GLY A 25 -3.83 0.39 -6.37
CA GLY A 25 -4.16 1.57 -5.59
C GLY A 25 -5.64 1.61 -5.26
N CYS A 26 -5.96 2.16 -4.07
CA CYS A 26 -7.33 2.09 -3.54
C CYS A 26 -8.27 2.99 -4.36
N ASP A 27 -9.46 2.45 -4.56
CA ASP A 27 -10.54 3.01 -5.37
C ASP A 27 -11.30 4.17 -4.71
N ASN A 28 -10.99 4.49 -3.44
CA ASN A 28 -11.80 5.42 -2.65
C ASN A 28 -11.52 6.88 -3.02
N PRO A 29 -12.53 7.78 -2.94
CA PRO A 29 -12.34 9.23 -3.04
C PRO A 29 -11.77 9.85 -1.76
N ASP A 30 -11.34 9.02 -0.79
CA ASP A 30 -10.96 9.39 0.56
C ASP A 30 -9.63 8.75 1.00
N CYS A 31 -9.09 7.80 0.22
CA CYS A 31 -7.79 7.20 0.45
C CYS A 31 -6.71 8.28 0.37
N SER A 32 -5.81 8.24 1.36
CA SER A 32 -4.72 9.19 1.58
C SER A 32 -3.35 8.51 1.52
N ILE A 33 -3.32 7.27 0.99
CA ILE A 33 -2.14 6.46 0.73
C ILE A 33 -2.07 6.15 -0.79
N GLU A 34 -3.25 6.01 -1.44
CA GLU A 34 -3.57 5.84 -2.86
C GLU A 34 -2.86 4.72 -3.65
N TRP A 35 -1.76 4.14 -3.16
CA TRP A 35 -1.03 3.05 -3.79
C TRP A 35 -0.51 2.09 -2.74
N PHE A 36 -0.38 0.83 -3.16
CA PHE A 36 -0.04 -0.30 -2.30
C PHE A 36 0.67 -1.38 -3.11
N HIS A 37 1.47 -2.20 -2.42
CA HIS A 37 2.03 -3.42 -3.01
C HIS A 37 0.95 -4.49 -2.98
N PHE A 38 0.98 -5.34 -4.00
CA PHE A 38 0.22 -6.58 -4.04
C PHE A 38 0.48 -7.41 -2.80
N ALA A 39 1.76 -7.61 -2.45
CA ALA A 39 2.15 -8.37 -1.28
C ALA A 39 1.83 -7.68 0.05
N CYS A 40 1.51 -6.37 0.06
CA CYS A 40 1.07 -5.68 1.26
C CYS A 40 -0.40 -6.00 1.62
N VAL A 41 -1.15 -6.60 0.69
CA VAL A 41 -2.50 -7.13 0.90
C VAL A 41 -2.54 -8.67 0.73
N GLY A 42 -1.46 -9.23 0.19
CA GLY A 42 -1.28 -10.66 -0.04
C GLY A 42 -1.75 -11.12 -1.44
N LEU A 43 -1.87 -10.20 -2.41
CA LEU A 43 -2.32 -10.52 -3.75
C LEU A 43 -1.21 -11.21 -4.57
N THR A 44 -1.65 -11.89 -5.64
CA THR A 44 -0.82 -12.68 -6.56
C THR A 44 -1.18 -12.39 -8.02
N THR A 45 -2.37 -11.84 -8.29
CA THR A 45 -2.86 -11.45 -9.61
C THR A 45 -3.66 -10.16 -9.46
N LYS A 46 -3.44 -9.20 -10.37
CA LYS A 46 -4.03 -7.87 -10.37
C LYS A 46 -5.54 -7.91 -10.70
N PRO A 47 -6.45 -7.54 -9.77
CA PRO A 47 -7.86 -7.33 -10.08
C PRO A 47 -8.05 -5.94 -10.71
N ARG A 48 -9.19 -5.72 -11.39
CA ARG A 48 -9.51 -4.47 -12.07
C ARG A 48 -11.01 -4.24 -12.08
N GLY A 49 -11.36 -2.98 -11.80
CA GLY A 49 -12.71 -2.43 -11.73
C GLY A 49 -12.81 -1.52 -10.51
N LYS A 50 -12.60 -2.14 -9.33
CA LYS A 50 -12.42 -1.48 -8.03
C LYS A 50 -11.78 -2.49 -7.08
N TRP A 51 -10.92 -1.97 -6.19
CA TRP A 51 -10.15 -2.72 -5.21
C TRP A 51 -9.98 -1.88 -3.95
N PHE A 52 -9.81 -2.59 -2.83
CA PHE A 52 -9.72 -2.02 -1.49
C PHE A 52 -8.50 -2.56 -0.78
N CYS A 53 -7.71 -1.62 -0.23
CA CYS A 53 -6.50 -1.88 0.53
C CYS A 53 -6.80 -2.64 1.85
N PRO A 54 -5.79 -3.17 2.56
CA PRO A 54 -6.04 -3.98 3.74
C PRO A 54 -6.62 -3.17 4.90
N ARG A 55 -6.30 -1.87 4.98
CA ARG A 55 -6.84 -0.95 5.97
C ARG A 55 -8.15 -0.29 5.51
N CYS A 56 -8.78 -0.81 4.44
CA CYS A 56 -10.00 -0.31 3.85
C CYS A 56 -11.06 -1.39 3.65
N SER A 57 -10.70 -2.68 3.71
CA SER A 57 -11.66 -3.78 3.63
C SER A 57 -11.20 -5.04 4.38
N GLN A 58 -9.89 -5.32 4.42
CA GLN A 58 -9.36 -6.53 5.08
C GLN A 58 -9.40 -6.42 6.63
N GLU A 59 -9.61 -5.22 7.20
CA GLU A 59 -9.87 -5.04 8.63
C GLU A 59 -11.24 -5.61 9.06
N ARG A 60 -12.08 -6.08 8.11
CA ARG A 60 -13.30 -6.84 8.37
C ARG A 60 -12.99 -8.25 8.94
N LYS A 61 -11.78 -8.77 8.70
CA LYS A 61 -11.32 -10.08 9.16
C LYS A 61 -9.81 -10.01 9.44
N LYS A 62 -9.46 -9.31 10.53
CA LYS A 62 -8.09 -9.14 11.01
C LYS A 62 -7.47 -10.48 11.40
N LYS A 63 -6.17 -10.63 11.13
CA LYS A 63 -5.36 -11.81 11.45
C LYS A 63 -3.92 -11.36 11.76
N MET A 1 20.07 23.74 0.76
CA MET A 1 20.95 23.81 -0.43
C MET A 1 20.75 22.58 -1.33
N ASP A 2 20.86 21.38 -0.74
CA ASP A 2 20.76 20.10 -1.43
C ASP A 2 19.93 19.10 -0.62
N MET A 3 19.49 18.02 -1.28
CA MET A 3 18.52 17.07 -0.74
C MET A 3 18.67 15.66 -1.37
N PRO A 4 19.86 15.03 -1.29
CA PRO A 4 20.14 13.76 -1.97
C PRO A 4 19.32 12.60 -1.43
N VAL A 5 19.27 12.48 -0.10
CA VAL A 5 18.57 11.48 0.68
C VAL A 5 18.29 12.06 2.08
N ASP A 6 17.24 11.55 2.70
CA ASP A 6 16.91 11.76 4.11
C ASP A 6 17.87 10.95 5.01
N PRO A 7 18.00 11.31 6.31
CA PRO A 7 18.67 10.49 7.32
C PRO A 7 17.80 9.29 7.76
N ASN A 8 16.74 8.96 6.99
CA ASN A 8 15.77 7.91 7.21
C ASN A 8 15.72 7.01 5.96
N GLU A 9 14.61 6.29 5.80
CA GLU A 9 14.35 5.37 4.70
C GLU A 9 12.86 5.46 4.32
N PRO A 10 12.52 5.62 3.02
CA PRO A 10 11.14 5.70 2.56
C PRO A 10 10.46 4.32 2.58
N THR A 11 9.13 4.31 2.73
CA THR A 11 8.33 3.10 2.86
C THR A 11 6.97 3.29 2.17
N TYR A 12 6.19 2.19 2.11
CA TYR A 12 4.86 2.14 1.53
C TYR A 12 3.86 1.38 2.40
N CYS A 13 3.88 0.03 2.42
CA CYS A 13 2.86 -0.78 3.10
C CYS A 13 2.74 -0.49 4.61
N LEU A 14 1.67 -1.05 5.20
CA LEU A 14 1.45 -1.11 6.66
C LEU A 14 2.59 -1.81 7.40
N CYS A 15 3.46 -2.50 6.65
CA CYS A 15 4.67 -3.16 7.13
C CYS A 15 5.84 -2.20 7.37
N HIS A 16 5.78 -1.00 6.78
CA HIS A 16 6.82 0.01 6.73
C HIS A 16 8.15 -0.54 6.22
N GLN A 17 8.13 -0.92 4.93
CA GLN A 17 9.26 -1.38 4.15
C GLN A 17 9.37 -0.61 2.81
N VAL A 18 10.55 -0.63 2.19
CA VAL A 18 10.86 0.03 0.92
C VAL A 18 10.09 -0.60 -0.26
N SER A 19 10.30 -0.08 -1.47
CA SER A 19 9.68 -0.50 -2.73
C SER A 19 9.71 -2.02 -2.96
N TYR A 20 8.69 -2.49 -3.71
CA TYR A 20 8.42 -3.91 -3.96
C TYR A 20 7.71 -4.09 -5.31
N GLY A 21 7.65 -5.35 -5.78
CA GLY A 21 7.19 -5.70 -7.12
C GLY A 21 5.67 -5.65 -7.27
N GLU A 22 4.94 -6.46 -6.50
CA GLU A 22 3.49 -6.49 -6.48
C GLU A 22 2.92 -5.33 -5.66
N MET A 23 2.09 -4.49 -6.28
CA MET A 23 1.60 -3.27 -5.65
C MET A 23 0.15 -2.94 -6.03
N ILE A 24 -0.60 -2.49 -5.01
CA ILE A 24 -1.92 -1.88 -5.15
C ILE A 24 -2.04 -0.67 -4.22
N GLY A 25 -2.78 0.34 -4.67
CA GLY A 25 -2.86 1.66 -4.05
C GLY A 25 -4.29 2.07 -3.73
N CYS A 26 -4.46 2.66 -2.53
CA CYS A 26 -5.74 2.91 -1.89
C CYS A 26 -6.43 4.13 -2.47
N ASP A 27 -7.67 3.92 -2.95
CA ASP A 27 -8.51 4.90 -3.63
C ASP A 27 -9.02 6.03 -2.72
N ASN A 28 -8.72 5.98 -1.40
CA ASN A 28 -9.24 6.93 -0.43
C ASN A 28 -8.69 8.34 -0.68
N PRO A 29 -9.47 9.40 -0.39
CA PRO A 29 -8.97 10.77 -0.30
C PRO A 29 -8.30 11.04 1.06
N ASP A 30 -8.16 10.02 1.93
CA ASP A 30 -7.75 10.17 3.33
C ASP A 30 -6.68 9.15 3.80
N CYS A 31 -6.40 8.10 3.00
CA CYS A 31 -5.44 7.06 3.36
C CYS A 31 -4.03 7.64 3.50
N SER A 32 -3.37 7.22 4.57
CA SER A 32 -2.06 7.69 5.02
C SER A 32 -0.99 6.59 4.90
N ILE A 33 -1.31 5.52 4.15
CA ILE A 33 -0.40 4.45 3.79
C ILE A 33 -0.34 4.35 2.25
N GLU A 34 -1.51 4.47 1.59
CA GLU A 34 -1.82 4.62 0.15
C GLU A 34 -1.17 3.66 -0.87
N TRP A 35 -0.17 2.85 -0.50
CA TRP A 35 0.40 1.76 -1.27
C TRP A 35 0.67 0.57 -0.36
N PHE A 36 0.32 -0.60 -0.90
CA PHE A 36 0.27 -1.87 -0.18
C PHE A 36 0.73 -2.99 -1.12
N HIS A 37 1.22 -4.09 -0.53
CA HIS A 37 1.44 -5.32 -1.28
C HIS A 37 0.08 -5.94 -1.63
N PHE A 38 0.03 -6.63 -2.77
CA PHE A 38 -1.09 -7.52 -3.09
C PHE A 38 -1.33 -8.48 -1.92
N ALA A 39 -0.29 -9.14 -1.44
CA ALA A 39 -0.37 -10.13 -0.38
C ALA A 39 -0.65 -9.51 1.00
N CYS A 40 -0.52 -8.18 1.19
CA CYS A 40 -0.92 -7.51 2.41
C CYS A 40 -2.43 -7.30 2.51
N VAL A 41 -3.19 -7.62 1.44
CA VAL A 41 -4.65 -7.70 1.41
C VAL A 41 -5.14 -9.09 0.99
N GLY A 42 -4.23 -9.90 0.47
CA GLY A 42 -4.45 -11.27 0.04
C GLY A 42 -4.70 -11.43 -1.46
N LEU A 43 -4.41 -10.40 -2.27
CA LEU A 43 -4.56 -10.45 -3.72
C LEU A 43 -3.46 -11.31 -4.36
N THR A 44 -3.73 -11.73 -5.61
CA THR A 44 -2.83 -12.49 -6.47
C THR A 44 -2.76 -11.90 -7.89
N THR A 45 -3.66 -10.96 -8.22
CA THR A 45 -3.73 -10.22 -9.48
C THR A 45 -4.21 -8.80 -9.19
N LYS A 46 -3.81 -7.84 -10.02
CA LYS A 46 -4.23 -6.44 -9.88
C LYS A 46 -5.63 -6.25 -10.50
N PRO A 47 -6.60 -5.66 -9.76
CA PRO A 47 -7.88 -5.22 -10.32
C PRO A 47 -7.71 -3.91 -11.11
N ARG A 48 -8.83 -3.39 -11.63
CA ARG A 48 -8.91 -2.05 -12.20
C ARG A 48 -10.26 -1.44 -11.82
N GLY A 49 -10.17 -0.21 -11.34
CA GLY A 49 -11.23 0.54 -10.68
C GLY A 49 -10.79 0.93 -9.26
N LYS A 50 -11.74 1.41 -8.46
CA LYS A 50 -11.52 1.73 -7.06
C LYS A 50 -11.33 0.45 -6.25
N TRP A 51 -10.45 0.58 -5.25
CA TRP A 51 -10.13 -0.41 -4.24
C TRP A 51 -9.81 0.31 -2.93
N PHE A 52 -10.33 -0.24 -1.82
CA PHE A 52 -9.99 0.19 -0.47
C PHE A 52 -9.26 -0.95 0.24
N CYS A 53 -8.20 -0.55 0.95
CA CYS A 53 -7.28 -1.40 1.69
C CYS A 53 -7.97 -2.15 2.85
N PRO A 54 -7.31 -3.15 3.48
CA PRO A 54 -7.98 -4.01 4.44
C PRO A 54 -8.39 -3.25 5.71
N ARG A 55 -7.60 -2.25 6.13
CA ARG A 55 -7.88 -1.38 7.27
C ARG A 55 -9.01 -0.36 6.99
N CYS A 56 -9.61 -0.41 5.79
CA CYS A 56 -10.58 0.54 5.29
C CYS A 56 -11.89 -0.11 4.77
N SER A 57 -11.90 -1.43 4.56
CA SER A 57 -13.06 -2.14 4.03
C SER A 57 -13.15 -3.59 4.54
N GLN A 58 -12.01 -4.28 4.62
CA GLN A 58 -11.95 -5.69 5.03
C GLN A 58 -12.12 -5.87 6.55
N GLU A 59 -11.95 -4.80 7.36
CA GLU A 59 -12.24 -4.80 8.79
C GLU A 59 -13.73 -5.01 9.11
N ARG A 60 -14.63 -4.91 8.11
CA ARG A 60 -16.04 -5.30 8.24
C ARG A 60 -16.21 -6.83 8.28
N LYS A 61 -15.11 -7.60 8.20
CA LYS A 61 -15.03 -9.05 8.22
C LYS A 61 -13.80 -9.46 9.03
N LYS A 62 -13.64 -10.77 9.23
CA LYS A 62 -12.50 -11.38 9.91
C LYS A 62 -11.23 -11.19 9.06
N LYS A 63 -10.32 -10.34 9.55
CA LYS A 63 -9.02 -9.98 8.95
C LYS A 63 -9.14 -9.39 7.54
N MET A 1 20.20 6.69 13.70
CA MET A 1 19.05 6.41 12.82
C MET A 1 19.21 5.08 12.09
N ASP A 2 18.19 4.71 11.30
CA ASP A 2 18.03 3.43 10.61
C ASP A 2 17.66 3.62 9.13
N MET A 3 17.78 4.85 8.61
CA MET A 3 17.29 5.28 7.32
C MET A 3 18.31 6.22 6.64
N PRO A 4 19.44 5.69 6.14
CA PRO A 4 20.49 6.43 5.44
C PRO A 4 20.06 6.78 4.00
N VAL A 5 19.07 7.66 3.87
CA VAL A 5 18.46 8.08 2.61
C VAL A 5 17.93 9.50 2.76
N ASP A 6 17.94 10.21 1.63
CA ASP A 6 17.47 11.59 1.48
C ASP A 6 15.96 11.72 1.73
N PRO A 7 15.48 12.90 2.19
CA PRO A 7 14.07 13.25 2.24
C PRO A 7 13.50 13.56 0.84
N ASN A 8 14.35 13.61 -0.18
CA ASN A 8 14.06 14.00 -1.56
C ASN A 8 13.66 12.79 -2.41
N GLU A 9 12.86 11.87 -1.85
CA GLU A 9 12.54 10.57 -2.41
C GLU A 9 11.06 10.24 -2.13
N PRO A 10 10.21 10.06 -3.16
CA PRO A 10 8.82 9.68 -2.99
C PRO A 10 8.70 8.18 -2.69
N THR A 11 7.57 7.77 -2.10
CA THR A 11 7.29 6.40 -1.68
C THR A 11 5.81 6.08 -1.91
N TYR A 12 5.45 4.81 -1.70
CA TYR A 12 4.16 4.25 -2.08
C TYR A 12 3.53 3.36 -0.99
N CYS A 13 3.91 2.08 -0.87
CA CYS A 13 3.38 1.12 0.11
C CYS A 13 3.50 1.64 1.55
N LEU A 14 2.78 0.97 2.46
CA LEU A 14 2.90 1.17 3.91
C LEU A 14 4.31 0.91 4.45
N CYS A 15 5.17 0.33 3.59
CA CYS A 15 6.58 0.07 3.82
C CYS A 15 7.46 1.33 3.70
N HIS A 16 6.93 2.36 3.03
CA HIS A 16 7.61 3.60 2.66
C HIS A 16 8.86 3.33 1.81
N GLN A 17 8.65 2.75 0.62
CA GLN A 17 9.67 2.49 -0.39
C GLN A 17 9.30 3.07 -1.76
N VAL A 18 10.32 3.25 -2.61
CA VAL A 18 10.24 3.85 -3.95
C VAL A 18 9.53 2.90 -4.94
N SER A 19 9.42 3.35 -6.21
CA SER A 19 8.83 2.66 -7.36
C SER A 19 9.22 1.17 -7.46
N TYR A 20 8.29 0.38 -8.00
CA TYR A 20 8.31 -1.08 -7.98
C TYR A 20 7.50 -1.66 -9.16
N GLY A 21 7.66 -2.97 -9.40
CA GLY A 21 7.18 -3.64 -10.60
C GLY A 21 5.66 -3.85 -10.67
N GLU A 22 5.03 -4.28 -9.56
CA GLU A 22 3.65 -4.72 -9.54
C GLU A 22 2.87 -4.03 -8.43
N MET A 23 1.78 -3.34 -8.79
CA MET A 23 1.12 -2.38 -7.90
C MET A 23 -0.40 -2.37 -8.00
N ILE A 24 -1.03 -2.11 -6.84
CA ILE A 24 -2.45 -1.81 -6.68
C ILE A 24 -2.63 -0.72 -5.62
N GLY A 25 -3.74 0.02 -5.67
CA GLY A 25 -3.99 1.19 -4.83
C GLY A 25 -5.39 1.20 -4.26
N CYS A 26 -5.52 1.70 -3.03
CA CYS A 26 -6.80 1.68 -2.32
C CYS A 26 -7.81 2.63 -2.97
N ASP A 27 -9.06 2.20 -2.92
CA ASP A 27 -10.23 2.81 -3.55
C ASP A 27 -10.81 3.99 -2.75
N ASN A 28 -10.30 4.24 -1.53
CA ASN A 28 -10.94 5.18 -0.60
C ASN A 28 -10.57 6.63 -0.93
N PRO A 29 -11.49 7.59 -0.72
CA PRO A 29 -11.19 9.02 -0.76
C PRO A 29 -10.45 9.49 0.53
N ASP A 30 -10.09 8.56 1.42
CA ASP A 30 -9.53 8.81 2.74
C ASP A 30 -8.20 8.08 2.98
N CYS A 31 -7.78 7.19 2.06
CA CYS A 31 -6.49 6.52 2.12
C CYS A 31 -5.36 7.55 1.96
N SER A 32 -4.37 7.43 2.83
CA SER A 32 -3.23 8.34 2.96
C SER A 32 -1.91 7.65 2.57
N ILE A 33 -2.01 6.45 1.97
CA ILE A 33 -0.90 5.67 1.43
C ILE A 33 -1.10 5.47 -0.08
N GLU A 34 -2.37 5.38 -0.52
CA GLU A 34 -2.93 5.26 -1.87
C GLU A 34 -2.37 4.20 -2.83
N TRP A 35 -1.21 3.60 -2.55
CA TRP A 35 -0.59 2.56 -3.35
C TRP A 35 0.06 1.51 -2.44
N PHE A 36 0.14 0.29 -2.97
CA PHE A 36 0.53 -0.91 -2.24
C PHE A 36 1.13 -1.94 -3.20
N HIS A 37 1.97 -2.82 -2.66
CA HIS A 37 2.46 -3.98 -3.40
C HIS A 37 1.40 -5.05 -3.42
N PHE A 38 1.38 -5.83 -4.51
CA PHE A 38 0.59 -7.06 -4.57
C PHE A 38 0.94 -7.95 -3.39
N ALA A 39 2.24 -8.19 -3.17
CA ALA A 39 2.71 -9.08 -2.12
C ALA A 39 2.54 -8.49 -0.71
N CYS A 40 2.24 -7.18 -0.56
CA CYS A 40 1.92 -6.59 0.72
C CYS A 40 0.48 -6.92 1.17
N VAL A 41 -0.36 -7.49 0.27
CA VAL A 41 -1.69 -8.04 0.56
C VAL A 41 -1.77 -9.54 0.27
N GLY A 42 -0.79 -10.05 -0.48
CA GLY A 42 -0.67 -11.45 -0.89
C GLY A 42 -1.26 -11.73 -2.28
N LEU A 43 -1.44 -10.71 -3.13
CA LEU A 43 -1.97 -10.88 -4.48
C LEU A 43 -0.94 -11.54 -5.40
N THR A 44 -1.45 -12.16 -6.48
CA THR A 44 -0.68 -12.91 -7.47
C THR A 44 -1.15 -12.62 -8.92
N THR A 45 -2.30 -11.96 -9.08
CA THR A 45 -2.89 -11.55 -10.36
C THR A 45 -3.66 -10.26 -10.12
N LYS A 46 -3.48 -9.25 -10.99
CA LYS A 46 -4.04 -7.91 -10.81
C LYS A 46 -5.56 -7.89 -11.06
N PRO A 47 -6.39 -7.50 -10.07
CA PRO A 47 -7.82 -7.25 -10.27
C PRO A 47 -8.07 -5.84 -10.84
N ARG A 48 -9.34 -5.52 -11.12
CA ARG A 48 -9.80 -4.19 -11.48
C ARG A 48 -11.16 -3.95 -10.83
N GLY A 49 -11.30 -2.76 -10.25
CA GLY A 49 -12.47 -2.31 -9.52
C GLY A 49 -12.11 -1.83 -8.11
N LYS A 50 -13.14 -1.65 -7.28
CA LYS A 50 -13.01 -1.35 -5.85
C LYS A 50 -12.24 -2.48 -5.16
N TRP A 51 -11.12 -2.10 -4.57
CA TRP A 51 -10.23 -2.92 -3.77
C TRP A 51 -9.80 -2.10 -2.55
N PHE A 52 -9.77 -2.77 -1.40
CA PHE A 52 -9.42 -2.17 -0.11
C PHE A 52 -8.13 -2.83 0.39
N CYS A 53 -7.19 -1.97 0.83
CA CYS A 53 -5.86 -2.35 1.27
C CYS A 53 -5.88 -3.17 2.58
N PRO A 54 -4.77 -3.83 2.97
CA PRO A 54 -4.75 -4.72 4.13
C PRO A 54 -4.79 -4.02 5.50
N ARG A 55 -4.93 -2.69 5.50
CA ARG A 55 -5.16 -1.84 6.67
C ARG A 55 -6.45 -1.01 6.50
N CYS A 56 -7.35 -1.47 5.62
CA CYS A 56 -8.63 -0.86 5.33
C CYS A 56 -9.78 -1.89 5.29
N SER A 57 -9.48 -3.20 5.12
CA SER A 57 -10.51 -4.24 5.14
C SER A 57 -9.98 -5.59 5.63
N GLN A 58 -8.74 -5.95 5.30
CA GLN A 58 -8.14 -7.21 5.74
C GLN A 58 -7.75 -7.18 7.23
N GLU A 59 -7.72 -5.98 7.84
CA GLU A 59 -7.40 -5.74 9.24
C GLU A 59 -8.54 -6.13 10.21
N ARG A 60 -9.68 -6.63 9.68
CA ARG A 60 -10.84 -7.05 10.47
C ARG A 60 -10.45 -8.11 11.50
N LYS A 61 -10.64 -7.77 12.78
CA LYS A 61 -10.33 -8.59 13.95
C LYS A 61 -11.29 -8.28 15.11
N LYS A 62 -11.73 -7.01 15.22
CA LYS A 62 -12.81 -6.59 16.10
C LYS A 62 -14.12 -7.26 15.67
N LYS A 63 -14.99 -7.53 16.64
CA LYS A 63 -16.25 -8.23 16.45
C LYS A 63 -17.30 -7.25 15.92
N MET A 1 17.21 9.90 14.16
CA MET A 1 15.80 9.49 14.01
C MET A 1 15.37 9.57 12.53
N ASP A 2 16.18 8.95 11.66
CA ASP A 2 16.10 9.12 10.20
C ASP A 2 16.42 7.81 9.48
N MET A 3 16.06 7.75 8.19
CA MET A 3 16.40 6.67 7.27
C MET A 3 17.92 6.65 6.98
N PRO A 4 18.49 5.50 6.56
CA PRO A 4 19.88 5.37 6.12
C PRO A 4 20.12 5.95 4.71
N VAL A 5 19.17 6.73 4.17
CA VAL A 5 19.18 7.35 2.85
C VAL A 5 18.43 8.69 2.95
N ASP A 6 18.73 9.57 1.99
CA ASP A 6 18.25 10.94 1.89
C ASP A 6 16.72 11.07 1.95
N PRO A 7 16.20 12.23 2.42
CA PRO A 7 14.78 12.57 2.33
C PRO A 7 14.34 12.93 0.90
N ASN A 8 15.29 13.00 -0.04
CA ASN A 8 15.11 13.28 -1.46
C ASN A 8 14.70 12.01 -2.22
N GLU A 9 13.80 11.20 -1.64
CA GLU A 9 13.45 9.87 -2.10
C GLU A 9 11.93 9.66 -1.89
N PRO A 10 11.14 9.50 -2.96
CA PRO A 10 9.71 9.18 -2.84
C PRO A 10 9.51 7.72 -2.45
N THR A 11 8.37 7.41 -1.84
CA THR A 11 8.03 6.07 -1.34
C THR A 11 6.54 5.79 -1.57
N TYR A 12 6.14 4.54 -1.30
CA TYR A 12 4.83 4.00 -1.67
C TYR A 12 4.18 3.20 -0.53
N CYS A 13 4.50 1.90 -0.35
CA CYS A 13 3.90 1.03 0.66
C CYS A 13 4.02 1.58 2.08
N LEU A 14 3.28 0.94 3.00
CA LEU A 14 3.37 1.16 4.44
C LEU A 14 4.79 0.91 4.99
N CYS A 15 5.64 0.30 4.17
CA CYS A 15 7.05 0.01 4.42
C CYS A 15 7.95 1.24 4.26
N HIS A 16 7.46 2.27 3.56
CA HIS A 16 8.17 3.48 3.16
C HIS A 16 9.43 3.15 2.33
N GLN A 17 9.21 2.51 1.17
CA GLN A 17 10.24 2.16 0.20
C GLN A 17 9.92 2.68 -1.21
N VAL A 18 10.96 2.80 -2.04
CA VAL A 18 10.92 3.33 -3.41
C VAL A 18 10.19 2.37 -4.37
N SER A 19 10.11 2.74 -5.66
CA SER A 19 9.52 1.99 -6.77
C SER A 19 9.89 0.50 -6.78
N TYR A 20 8.95 -0.32 -7.27
CA TYR A 20 8.96 -1.77 -7.14
C TYR A 20 8.20 -2.45 -8.29
N GLY A 21 8.39 -3.79 -8.39
CA GLY A 21 7.97 -4.59 -9.53
C GLY A 21 6.45 -4.75 -9.68
N GLU A 22 5.73 -5.10 -8.60
CA GLU A 22 4.33 -5.45 -8.65
C GLU A 22 3.55 -4.64 -7.61
N MET A 23 2.51 -3.94 -8.06
CA MET A 23 1.86 -2.90 -7.26
C MET A 23 0.35 -2.85 -7.44
N ILE A 24 -0.33 -2.51 -6.33
CA ILE A 24 -1.77 -2.23 -6.28
C ILE A 24 -2.03 -0.98 -5.44
N GLY A 25 -3.10 -0.26 -5.76
CA GLY A 25 -3.41 1.05 -5.23
C GLY A 25 -4.82 1.13 -4.65
N CYS A 26 -4.93 1.82 -3.50
CA CYS A 26 -6.10 1.84 -2.62
C CYS A 26 -7.19 2.75 -3.17
N ASP A 27 -8.40 2.19 -3.30
CA ASP A 27 -9.59 2.81 -3.89
C ASP A 27 -10.18 3.93 -3.01
N ASN A 28 -9.60 4.23 -1.84
CA ASN A 28 -10.10 5.20 -0.90
C ASN A 28 -10.02 6.64 -1.46
N PRO A 29 -10.95 7.52 -1.07
CA PRO A 29 -10.84 8.96 -1.30
C PRO A 29 -9.97 9.64 -0.20
N ASP A 30 -9.33 8.87 0.68
CA ASP A 30 -8.69 9.35 1.91
C ASP A 30 -7.39 8.63 2.29
N CYS A 31 -7.05 7.50 1.66
CA CYS A 31 -5.83 6.74 1.96
C CYS A 31 -4.58 7.60 1.71
N SER A 32 -3.69 7.56 2.70
CA SER A 32 -2.50 8.39 2.81
C SER A 32 -1.22 7.60 2.46
N ILE A 33 -1.39 6.33 2.05
CA ILE A 33 -0.33 5.44 1.58
C ILE A 33 -0.55 5.14 0.09
N GLU A 34 -1.83 4.90 -0.29
CA GLU A 34 -2.44 4.72 -1.63
C GLU A 34 -1.77 3.80 -2.66
N TRP A 35 -0.55 3.28 -2.42
CA TRP A 35 0.13 2.26 -3.21
C TRP A 35 0.85 1.30 -2.28
N PHE A 36 0.73 0.01 -2.60
CA PHE A 36 1.13 -1.11 -1.76
C PHE A 36 1.68 -2.24 -2.63
N HIS A 37 2.56 -3.07 -2.06
CA HIS A 37 2.95 -4.32 -2.70
C HIS A 37 1.78 -5.30 -2.66
N PHE A 38 1.74 -6.17 -3.68
CA PHE A 38 0.87 -7.34 -3.67
C PHE A 38 1.11 -8.13 -2.39
N ALA A 39 2.37 -8.45 -2.10
CA ALA A 39 2.74 -9.25 -0.94
C ALA A 39 2.54 -8.52 0.40
N CYS A 40 2.34 -7.18 0.41
CA CYS A 40 1.98 -6.45 1.60
C CYS A 40 0.50 -6.58 1.97
N VAL A 41 -0.32 -7.23 1.12
CA VAL A 41 -1.70 -7.64 1.38
C VAL A 41 -1.90 -9.15 1.21
N GLY A 42 -0.90 -9.82 0.63
CA GLY A 42 -0.85 -11.26 0.40
C GLY A 42 -1.33 -11.66 -1.01
N LEU A 43 -1.41 -10.71 -1.95
CA LEU A 43 -1.79 -10.98 -3.33
C LEU A 43 -0.69 -11.77 -4.07
N THR A 44 -1.12 -12.45 -5.13
CA THR A 44 -0.29 -13.23 -6.06
C THR A 44 -0.63 -12.86 -7.52
N THR A 45 -1.64 -12.01 -7.73
CA THR A 45 -2.17 -11.56 -9.02
C THR A 45 -2.54 -10.07 -8.92
N LYS A 46 -3.13 -9.52 -9.99
CA LYS A 46 -3.59 -8.15 -10.04
C LYS A 46 -5.08 -8.14 -10.45
N PRO A 47 -6.01 -7.76 -9.53
CA PRO A 47 -7.42 -7.60 -9.84
C PRO A 47 -7.67 -6.31 -10.64
N ARG A 48 -8.93 -6.09 -11.02
CA ARG A 48 -9.40 -4.85 -11.64
C ARG A 48 -10.77 -4.51 -11.04
N GLY A 49 -10.88 -3.24 -10.65
CA GLY A 49 -11.97 -2.70 -9.86
C GLY A 49 -11.46 -2.21 -8.50
N LYS A 50 -12.42 -1.88 -7.61
CA LYS A 50 -12.15 -1.42 -6.25
C LYS A 50 -11.46 -2.52 -5.43
N TRP A 51 -10.45 -2.08 -4.69
CA TRP A 51 -9.68 -2.81 -3.72
C TRP A 51 -9.34 -1.88 -2.55
N PHE A 52 -9.34 -2.45 -1.34
CA PHE A 52 -9.07 -1.74 -0.11
C PHE A 52 -7.99 -2.48 0.67
N CYS A 53 -6.97 -1.70 1.07
CA CYS A 53 -5.73 -2.14 1.68
C CYS A 53 -5.91 -2.83 3.05
N PRO A 54 -4.87 -3.46 3.63
CA PRO A 54 -5.01 -4.31 4.80
C PRO A 54 -5.27 -3.61 6.13
N ARG A 55 -5.33 -2.27 6.12
CA ARG A 55 -5.73 -1.44 7.26
C ARG A 55 -7.02 -0.64 6.94
N CYS A 56 -7.75 -1.05 5.89
CA CYS A 56 -8.97 -0.44 5.42
C CYS A 56 -10.09 -1.46 5.17
N SER A 57 -9.79 -2.75 5.07
CA SER A 57 -10.80 -3.80 4.91
C SER A 57 -10.34 -5.16 5.45
N GLN A 58 -9.07 -5.52 5.23
CA GLN A 58 -8.53 -6.81 5.69
C GLN A 58 -8.27 -6.82 7.21
N GLU A 59 -8.23 -5.65 7.86
CA GLU A 59 -7.97 -5.50 9.30
C GLU A 59 -9.08 -6.15 10.16
N ARG A 60 -10.29 -6.31 9.62
CA ARG A 60 -11.46 -6.84 10.33
C ARG A 60 -11.50 -8.39 10.37
N LYS A 61 -10.37 -9.05 10.07
CA LYS A 61 -10.26 -10.52 10.04
C LYS A 61 -10.48 -11.19 11.40
N LYS A 62 -10.40 -10.43 12.50
CA LYS A 62 -10.64 -10.90 13.87
C LYS A 62 -11.17 -9.73 14.71
N LYS A 63 -12.22 -10.00 15.50
CA LYS A 63 -12.96 -9.06 16.33
C LYS A 63 -13.26 -7.73 15.58
N MET A 1 13.39 5.55 12.40
CA MET A 1 14.33 6.44 13.12
C MET A 1 15.65 6.58 12.36
N ASP A 2 16.37 5.46 12.17
CA ASP A 2 17.71 5.41 11.60
C ASP A 2 17.81 5.97 10.18
N MET A 3 16.73 5.82 9.38
CA MET A 3 16.53 6.36 8.03
C MET A 3 17.82 6.45 7.19
N PRO A 4 18.43 5.31 6.81
CA PRO A 4 19.72 5.24 6.13
C PRO A 4 19.65 5.60 4.62
N VAL A 5 18.62 6.36 4.20
CA VAL A 5 18.38 6.80 2.84
C VAL A 5 17.75 8.19 2.86
N ASP A 6 17.98 8.92 1.77
CA ASP A 6 17.55 10.29 1.54
C ASP A 6 16.02 10.49 1.65
N PRO A 7 15.56 11.71 2.00
CA PRO A 7 14.14 12.09 1.92
C PRO A 7 13.66 12.26 0.47
N ASN A 8 14.59 12.19 -0.50
CA ASN A 8 14.38 12.27 -1.95
C ASN A 8 13.95 10.90 -2.51
N GLU A 9 13.02 10.23 -1.83
CA GLU A 9 12.63 8.85 -2.07
C GLU A 9 11.09 8.77 -2.01
N PRO A 10 10.39 8.61 -3.16
CA PRO A 10 8.96 8.32 -3.16
C PRO A 10 8.73 6.87 -2.73
N THR A 11 7.56 6.60 -2.13
CA THR A 11 7.19 5.29 -1.62
C THR A 11 5.71 5.01 -1.90
N TYR A 12 5.30 3.77 -1.63
CA TYR A 12 3.99 3.25 -2.04
C TYR A 12 3.26 2.51 -0.91
N CYS A 13 3.54 1.21 -0.65
CA CYS A 13 2.84 0.38 0.33
C CYS A 13 2.83 0.97 1.75
N LEU A 14 2.03 0.35 2.62
CA LEU A 14 2.03 0.61 4.07
C LEU A 14 3.41 0.35 4.71
N CYS A 15 4.29 -0.33 3.96
CA CYS A 15 5.69 -0.59 4.29
C CYS A 15 6.58 0.64 4.08
N HIS A 16 6.14 1.58 3.24
CA HIS A 16 6.86 2.75 2.76
C HIS A 16 8.22 2.38 2.15
N GLN A 17 8.14 1.69 1.00
CA GLN A 17 9.25 1.33 0.15
C GLN A 17 9.06 1.85 -1.28
N VAL A 18 10.16 1.94 -2.04
CA VAL A 18 10.22 2.43 -3.42
C VAL A 18 9.52 1.45 -4.39
N SER A 19 9.51 1.78 -5.68
CA SER A 19 8.94 1.01 -6.78
C SER A 19 9.29 -0.49 -6.73
N TYR A 20 8.34 -1.31 -7.18
CA TYR A 20 8.33 -2.75 -6.99
C TYR A 20 7.56 -3.47 -8.12
N GLY A 21 7.75 -4.79 -8.21
CA GLY A 21 7.31 -5.61 -9.33
C GLY A 21 5.79 -5.83 -9.37
N GLU A 22 5.22 -6.46 -8.33
CA GLU A 22 3.82 -6.83 -8.30
C GLU A 22 3.01 -5.81 -7.50
N MET A 23 2.01 -5.19 -8.14
CA MET A 23 1.33 -4.02 -7.57
C MET A 23 -0.17 -4.00 -7.82
N ILE A 24 -0.90 -3.52 -6.81
CA ILE A 24 -2.31 -3.18 -6.85
C ILE A 24 -2.52 -1.82 -6.17
N GLY A 25 -3.63 -1.13 -6.50
CA GLY A 25 -3.92 0.22 -6.03
C GLY A 25 -5.37 0.37 -5.56
N CYS A 26 -5.53 1.11 -4.46
CA CYS A 26 -6.76 1.21 -3.69
C CYS A 26 -7.80 2.09 -4.41
N ASP A 27 -8.98 1.51 -4.62
CA ASP A 27 -10.09 2.12 -5.36
C ASP A 27 -10.77 3.27 -4.59
N ASN A 28 -10.33 3.58 -3.36
CA ASN A 28 -10.92 4.59 -2.51
C ASN A 28 -10.74 6.00 -3.12
N PRO A 29 -11.70 6.92 -2.93
CA PRO A 29 -11.51 8.33 -3.20
C PRO A 29 -10.78 9.03 -2.02
N ASP A 30 -10.31 8.28 -1.01
CA ASP A 30 -9.81 8.80 0.26
C ASP A 30 -8.48 8.18 0.73
N CYS A 31 -8.04 7.06 0.13
CA CYS A 31 -6.85 6.33 0.55
C CYS A 31 -5.60 7.19 0.36
N SER A 32 -4.75 7.17 1.38
CA SER A 32 -3.55 7.99 1.52
C SER A 32 -2.27 7.17 1.36
N ILE A 33 -2.42 5.89 0.96
CA ILE A 33 -1.33 4.95 0.67
C ILE A 33 -1.42 4.55 -0.82
N GLU A 34 -2.66 4.31 -1.30
CA GLU A 34 -3.14 4.10 -2.67
C GLU A 34 -2.42 3.11 -3.61
N TRP A 35 -1.24 2.59 -3.25
CA TRP A 35 -0.52 1.52 -3.93
C TRP A 35 0.11 0.60 -2.89
N PHE A 36 -0.03 -0.71 -3.14
CA PHE A 36 0.29 -1.80 -2.23
C PHE A 36 0.86 -2.97 -3.01
N HIS A 37 1.63 -3.83 -2.31
CA HIS A 37 2.02 -5.13 -2.86
C HIS A 37 0.81 -6.07 -2.84
N PHE A 38 0.80 -6.97 -3.83
CA PHE A 38 -0.11 -8.13 -3.81
C PHE A 38 0.02 -8.86 -2.48
N ALA A 39 1.24 -9.21 -2.09
CA ALA A 39 1.52 -9.96 -0.89
C ALA A 39 1.29 -9.16 0.40
N CYS A 40 1.15 -7.83 0.34
CA CYS A 40 0.76 -7.02 1.48
C CYS A 40 -0.74 -7.11 1.81
N VAL A 41 -1.53 -7.79 0.95
CA VAL A 41 -2.93 -8.15 1.19
C VAL A 41 -3.18 -9.66 1.03
N GLY A 42 -2.18 -10.37 0.50
CA GLY A 42 -2.17 -11.81 0.31
C GLY A 42 -2.59 -12.25 -1.09
N LEU A 43 -2.60 -11.34 -2.08
CA LEU A 43 -2.90 -11.67 -3.47
C LEU A 43 -1.75 -12.45 -4.12
N THR A 44 -2.06 -13.08 -5.25
CA THR A 44 -1.15 -13.91 -6.06
C THR A 44 -1.27 -13.57 -7.56
N THR A 45 -2.41 -12.99 -7.98
CA THR A 45 -2.70 -12.53 -9.34
C THR A 45 -3.47 -11.21 -9.27
N LYS A 46 -3.31 -10.36 -10.29
CA LYS A 46 -3.96 -9.06 -10.33
C LYS A 46 -5.45 -9.22 -10.70
N PRO A 47 -6.39 -8.68 -9.90
CA PRO A 47 -7.81 -8.68 -10.22
C PRO A 47 -8.16 -7.57 -11.24
N ARG A 48 -9.45 -7.49 -11.61
CA ARG A 48 -10.02 -6.43 -12.43
C ARG A 48 -11.36 -6.05 -11.83
N GLY A 49 -11.51 -4.75 -11.54
CA GLY A 49 -12.60 -4.16 -10.77
C GLY A 49 -12.06 -3.41 -9.56
N LYS A 50 -12.97 -2.91 -8.71
CA LYS A 50 -12.63 -2.24 -7.47
C LYS A 50 -12.03 -3.24 -6.47
N TRP A 51 -11.05 -2.75 -5.73
CA TRP A 51 -10.37 -3.42 -4.65
C TRP A 51 -10.10 -2.41 -3.53
N PHE A 52 -10.28 -2.88 -2.30
CA PHE A 52 -10.14 -2.11 -1.07
C PHE A 52 -9.15 -2.84 -0.17
N CYS A 53 -8.10 -2.09 0.20
CA CYS A 53 -6.89 -2.53 0.90
C CYS A 53 -7.14 -3.13 2.30
N PRO A 54 -6.11 -3.71 2.97
CA PRO A 54 -6.30 -4.50 4.18
C PRO A 54 -6.65 -3.70 5.45
N ARG A 55 -6.74 -2.37 5.35
CA ARG A 55 -7.23 -1.48 6.40
C ARG A 55 -8.49 -0.74 5.96
N CYS A 56 -9.15 -1.23 4.90
CA CYS A 56 -10.32 -0.67 4.27
C CYS A 56 -11.41 -1.73 3.99
N SER A 57 -11.06 -3.03 4.02
CA SER A 57 -12.01 -4.13 3.84
C SER A 57 -11.57 -5.39 4.60
N GLN A 58 -10.28 -5.74 4.54
CA GLN A 58 -9.76 -6.94 5.22
C GLN A 58 -9.65 -6.75 6.74
N GLU A 59 -9.74 -5.51 7.23
CA GLU A 59 -9.83 -5.13 8.63
C GLU A 59 -10.97 -5.88 9.35
N ARG A 60 -12.08 -6.11 8.64
CA ARG A 60 -13.29 -6.78 9.12
C ARG A 60 -13.11 -8.29 9.35
N LYS A 61 -11.90 -8.84 9.10
CA LYS A 61 -11.52 -10.23 9.35
C LYS A 61 -10.21 -10.31 10.15
N LYS A 62 -9.31 -9.34 10.00
CA LYS A 62 -8.09 -9.20 10.77
C LYS A 62 -7.71 -7.72 10.83
N LYS A 63 -7.89 -7.13 12.02
CA LYS A 63 -7.55 -5.74 12.33
C LYS A 63 -6.04 -5.49 12.16
N MET A 1 22.24 6.62 13.56
CA MET A 1 20.85 7.10 13.65
C MET A 1 20.38 7.53 12.26
N ASP A 2 19.78 6.58 11.54
CA ASP A 2 19.47 6.68 10.11
C ASP A 2 18.44 5.61 9.71
N MET A 3 18.00 5.67 8.44
CA MET A 3 17.03 4.77 7.84
C MET A 3 17.48 4.38 6.42
N PRO A 4 17.06 3.20 5.90
CA PRO A 4 17.40 2.73 4.56
C PRO A 4 16.69 3.49 3.42
N VAL A 5 15.81 4.45 3.76
CA VAL A 5 15.20 5.39 2.84
C VAL A 5 15.00 6.72 3.56
N ASP A 6 15.27 7.80 2.82
CA ASP A 6 15.27 9.17 3.31
C ASP A 6 13.84 9.71 3.50
N PRO A 7 13.65 10.73 4.38
CA PRO A 7 12.40 11.48 4.47
C PRO A 7 12.23 12.47 3.29
N ASN A 8 13.17 12.45 2.33
CA ASN A 8 13.23 13.31 1.14
C ASN A 8 13.08 12.49 -0.15
N GLU A 9 12.34 11.38 -0.05
CA GLU A 9 12.16 10.38 -1.09
C GLU A 9 10.70 9.87 -1.02
N PRO A 10 9.96 9.83 -2.16
CA PRO A 10 8.55 9.44 -2.17
C PRO A 10 8.34 7.95 -1.89
N THR A 11 7.07 7.61 -1.58
CA THR A 11 6.60 6.28 -1.25
C THR A 11 5.20 6.09 -1.84
N TYR A 12 4.63 4.90 -1.62
CA TYR A 12 3.27 4.55 -2.05
C TYR A 12 2.52 3.77 -0.97
N CYS A 13 3.01 2.57 -0.65
CA CYS A 13 2.49 1.61 0.33
C CYS A 13 2.46 2.16 1.76
N LEU A 14 1.73 1.43 2.61
CA LEU A 14 1.79 1.64 4.06
C LEU A 14 3.05 0.99 4.67
N CYS A 15 3.90 0.36 3.84
CA CYS A 15 5.22 -0.09 4.22
C CYS A 15 6.21 1.10 4.22
N HIS A 16 5.91 2.13 3.41
CA HIS A 16 6.55 3.44 3.39
C HIS A 16 7.99 3.41 2.85
N GLN A 17 8.12 2.82 1.66
CA GLN A 17 9.31 2.91 0.83
C GLN A 17 8.90 3.11 -0.64
N VAL A 18 9.89 3.34 -1.51
CA VAL A 18 9.71 3.67 -2.93
C VAL A 18 9.04 2.52 -3.70
N SER A 19 8.72 2.76 -4.99
CA SER A 19 7.96 1.88 -5.88
C SER A 19 8.48 0.43 -5.95
N TYR A 20 7.57 -0.46 -6.38
CA TYR A 20 7.71 -1.91 -6.32
C TYR A 20 7.18 -2.54 -7.62
N GLY A 21 7.62 -3.78 -7.87
CA GLY A 21 7.39 -4.50 -9.13
C GLY A 21 5.92 -4.79 -9.41
N GLU A 22 5.12 -5.07 -8.36
CA GLU A 22 3.76 -5.55 -8.46
C GLU A 22 2.88 -4.79 -7.48
N MET A 23 1.90 -4.07 -8.03
CA MET A 23 1.12 -3.04 -7.32
C MET A 23 -0.38 -3.12 -7.59
N ILE A 24 -1.16 -2.68 -6.60
CA ILE A 24 -2.60 -2.44 -6.69
C ILE A 24 -3.01 -1.20 -5.88
N GLY A 25 -4.02 -0.49 -6.38
CA GLY A 25 -4.45 0.81 -5.90
C GLY A 25 -5.92 0.83 -5.48
N CYS A 26 -6.18 1.58 -4.40
CA CYS A 26 -7.42 1.57 -3.62
C CYS A 26 -8.51 2.40 -4.29
N ASP A 27 -9.69 1.77 -4.47
CA ASP A 27 -10.87 2.32 -5.14
C ASP A 27 -11.56 3.45 -4.37
N ASN A 28 -11.06 3.82 -3.17
CA ASN A 28 -11.69 4.81 -2.32
C ASN A 28 -11.60 6.22 -2.94
N PRO A 29 -12.61 7.08 -2.73
CA PRO A 29 -12.51 8.51 -3.00
C PRO A 29 -11.81 9.25 -1.83
N ASP A 30 -11.29 8.53 -0.83
CA ASP A 30 -10.80 9.07 0.45
C ASP A 30 -9.44 8.52 0.91
N CYS A 31 -8.94 7.42 0.31
CA CYS A 31 -7.71 6.76 0.71
C CYS A 31 -6.51 7.69 0.50
N SER A 32 -5.66 7.73 1.53
CA SER A 32 -4.51 8.62 1.65
C SER A 32 -3.18 7.86 1.49
N ILE A 33 -3.26 6.58 1.11
CA ILE A 33 -2.13 5.72 0.78
C ILE A 33 -2.23 5.31 -0.70
N GLU A 34 -3.45 4.98 -1.16
CA GLU A 34 -3.96 4.70 -2.51
C GLU A 34 -3.17 3.75 -3.43
N TRP A 35 -1.96 3.30 -3.07
CA TRP A 35 -1.19 2.25 -3.72
C TRP A 35 -0.50 1.40 -2.67
N PHE A 36 -0.49 0.09 -2.93
CA PHE A 36 -0.08 -0.96 -1.99
C PHE A 36 0.56 -2.08 -2.79
N HIS A 37 1.46 -2.85 -2.15
CA HIS A 37 1.89 -4.11 -2.73
C HIS A 37 0.71 -5.08 -2.73
N PHE A 38 0.70 -6.00 -3.69
CA PHE A 38 -0.20 -7.15 -3.67
C PHE A 38 -0.03 -7.91 -2.36
N ALA A 39 1.21 -8.18 -1.95
CA ALA A 39 1.51 -8.88 -0.70
C ALA A 39 1.21 -8.04 0.55
N CYS A 40 1.00 -6.72 0.43
CA CYS A 40 0.57 -5.85 1.52
C CYS A 40 -0.88 -6.14 1.96
N VAL A 41 -1.67 -6.81 1.10
CA VAL A 41 -3.02 -7.30 1.37
C VAL A 41 -3.11 -8.83 1.29
N GLY A 42 -2.07 -9.45 0.74
CA GLY A 42 -1.92 -10.89 0.58
C GLY A 42 -2.39 -11.40 -0.79
N LEU A 43 -2.51 -10.52 -1.80
CA LEU A 43 -2.93 -10.92 -3.15
C LEU A 43 -1.82 -11.69 -3.87
N THR A 44 -2.26 -12.47 -4.87
CA THR A 44 -1.44 -13.32 -5.73
C THR A 44 -1.82 -13.10 -7.22
N THR A 45 -2.78 -12.20 -7.48
CA THR A 45 -3.28 -11.85 -8.81
C THR A 45 -3.73 -10.38 -8.83
N LYS A 46 -4.07 -9.87 -10.02
CA LYS A 46 -4.52 -8.50 -10.25
C LYS A 46 -6.02 -8.53 -10.63
N PRO A 47 -6.94 -8.36 -9.66
CA PRO A 47 -8.36 -8.15 -9.95
C PRO A 47 -8.59 -6.80 -10.63
N ARG A 48 -9.76 -6.65 -11.28
CA ARG A 48 -10.15 -5.45 -12.00
C ARG A 48 -11.65 -5.24 -11.85
N GLY A 49 -11.98 -3.99 -11.58
CA GLY A 49 -13.31 -3.44 -11.38
C GLY A 49 -13.28 -2.49 -10.19
N LYS A 50 -12.97 -3.03 -9.01
CA LYS A 50 -12.67 -2.30 -7.77
C LYS A 50 -12.09 -3.25 -6.72
N TRP A 51 -11.23 -2.68 -5.87
CA TRP A 51 -10.55 -3.34 -4.77
C TRP A 51 -10.39 -2.33 -3.62
N PHE A 52 -10.41 -2.85 -2.40
CA PHE A 52 -10.25 -2.07 -1.18
C PHE A 52 -9.18 -2.71 -0.29
N CYS A 53 -8.27 -1.85 0.15
CA CYS A 53 -7.05 -2.16 0.90
C CYS A 53 -7.33 -2.75 2.30
N PRO A 54 -6.29 -3.27 3.01
CA PRO A 54 -6.50 -4.01 4.24
C PRO A 54 -6.99 -3.15 5.42
N ARG A 55 -6.79 -1.82 5.35
CA ARG A 55 -7.26 -0.84 6.30
C ARG A 55 -8.68 -0.35 6.00
N CYS A 56 -9.33 -0.90 4.96
CA CYS A 56 -10.59 -0.42 4.40
C CYS A 56 -11.64 -1.52 4.17
N SER A 57 -11.23 -2.80 4.16
CA SER A 57 -12.13 -3.93 3.90
C SER A 57 -11.69 -5.21 4.60
N GLN A 58 -10.38 -5.45 4.75
CA GLN A 58 -9.87 -6.63 5.46
C GLN A 58 -10.13 -6.51 6.98
N GLU A 59 -10.28 -5.29 7.51
CA GLU A 59 -10.62 -5.01 8.91
C GLU A 59 -11.84 -5.79 9.41
N ARG A 60 -12.78 -6.14 8.51
CA ARG A 60 -13.97 -6.91 8.82
C ARG A 60 -13.58 -8.32 9.26
N LYS A 61 -14.17 -8.77 10.39
CA LYS A 61 -13.92 -10.03 11.10
C LYS A 61 -12.60 -10.02 11.89
N LYS A 62 -11.52 -9.40 11.38
CA LYS A 62 -10.23 -9.33 12.05
C LYS A 62 -9.40 -8.16 11.47
N LYS A 63 -8.75 -7.39 12.35
CA LYS A 63 -7.78 -6.35 11.98
C LYS A 63 -6.52 -6.96 11.34
N MET A 1 20.44 -1.56 9.65
CA MET A 1 19.47 -0.99 10.60
C MET A 1 19.53 0.54 10.48
N ASP A 2 18.78 1.06 9.51
CA ASP A 2 18.85 2.44 9.05
C ASP A 2 17.63 2.78 8.16
N MET A 3 17.64 3.98 7.58
CA MET A 3 16.72 4.43 6.54
C MET A 3 17.55 5.10 5.43
N PRO A 4 17.74 4.45 4.27
CA PRO A 4 18.64 4.92 3.21
C PRO A 4 18.00 6.02 2.32
N VAL A 5 16.90 6.64 2.77
CA VAL A 5 16.11 7.61 2.05
C VAL A 5 15.75 8.75 3.01
N ASP A 6 15.85 9.97 2.48
CA ASP A 6 15.55 11.23 3.16
C ASP A 6 14.04 11.37 3.45
N PRO A 7 13.66 12.23 4.42
CA PRO A 7 12.28 12.65 4.62
C PRO A 7 11.78 13.61 3.52
N ASN A 8 12.63 13.90 2.52
CA ASN A 8 12.40 14.82 1.41
C ASN A 8 12.23 14.02 0.09
N GLU A 9 11.61 12.84 0.19
CA GLU A 9 11.48 11.85 -0.89
C GLU A 9 10.07 11.24 -0.78
N PRO A 10 9.28 11.19 -1.87
CA PRO A 10 7.92 10.63 -1.84
C PRO A 10 7.92 9.11 -1.64
N THR A 11 6.79 8.60 -1.14
CA THR A 11 6.59 7.20 -0.78
C THR A 11 5.16 6.75 -1.11
N TYR A 12 4.90 5.47 -0.92
CA TYR A 12 3.65 4.80 -1.31
C TYR A 12 3.12 3.87 -0.21
N CYS A 13 3.65 2.64 -0.07
CA CYS A 13 3.17 1.65 0.90
C CYS A 13 3.17 2.17 2.34
N LEU A 14 2.47 1.46 3.21
CA LEU A 14 2.49 1.68 4.66
C LEU A 14 3.88 1.42 5.28
N CYS A 15 4.84 0.95 4.47
CA CYS A 15 6.25 0.84 4.78
C CYS A 15 6.99 2.18 4.71
N HIS A 16 6.42 3.15 3.97
CA HIS A 16 7.02 4.42 3.59
C HIS A 16 8.35 4.24 2.84
N GLN A 17 8.23 3.70 1.62
CA GLN A 17 9.31 3.57 0.65
C GLN A 17 8.92 4.11 -0.73
N VAL A 18 9.94 4.43 -1.54
CA VAL A 18 9.82 4.99 -2.90
C VAL A 18 9.23 3.96 -3.88
N SER A 19 9.11 4.33 -5.15
CA SER A 19 8.65 3.52 -6.29
C SER A 19 9.25 2.10 -6.32
N TYR A 20 8.47 1.17 -6.86
CA TYR A 20 8.68 -0.28 -6.77
C TYR A 20 8.05 -1.01 -7.96
N GLY A 21 8.39 -2.31 -8.10
CA GLY A 21 8.10 -3.12 -9.26
C GLY A 21 6.63 -3.52 -9.42
N GLU A 22 5.99 -4.04 -8.36
CA GLU A 22 4.67 -4.64 -8.42
C GLU A 22 3.74 -3.96 -7.41
N MET A 23 2.63 -3.40 -7.91
CA MET A 23 1.81 -2.48 -7.13
C MET A 23 0.31 -2.67 -7.33
N ILE A 24 -0.42 -2.41 -6.23
CA ILE A 24 -1.87 -2.33 -6.19
C ILE A 24 -2.29 -1.11 -5.36
N GLY A 25 -3.46 -0.54 -5.70
CA GLY A 25 -3.96 0.70 -5.15
C GLY A 25 -5.38 0.56 -4.61
N CYS A 26 -5.61 1.18 -3.44
CA CYS A 26 -6.80 1.01 -2.61
C CYS A 26 -7.99 1.75 -3.20
N ASP A 27 -9.06 0.99 -3.45
CA ASP A 27 -10.29 1.44 -4.09
C ASP A 27 -11.15 2.35 -3.19
N ASN A 28 -10.66 2.70 -1.99
CA ASN A 28 -11.36 3.54 -1.02
C ASN A 28 -11.48 4.99 -1.53
N PRO A 29 -12.55 5.71 -1.16
CA PRO A 29 -12.65 7.16 -1.34
C PRO A 29 -11.93 7.92 -0.19
N ASP A 30 -11.30 7.20 0.77
CA ASP A 30 -10.77 7.77 2.02
C ASP A 30 -9.36 7.26 2.41
N CYS A 31 -8.80 6.27 1.71
CA CYS A 31 -7.48 5.72 2.03
C CYS A 31 -6.39 6.77 1.87
N SER A 32 -5.52 6.81 2.87
CA SER A 32 -4.47 7.81 3.06
C SER A 32 -3.06 7.22 2.79
N ILE A 33 -3.02 5.99 2.26
CA ILE A 33 -1.81 5.31 1.81
C ILE A 33 -1.94 5.02 0.30
N GLU A 34 -3.14 4.59 -0.13
CA GLU A 34 -3.67 4.38 -1.49
C GLU A 34 -2.83 3.61 -2.54
N TRP A 35 -1.56 3.28 -2.27
CA TRP A 35 -0.71 2.39 -3.05
C TRP A 35 0.11 1.53 -2.10
N PHE A 36 0.18 0.25 -2.44
CA PHE A 36 0.71 -0.82 -1.61
C PHE A 36 1.45 -1.83 -2.49
N HIS A 37 2.39 -2.55 -1.87
CA HIS A 37 3.01 -3.70 -2.51
C HIS A 37 2.00 -4.85 -2.52
N PHE A 38 2.11 -5.69 -3.56
CA PHE A 38 1.41 -6.97 -3.58
C PHE A 38 1.71 -7.75 -2.31
N ALA A 39 2.98 -7.88 -1.96
CA ALA A 39 3.43 -8.63 -0.80
C ALA A 39 3.08 -7.96 0.54
N CYS A 40 2.71 -6.66 0.56
CA CYS A 40 2.22 -5.98 1.74
C CYS A 40 0.75 -6.32 2.07
N VAL A 41 0.09 -7.15 1.23
CA VAL A 41 -1.21 -7.76 1.48
C VAL A 41 -1.20 -9.28 1.27
N GLY A 42 -0.14 -9.79 0.63
CA GLY A 42 0.09 -11.20 0.35
C GLY A 42 -0.28 -11.62 -1.07
N LEU A 43 -0.45 -10.66 -2.00
CA LEU A 43 -0.76 -10.94 -3.40
C LEU A 43 0.47 -11.47 -4.16
N THR A 44 0.20 -12.08 -5.32
CA THR A 44 1.19 -12.69 -6.21
C THR A 44 0.92 -12.33 -7.68
N THR A 45 -0.34 -11.94 -8.01
CA THR A 45 -0.79 -11.58 -9.36
C THR A 45 -1.74 -10.39 -9.23
N LYS A 46 -1.67 -9.46 -10.19
CA LYS A 46 -2.49 -8.26 -10.21
C LYS A 46 -3.98 -8.60 -10.47
N PRO A 47 -4.91 -8.26 -9.56
CA PRO A 47 -6.35 -8.43 -9.77
C PRO A 47 -6.91 -7.30 -10.64
N ARG A 48 -8.25 -7.28 -10.81
CA ARG A 48 -8.98 -6.24 -11.51
C ARG A 48 -10.31 -6.01 -10.79
N GLY A 49 -10.63 -4.74 -10.57
CA GLY A 49 -11.81 -4.28 -9.84
C GLY A 49 -11.45 -3.77 -8.44
N LYS A 50 -12.50 -3.55 -7.63
CA LYS A 50 -12.42 -3.09 -6.24
C LYS A 50 -11.56 -4.05 -5.40
N TRP A 51 -10.54 -3.46 -4.79
CA TRP A 51 -9.67 -4.07 -3.79
C TRP A 51 -9.50 -3.09 -2.63
N PHE A 52 -9.63 -3.62 -1.41
CA PHE A 52 -9.47 -2.88 -0.16
C PHE A 52 -8.32 -3.50 0.62
N CYS A 53 -7.39 -2.63 1.02
CA CYS A 53 -6.11 -2.94 1.66
C CYS A 53 -6.25 -3.63 3.03
N PRO A 54 -5.15 -4.11 3.66
CA PRO A 54 -5.26 -4.96 4.84
C PRO A 54 -5.82 -4.28 6.08
N ARG A 55 -5.66 -2.96 6.20
CA ARG A 55 -6.24 -2.13 7.25
C ARG A 55 -7.70 -1.74 6.97
N CYS A 56 -8.31 -2.29 5.90
CA CYS A 56 -9.60 -1.89 5.37
C CYS A 56 -10.53 -3.06 5.04
N SER A 57 -10.02 -4.30 4.96
CA SER A 57 -10.82 -5.49 4.67
C SER A 57 -10.23 -6.77 5.27
N GLN A 58 -8.90 -6.85 5.39
CA GLN A 58 -8.21 -8.05 5.89
C GLN A 58 -8.11 -8.07 7.43
N GLU A 59 -8.39 -6.95 8.12
CA GLU A 59 -8.30 -6.84 9.58
C GLU A 59 -9.32 -7.78 10.23
N ARG A 60 -10.61 -7.56 9.95
CA ARG A 60 -11.77 -8.39 10.28
C ARG A 60 -11.72 -9.09 11.66
N LYS A 61 -11.26 -8.39 12.71
CA LYS A 61 -11.10 -8.96 14.06
C LYS A 61 -11.32 -7.93 15.18
N LYS A 62 -11.35 -6.63 14.87
CA LYS A 62 -11.54 -5.54 15.84
C LYS A 62 -12.30 -4.35 15.21
N LYS A 63 -13.22 -4.69 14.29
CA LYS A 63 -14.11 -3.78 13.55
C LYS A 63 -13.34 -2.66 12.83
N MET A 1 19.67 4.64 15.47
CA MET A 1 19.41 5.62 14.40
C MET A 1 19.99 5.11 13.09
N ASP A 2 19.10 4.61 12.22
CA ASP A 2 19.48 3.87 11.02
C ASP A 2 18.50 4.19 9.90
N MET A 3 19.01 4.82 8.83
CA MET A 3 18.29 5.06 7.58
C MET A 3 19.32 5.28 6.45
N PRO A 4 19.27 4.49 5.35
CA PRO A 4 20.19 4.60 4.22
C PRO A 4 19.78 5.69 3.21
N VAL A 5 18.78 6.53 3.55
CA VAL A 5 18.16 7.51 2.70
C VAL A 5 17.94 8.80 3.51
N ASP A 6 18.09 9.91 2.80
CA ASP A 6 17.85 11.28 3.27
C ASP A 6 16.36 11.53 3.56
N PRO A 7 16.03 12.57 4.37
CA PRO A 7 14.66 13.07 4.52
C PRO A 7 14.18 13.84 3.27
N ASN A 8 15.00 13.88 2.21
CA ASN A 8 14.76 14.58 0.95
C ASN A 8 14.52 13.57 -0.19
N GLU A 9 13.82 12.48 0.13
CA GLU A 9 13.62 11.31 -0.72
C GLU A 9 12.14 10.91 -0.62
N PRO A 10 11.35 10.98 -1.71
CA PRO A 10 9.93 10.61 -1.69
C PRO A 10 9.74 9.09 -1.55
N THR A 11 8.55 8.69 -1.11
CA THR A 11 8.20 7.32 -0.76
C THR A 11 6.76 7.01 -1.16
N TYR A 12 6.37 5.74 -1.00
CA TYR A 12 5.11 5.19 -1.48
C TYR A 12 4.39 4.30 -0.45
N CYS A 13 4.79 3.03 -0.27
CA CYS A 13 4.13 2.05 0.60
C CYS A 13 4.00 2.52 2.06
N LEU A 14 3.20 1.78 2.84
CA LEU A 14 3.11 1.92 4.29
C LEU A 14 4.46 1.67 5.00
N CYS A 15 5.44 1.15 4.24
CA CYS A 15 6.83 0.96 4.64
C CYS A 15 7.64 2.26 4.63
N HIS A 16 7.19 3.25 3.83
CA HIS A 16 7.87 4.48 3.50
C HIS A 16 9.26 4.23 2.91
N GLN A 17 9.26 3.67 1.69
CA GLN A 17 10.43 3.44 0.86
C GLN A 17 10.23 4.00 -0.56
N VAL A 18 11.35 4.16 -1.29
CA VAL A 18 11.41 4.73 -2.64
C VAL A 18 10.74 3.79 -3.69
N SER A 19 10.75 4.22 -4.96
CA SER A 19 10.23 3.52 -6.14
C SER A 19 10.64 2.04 -6.25
N TYR A 20 9.79 1.28 -6.93
CA TYR A 20 9.81 -0.18 -7.01
C TYR A 20 9.15 -0.67 -8.30
N GLY A 21 9.33 -1.96 -8.63
CA GLY A 21 8.98 -2.53 -9.93
C GLY A 21 7.50 -2.81 -10.13
N GLU A 22 6.78 -3.30 -9.11
CA GLU A 22 5.44 -3.84 -9.23
C GLU A 22 4.54 -3.27 -8.13
N MET A 23 3.49 -2.57 -8.57
CA MET A 23 2.72 -1.66 -7.71
C MET A 23 1.21 -1.67 -7.97
N ILE A 24 0.46 -1.37 -6.90
CA ILE A 24 -0.97 -1.05 -6.90
C ILE A 24 -1.28 -0.04 -5.79
N GLY A 25 -2.34 0.75 -5.98
CA GLY A 25 -2.65 1.91 -5.15
C GLY A 25 -4.11 1.93 -4.74
N CYS A 26 -4.37 2.43 -3.51
CA CYS A 26 -5.71 2.36 -2.93
C CYS A 26 -6.69 3.28 -3.65
N ASP A 27 -7.92 2.78 -3.75
CA ASP A 27 -9.04 3.37 -4.47
C ASP A 27 -9.72 4.53 -3.72
N ASN A 28 -9.38 4.77 -2.44
CA ASN A 28 -10.13 5.67 -1.58
C ASN A 28 -9.83 7.14 -1.88
N PRO A 29 -10.83 8.05 -1.74
CA PRO A 29 -10.64 9.49 -1.77
C PRO A 29 -10.03 10.03 -0.46
N ASP A 30 -9.59 9.14 0.43
CA ASP A 30 -9.17 9.42 1.81
C ASP A 30 -7.83 8.74 2.16
N CYS A 31 -7.32 7.86 1.28
CA CYS A 31 -6.00 7.28 1.41
C CYS A 31 -4.92 8.36 1.34
N SER A 32 -3.95 8.26 2.24
CA SER A 32 -2.85 9.20 2.45
C SER A 32 -1.48 8.53 2.27
N ILE A 33 -1.49 7.32 1.68
CA ILE A 33 -0.33 6.52 1.29
C ILE A 33 -0.34 6.29 -0.23
N GLU A 34 -1.55 6.19 -0.82
CA GLU A 34 -1.95 6.07 -2.23
C GLU A 34 -1.30 4.99 -3.11
N TRP A 35 -0.17 4.40 -2.70
CA TRP A 35 0.54 3.36 -3.42
C TRP A 35 1.11 2.34 -2.43
N PHE A 36 1.25 1.10 -2.92
CA PHE A 36 1.61 -0.07 -2.14
C PHE A 36 2.28 -1.10 -3.03
N HIS A 37 3.11 -1.95 -2.40
CA HIS A 37 3.66 -3.13 -3.06
C HIS A 37 2.58 -4.19 -3.12
N PHE A 38 2.63 -4.99 -4.19
CA PHE A 38 1.85 -6.22 -4.28
C PHE A 38 2.14 -7.11 -3.08
N ALA A 39 3.41 -7.33 -2.76
CA ALA A 39 3.83 -8.17 -1.66
C ALA A 39 3.52 -7.56 -0.28
N CYS A 40 3.22 -6.26 -0.18
CA CYS A 40 2.80 -5.63 1.07
C CYS A 40 1.34 -5.95 1.42
N VAL A 41 0.52 -6.40 0.46
CA VAL A 41 -0.81 -6.96 0.68
C VAL A 41 -0.82 -8.48 0.51
N GLY A 42 0.25 -9.02 -0.09
CA GLY A 42 0.46 -10.43 -0.37
C GLY A 42 -0.03 -10.86 -1.76
N LEU A 43 -0.17 -9.92 -2.72
CA LEU A 43 -0.59 -10.20 -4.07
C LEU A 43 0.53 -10.85 -4.89
N THR A 44 0.12 -11.55 -5.95
CA THR A 44 0.98 -12.25 -6.91
C THR A 44 0.63 -11.83 -8.35
N THR A 45 -0.48 -11.08 -8.53
CA THR A 45 -0.98 -10.56 -9.80
C THR A 45 -1.53 -9.13 -9.58
N LYS A 46 -1.99 -8.50 -10.65
CA LYS A 46 -2.58 -7.16 -10.63
C LYS A 46 -4.08 -7.27 -10.93
N PRO A 47 -4.98 -7.09 -9.93
CA PRO A 47 -6.42 -7.08 -10.12
C PRO A 47 -6.90 -5.81 -10.85
N ARG A 48 -8.21 -5.75 -11.14
CA ARG A 48 -8.83 -4.69 -11.92
C ARG A 48 -10.13 -4.28 -11.22
N GLY A 49 -10.30 -2.97 -11.09
CA GLY A 49 -11.39 -2.33 -10.37
C GLY A 49 -10.90 -1.71 -9.05
N LYS A 50 -11.86 -1.42 -8.16
CA LYS A 50 -11.61 -0.95 -6.80
C LYS A 50 -10.83 -2.01 -6.04
N TRP A 51 -9.72 -1.57 -5.46
CA TRP A 51 -8.80 -2.34 -4.64
C TRP A 51 -8.49 -1.56 -3.37
N PHE A 52 -8.24 -2.32 -2.31
CA PHE A 52 -8.04 -1.84 -0.95
C PHE A 52 -6.74 -2.41 -0.38
N CYS A 53 -5.93 -1.50 0.18
CA CYS A 53 -4.69 -1.84 0.87
C CYS A 53 -4.96 -2.64 2.15
N PRO A 54 -3.95 -3.26 2.79
CA PRO A 54 -4.20 -4.12 3.93
C PRO A 54 -4.71 -3.35 5.15
N ARG A 55 -4.19 -2.13 5.37
CA ARG A 55 -4.63 -1.22 6.43
C ARG A 55 -6.01 -0.59 6.16
N CYS A 56 -6.65 -0.94 5.04
CA CYS A 56 -7.91 -0.37 4.58
C CYS A 56 -9.05 -1.38 4.44
N SER A 57 -8.78 -2.70 4.47
CA SER A 57 -9.84 -3.71 4.43
C SER A 57 -9.45 -5.02 5.13
N GLN A 58 -8.19 -5.44 4.99
CA GLN A 58 -7.69 -6.69 5.58
C GLN A 58 -7.51 -6.57 7.11
N GLU A 59 -7.24 -5.36 7.63
CA GLU A 59 -6.93 -5.09 9.03
C GLU A 59 -8.18 -5.07 9.93
N ARG A 60 -9.37 -5.34 9.36
CA ARG A 60 -10.65 -5.37 10.08
C ARG A 60 -10.61 -6.29 11.31
N LYS A 61 -10.02 -7.48 11.16
CA LYS A 61 -9.66 -8.46 12.21
C LYS A 61 -10.57 -8.42 13.45
N LYS A 62 -11.88 -8.71 13.24
CA LYS A 62 -12.95 -8.61 14.24
C LYS A 62 -13.03 -7.21 14.86
N LYS A 63 -13.55 -6.25 14.06
CA LYS A 63 -13.75 -4.83 14.37
C LYS A 63 -12.46 -4.09 14.76
N MET A 1 25.82 4.64 11.51
CA MET A 1 24.69 5.45 10.99
C MET A 1 25.02 5.90 9.58
N ASP A 2 24.29 5.35 8.60
CA ASP A 2 24.61 5.48 7.18
C ASP A 2 23.31 5.57 6.38
N MET A 3 23.23 6.59 5.51
CA MET A 3 22.10 6.85 4.60
C MET A 3 22.62 7.64 3.39
N PRO A 4 22.75 7.02 2.20
CA PRO A 4 23.20 7.67 0.97
C PRO A 4 22.09 8.49 0.28
N VAL A 5 20.99 8.77 1.00
CA VAL A 5 19.78 9.41 0.55
C VAL A 5 19.34 10.43 1.61
N ASP A 6 18.73 11.51 1.13
CA ASP A 6 18.16 12.58 1.95
C ASP A 6 16.88 12.12 2.68
N PRO A 7 16.51 12.78 3.80
CA PRO A 7 15.20 12.60 4.43
C PRO A 7 14.06 13.24 3.62
N ASN A 8 14.39 13.87 2.48
CA ASN A 8 13.50 14.56 1.56
C ASN A 8 13.28 13.69 0.31
N GLU A 9 12.77 12.48 0.52
CA GLU A 9 12.67 11.42 -0.48
C GLU A 9 11.28 10.78 -0.37
N PRO A 10 10.55 10.57 -1.50
CA PRO A 10 9.16 10.16 -1.48
C PRO A 10 8.96 8.67 -1.15
N THR A 11 7.71 8.30 -0.87
CA THR A 11 7.25 6.96 -0.56
C THR A 11 5.88 6.73 -1.23
N TYR A 12 5.39 5.50 -1.11
CA TYR A 12 4.07 5.10 -1.61
C TYR A 12 3.32 4.26 -0.58
N CYS A 13 3.79 3.03 -0.32
CA CYS A 13 3.30 2.05 0.64
C CYS A 13 3.20 2.58 2.06
N LEU A 14 2.45 1.84 2.89
CA LEU A 14 2.45 2.04 4.34
C LEU A 14 3.70 1.45 4.99
N CYS A 15 4.59 0.82 4.21
CA CYS A 15 5.92 0.42 4.64
C CYS A 15 6.84 1.65 4.71
N HIS A 16 6.56 2.65 3.87
CA HIS A 16 7.12 4.00 3.86
C HIS A 16 8.57 4.05 3.41
N GLN A 17 8.80 3.49 2.22
CA GLN A 17 10.03 3.64 1.46
C GLN A 17 9.69 3.86 -0.03
N VAL A 18 10.71 4.17 -0.84
CA VAL A 18 10.58 4.52 -2.26
C VAL A 18 9.99 3.34 -3.09
N SER A 19 9.71 3.61 -4.38
CA SER A 19 9.05 2.72 -5.33
C SER A 19 9.62 1.30 -5.40
N TYR A 20 8.79 0.37 -5.89
CA TYR A 20 8.99 -1.07 -5.87
C TYR A 20 8.54 -1.71 -7.18
N GLY A 21 9.03 -2.93 -7.42
CA GLY A 21 8.87 -3.65 -8.68
C GLY A 21 7.42 -3.99 -9.02
N GLU A 22 6.60 -4.32 -8.01
CA GLU A 22 5.27 -4.85 -8.17
C GLU A 22 4.31 -4.12 -7.22
N MET A 23 3.32 -3.45 -7.81
CA MET A 23 2.49 -2.47 -7.12
C MET A 23 0.99 -2.63 -7.40
N ILE A 24 0.16 -2.25 -6.42
CA ILE A 24 -1.29 -2.11 -6.52
C ILE A 24 -1.77 -0.87 -5.76
N GLY A 25 -2.81 -0.23 -6.29
CA GLY A 25 -3.29 1.07 -5.85
C GLY A 25 -4.77 1.05 -5.48
N CYS A 26 -5.09 1.77 -4.40
CA CYS A 26 -6.36 1.73 -3.67
C CYS A 26 -7.44 2.53 -4.38
N ASP A 27 -8.56 1.86 -4.67
CA ASP A 27 -9.72 2.37 -5.39
C ASP A 27 -10.52 3.42 -4.61
N ASN A 28 -10.15 3.71 -3.36
CA ASN A 28 -10.89 4.61 -2.48
C ASN A 28 -10.95 6.04 -3.03
N PRO A 29 -12.03 6.78 -2.75
CA PRO A 29 -12.11 8.22 -3.00
C PRO A 29 -11.41 9.03 -1.86
N ASP A 30 -10.74 8.35 -0.91
CA ASP A 30 -10.27 8.96 0.35
C ASP A 30 -8.93 8.38 0.88
N CYS A 31 -8.39 7.29 0.31
CA CYS A 31 -7.14 6.70 0.74
C CYS A 31 -5.98 7.68 0.60
N SER A 32 -5.18 7.73 1.66
CA SER A 32 -4.08 8.69 1.85
C SER A 32 -2.71 8.00 1.72
N ILE A 33 -2.71 6.73 1.30
CA ILE A 33 -1.51 5.94 1.01
C ILE A 33 -1.51 5.57 -0.48
N GLU A 34 -2.70 5.20 -1.01
CA GLU A 34 -3.12 4.95 -2.40
C GLU A 34 -2.24 4.05 -3.31
N TRP A 35 -1.03 3.66 -2.91
CA TRP A 35 -0.18 2.67 -3.54
C TRP A 35 0.51 1.83 -2.46
N PHE A 36 0.59 0.53 -2.75
CA PHE A 36 1.00 -0.52 -1.82
C PHE A 36 1.74 -1.60 -2.60
N HIS A 37 2.60 -2.36 -1.92
CA HIS A 37 3.11 -3.60 -2.51
C HIS A 37 1.95 -4.60 -2.59
N PHE A 38 2.01 -5.50 -3.58
CA PHE A 38 1.15 -6.68 -3.62
C PHE A 38 1.29 -7.46 -2.31
N ALA A 39 2.52 -7.71 -1.86
CA ALA A 39 2.79 -8.41 -0.62
C ALA A 39 2.39 -7.64 0.64
N CYS A 40 2.14 -6.31 0.54
CA CYS A 40 1.64 -5.50 1.65
C CYS A 40 0.19 -5.86 2.03
N VAL A 41 -0.59 -6.41 1.07
CA VAL A 41 -1.92 -6.98 1.28
C VAL A 41 -1.91 -8.52 1.23
N GLY A 42 -0.82 -9.08 0.69
CA GLY A 42 -0.57 -10.51 0.55
C GLY A 42 -0.92 -11.05 -0.84
N LEU A 43 -1.06 -10.20 -1.87
CA LEU A 43 -1.37 -10.62 -3.23
C LEU A 43 -0.15 -11.28 -3.89
N THR A 44 -0.45 -12.09 -4.92
CA THR A 44 0.49 -12.84 -5.74
C THR A 44 0.17 -12.73 -7.24
N THR A 45 -0.92 -12.01 -7.58
CA THR A 45 -1.37 -11.69 -8.92
C THR A 45 -1.94 -10.27 -8.94
N LYS A 46 -2.07 -9.68 -10.14
CA LYS A 46 -2.64 -8.35 -10.34
C LYS A 46 -4.11 -8.48 -10.76
N PRO A 47 -5.06 -8.01 -9.94
CA PRO A 47 -6.49 -7.99 -10.27
C PRO A 47 -6.83 -6.82 -11.21
N ARG A 48 -8.12 -6.73 -11.59
CA ARG A 48 -8.70 -5.59 -12.29
C ARG A 48 -10.08 -5.35 -11.69
N GLY A 49 -10.36 -4.07 -11.44
CA GLY A 49 -11.58 -3.58 -10.82
C GLY A 49 -11.27 -2.88 -9.49
N LYS A 50 -12.34 -2.65 -8.71
CA LYS A 50 -12.29 -2.06 -7.39
C LYS A 50 -11.55 -3.00 -6.43
N TRP A 51 -10.47 -2.49 -5.86
CA TRP A 51 -9.66 -3.12 -4.82
C TRP A 51 -9.46 -2.14 -3.68
N PHE A 52 -9.59 -2.66 -2.45
CA PHE A 52 -9.48 -1.91 -1.21
C PHE A 52 -8.44 -2.58 -0.32
N CYS A 53 -7.47 -1.75 0.07
CA CYS A 53 -6.24 -2.08 0.80
C CYS A 53 -6.47 -2.76 2.17
N PRO A 54 -5.42 -3.27 2.84
CA PRO A 54 -5.60 -4.11 4.02
C PRO A 54 -6.17 -3.36 5.23
N ARG A 55 -6.01 -2.03 5.30
CA ARG A 55 -6.59 -1.17 6.33
C ARG A 55 -7.96 -0.59 5.91
N CYS A 56 -8.56 -1.12 4.84
CA CYS A 56 -9.81 -0.68 4.26
C CYS A 56 -10.79 -1.81 3.98
N SER A 57 -10.33 -3.07 4.01
CA SER A 57 -11.18 -4.25 3.79
C SER A 57 -10.66 -5.47 4.56
N GLN A 58 -9.34 -5.67 4.61
CA GLN A 58 -8.75 -6.86 5.24
C GLN A 58 -8.73 -6.81 6.78
N GLU A 59 -8.97 -5.62 7.38
CA GLU A 59 -9.15 -5.46 8.83
C GLU A 59 -10.42 -6.14 9.34
N ARG A 60 -11.33 -6.57 8.45
CA ARG A 60 -12.52 -7.37 8.76
C ARG A 60 -12.12 -8.82 9.05
N LYS A 61 -11.58 -9.05 10.25
CA LYS A 61 -11.16 -10.37 10.74
C LYS A 61 -11.26 -10.44 12.27
N LYS A 62 -10.93 -9.34 12.98
CA LYS A 62 -11.07 -9.24 14.42
C LYS A 62 -12.54 -9.02 14.79
N LYS A 63 -13.13 -9.98 15.50
CA LYS A 63 -14.53 -10.08 15.89
C LYS A 63 -15.48 -9.74 14.72
N MET A 1 21.98 4.05 14.90
CA MET A 1 21.75 3.87 13.47
C MET A 1 21.38 5.21 12.83
N ASP A 2 22.16 5.61 11.83
CA ASP A 2 22.05 6.89 11.14
C ASP A 2 22.65 6.79 9.73
N MET A 3 22.36 7.80 8.89
CA MET A 3 22.76 7.84 7.48
C MET A 3 22.88 9.29 7.00
N PRO A 4 23.70 9.58 5.97
CA PRO A 4 23.94 10.92 5.42
C PRO A 4 22.82 11.39 4.46
N VAL A 5 21.57 10.96 4.69
CA VAL A 5 20.41 11.30 3.87
C VAL A 5 19.18 11.47 4.77
N ASP A 6 18.39 12.47 4.42
CA ASP A 6 17.18 12.90 5.13
C ASP A 6 16.02 11.89 4.95
N PRO A 7 15.03 11.90 5.87
CA PRO A 7 13.77 11.17 5.70
C PRO A 7 12.83 11.80 4.65
N ASN A 8 13.25 12.91 4.02
CA ASN A 8 12.56 13.64 2.95
C ASN A 8 12.60 12.82 1.65
N GLU A 9 11.72 11.82 1.54
CA GLU A 9 11.71 10.80 0.50
C GLU A 9 10.26 10.32 0.29
N PRO A 10 9.79 10.13 -0.97
CA PRO A 10 8.42 9.72 -1.24
C PRO A 10 8.18 8.25 -0.90
N THR A 11 6.92 7.91 -0.61
CA THR A 11 6.44 6.59 -0.22
C THR A 11 5.04 6.35 -0.80
N TYR A 12 4.52 5.14 -0.63
CA TYR A 12 3.24 4.70 -1.16
C TYR A 12 2.41 3.92 -0.15
N CYS A 13 2.79 2.67 0.15
CA CYS A 13 2.25 1.74 1.13
C CYS A 13 2.09 2.31 2.54
N LEU A 14 1.29 1.61 3.35
CA LEU A 14 1.24 1.84 4.80
C LEU A 14 2.52 1.38 5.51
N CYS A 15 3.43 0.72 4.78
CA CYS A 15 4.76 0.36 5.24
C CYS A 15 5.69 1.57 5.22
N HIS A 16 5.45 2.49 4.29
CA HIS A 16 6.03 3.82 4.16
C HIS A 16 7.51 3.80 3.79
N GLN A 17 7.78 3.17 2.64
CA GLN A 17 9.03 3.23 1.91
C GLN A 17 8.74 3.40 0.41
N VAL A 18 9.80 3.65 -0.37
CA VAL A 18 9.73 3.94 -1.81
C VAL A 18 9.19 2.75 -2.62
N SER A 19 9.01 2.95 -3.94
CA SER A 19 8.39 2.05 -4.91
C SER A 19 8.85 0.58 -4.83
N TYR A 20 7.96 -0.30 -5.30
CA TYR A 20 8.08 -1.76 -5.23
C TYR A 20 7.54 -2.39 -6.51
N GLY A 21 7.98 -3.63 -6.77
CA GLY A 21 7.77 -4.33 -8.05
C GLY A 21 6.30 -4.58 -8.37
N GLU A 22 5.47 -4.88 -7.36
CA GLU A 22 4.11 -5.34 -7.52
C GLU A 22 3.20 -4.60 -6.54
N MET A 23 2.24 -3.86 -7.10
CA MET A 23 1.44 -2.87 -6.37
C MET A 23 -0.05 -2.93 -6.71
N ILE A 24 -0.88 -2.55 -5.72
CA ILE A 24 -2.31 -2.30 -5.83
C ILE A 24 -2.73 -1.19 -4.87
N GLY A 25 -3.76 -0.44 -5.24
CA GLY A 25 -4.16 0.80 -4.56
C GLY A 25 -5.66 0.88 -4.31
N CYS A 26 -6.02 1.52 -3.19
CA CYS A 26 -7.42 1.55 -2.75
C CYS A 26 -8.27 2.43 -3.67
N ASP A 27 -9.50 1.96 -3.85
CA ASP A 27 -10.49 2.53 -4.77
C ASP A 27 -11.28 3.71 -4.16
N ASN A 28 -11.08 4.01 -2.88
CA ASN A 28 -11.94 4.95 -2.15
C ASN A 28 -11.68 6.41 -2.56
N PRO A 29 -12.71 7.27 -2.55
CA PRO A 29 -12.56 8.73 -2.70
C PRO A 29 -12.03 9.41 -1.42
N ASP A 30 -11.61 8.61 -0.42
CA ASP A 30 -11.26 9.04 0.93
C ASP A 30 -9.94 8.40 1.43
N CYS A 31 -9.35 7.46 0.67
CA CYS A 31 -8.05 6.89 0.96
C CYS A 31 -6.97 7.99 0.88
N SER A 32 -6.08 7.95 1.86
CA SER A 32 -5.01 8.93 2.07
C SER A 32 -3.62 8.26 1.99
N ILE A 33 -3.57 7.01 1.50
CA ILE A 33 -2.37 6.21 1.28
C ILE A 33 -2.28 5.80 -0.20
N GLU A 34 -3.45 5.60 -0.85
CA GLU A 34 -3.71 5.26 -2.27
C GLU A 34 -2.98 4.08 -2.90
N TRP A 35 -1.94 3.51 -2.27
CA TRP A 35 -1.17 2.38 -2.75
C TRP A 35 -0.71 1.49 -1.61
N PHE A 36 -0.45 0.22 -1.93
CA PHE A 36 -0.09 -0.87 -1.02
C PHE A 36 0.63 -1.97 -1.80
N HIS A 37 1.46 -2.77 -1.11
CA HIS A 37 1.96 -4.01 -1.69
C HIS A 37 0.81 -5.02 -1.77
N PHE A 38 0.88 -5.92 -2.76
CA PHE A 38 0.04 -7.11 -2.80
C PHE A 38 0.19 -7.90 -1.50
N ALA A 39 1.43 -8.12 -1.05
CA ALA A 39 1.71 -8.81 0.20
C ALA A 39 1.26 -8.04 1.45
N CYS A 40 0.94 -6.74 1.34
CA CYS A 40 0.39 -5.97 2.45
C CYS A 40 -1.02 -6.44 2.84
N VAL A 41 -1.80 -6.94 1.87
CA VAL A 41 -3.09 -7.60 2.06
C VAL A 41 -2.98 -9.13 1.97
N GLY A 42 -1.85 -9.61 1.46
CA GLY A 42 -1.53 -11.02 1.27
C GLY A 42 -1.96 -11.56 -0.11
N LEU A 43 -2.13 -10.68 -1.11
CA LEU A 43 -2.53 -11.08 -2.46
C LEU A 43 -1.43 -11.86 -3.18
N THR A 44 -1.85 -12.64 -4.17
CA THR A 44 -1.01 -13.51 -5.00
C THR A 44 -1.24 -13.27 -6.50
N THR A 45 -2.17 -12.36 -6.85
CA THR A 45 -2.52 -11.96 -8.21
C THR A 45 -3.06 -10.52 -8.20
N LYS A 46 -3.23 -9.94 -9.40
CA LYS A 46 -3.82 -8.62 -9.58
C LYS A 46 -5.31 -8.78 -9.94
N PRO A 47 -6.25 -8.40 -9.06
CA PRO A 47 -7.69 -8.40 -9.34
C PRO A 47 -8.08 -7.28 -10.31
N ARG A 48 -9.38 -7.13 -10.58
CA ARG A 48 -9.93 -6.19 -11.54
C ARG A 48 -11.25 -5.64 -10.98
N GLY A 49 -11.40 -4.32 -11.10
CA GLY A 49 -12.46 -3.54 -10.49
C GLY A 49 -12.03 -2.96 -9.13
N LYS A 50 -12.99 -2.35 -8.42
CA LYS A 50 -12.81 -1.81 -7.08
C LYS A 50 -12.28 -2.86 -6.11
N TRP A 51 -11.30 -2.41 -5.33
CA TRP A 51 -10.56 -3.15 -4.34
C TRP A 51 -10.34 -2.28 -3.11
N PHE A 52 -10.20 -2.94 -1.96
CA PHE A 52 -10.12 -2.33 -0.64
C PHE A 52 -8.90 -2.85 0.10
N CYS A 53 -8.14 -1.90 0.66
CA CYS A 53 -6.88 -2.14 1.37
C CYS A 53 -7.08 -2.92 2.68
N PRO A 54 -6.00 -3.41 3.33
CA PRO A 54 -6.10 -4.31 4.47
C PRO A 54 -6.50 -3.62 5.79
N ARG A 55 -6.73 -2.30 5.77
CA ARG A 55 -7.34 -1.55 6.86
C ARG A 55 -8.51 -0.70 6.34
N CYS A 56 -9.09 -1.12 5.21
CA CYS A 56 -10.30 -0.59 4.61
C CYS A 56 -11.36 -1.69 4.40
N SER A 57 -11.00 -2.99 4.44
CA SER A 57 -11.98 -4.07 4.40
C SER A 57 -11.52 -5.34 5.12
N GLN A 58 -10.21 -5.63 5.14
CA GLN A 58 -9.69 -6.83 5.82
C GLN A 58 -9.78 -6.72 7.35
N GLU A 59 -9.94 -5.51 7.90
CA GLU A 59 -10.20 -5.27 9.32
C GLU A 59 -11.61 -5.69 9.76
N ARG A 60 -12.49 -6.11 8.85
CA ARG A 60 -13.78 -6.75 9.17
C ARG A 60 -13.61 -8.04 9.98
N LYS A 61 -12.42 -8.68 9.92
CA LYS A 61 -12.11 -9.91 10.62
C LYS A 61 -11.05 -9.60 11.68
N LYS A 62 -9.77 -9.53 11.27
CA LYS A 62 -8.63 -9.10 12.09
C LYS A 62 -7.43 -8.91 11.15
N LYS A 63 -6.60 -7.90 11.43
CA LYS A 63 -5.41 -7.59 10.62
C LYS A 63 -4.32 -6.97 11.48
#